data_8BTG
#
_entry.id   8BTG
#
_cell.length_a   1.00
_cell.length_b   1.00
_cell.length_c   1.00
_cell.angle_alpha   90.00
_cell.angle_beta   90.00
_cell.angle_gamma   90.00
#
_symmetry.space_group_name_H-M   'P 1'
#
loop_
_entity.id
_entity.type
_entity.pdbx_description
1 polymer 'Chromosomal replication initiator protein DnaA'
2 polymer "DNA (5'-D(P*AP*CP*TP*TP*AP*TP*CP*CP*AP*CP*AP*AP*AP*TP*CP*CP*AP*CP*AP*GP*GP*CP*CP*C)-3')"
3 polymer 'DNA (41-MER)'
4 non-polymer 'MAGNESIUM ION'
5 non-polymer "ADENOSINE-5'-TRIPHOSPHATE"
#
loop_
_entity_poly.entity_id
_entity_poly.type
_entity_poly.pdbx_seq_one_letter_code
_entity_poly.pdbx_strand_id
1 'polypeptide(L)'
;MENILDLWNQALAQIEKKLSKPSFETWMKSTKAHSLQGDTLTITAPNEFARDWLESRYLHLIADTIYELTGEELSIKFVI
PQNQDVEDFMPKPQVKKAVKEDTSDFPQNMLNPKYTFDTFVIGSGNRFAHAASLAVAEAPAKAYNPLFIYGGVGLGKTHL
MHAIGHYVIDHNPSAKVVYLSSEKFTNEFINSIRDNKAVDFRNRYRNVDVLLIDDIQFLAGKEQTQEEFFHTFNTLHEES
KQIVISSDRPPKEIPTLEDRLRSRFEWGLITDITPPDLETRIAILRKKAKAEGLDIPNEVMLYIANQIDSNIRELEGALI
RVVAYSSLINKDINADLAAEALKDIIPSSKPKVITIKEIQRVVGQQFNIKLEDFKAKKRTKSVAFPRQIAMYLSREMTDS
SLPKIGEEFGGRDHTTVIHAHEKISKLLADDEQLQQHVKEIKEQLK
;
A,B,C,D,E,F,G
2 'polydeoxyribonucleotide'
;(DA)(DC)(DT)(DT)(DA)(DT)(DC)(DC)(DA)(DC)(DA)(DA)(DA)(DT)(DC)(DC)(DA)(DC)(DA)(DG)
(DG)(DC)(DC)(DC)
;
X
3 'polydeoxyribonucleotide'
;(DT)(DA)(DG)(DT)(DA)(DG)(DA)(DA)(DG)(DT)(DA)(DA)(DT)(DA)(DG)(DT)(DA)(DG)(DG)(DG)
(DC)(DC)(DT)(DG)(DT)(DG)(DG)(DA)(DT)(DT)(DT)(DG)(DT)(DG)(DG)(DA)(DT)(DA)(DA)(DG)
(DT)
;
Y
#
loop_
_chem_comp.id
_chem_comp.type
_chem_comp.name
_chem_comp.formula
ATP non-polymer ADENOSINE-5'-TRIPHOSPHATE 'C10 H16 N5 O13 P3'
DA DNA linking 2'-DEOXYADENOSINE-5'-MONOPHOSPHATE 'C10 H14 N5 O6 P'
DC DNA linking 2'-DEOXYCYTIDINE-5'-MONOPHOSPHATE 'C9 H14 N3 O7 P'
DG DNA linking 2'-DEOXYGUANOSINE-5'-MONOPHOSPHATE 'C10 H14 N5 O7 P'
DT DNA linking THYMIDINE-5'-MONOPHOSPHATE 'C10 H15 N2 O8 P'
MG non-polymer 'MAGNESIUM ION' 'Mg 2'
#
# COMPACT_ATOMS: atom_id res chain seq x y z
N ASN A 109 2.27 33.92 25.23
CA ASN A 109 1.62 33.32 24.07
C ASN A 109 1.69 34.24 22.85
N MET A 110 0.66 34.16 22.00
CA MET A 110 0.57 35.02 20.84
C MET A 110 -0.18 36.32 21.13
N LEU A 111 -0.75 36.48 22.32
CA LEU A 111 -1.51 37.67 22.68
C LEU A 111 -0.63 38.66 23.43
N ASN A 112 -0.65 39.90 22.99
CA ASN A 112 0.10 40.96 23.67
C ASN A 112 -0.61 41.34 24.95
N PRO A 113 0.05 41.27 26.11
CA PRO A 113 -0.62 41.63 27.37
C PRO A 113 -0.76 43.13 27.59
N LYS A 114 -0.13 43.95 26.75
CA LYS A 114 -0.29 45.40 26.88
C LYS A 114 -1.73 45.81 26.59
N TYR A 115 -2.37 45.18 25.62
CA TYR A 115 -3.77 45.46 25.29
C TYR A 115 -4.67 44.59 26.16
N THR A 116 -5.53 45.23 26.93
CA THR A 116 -6.51 44.54 27.76
C THR A 116 -7.68 45.50 27.95
N PHE A 117 -8.83 44.94 28.34
CA PHE A 117 -10.03 45.75 28.48
C PHE A 117 -9.87 46.87 29.49
N ASP A 118 -8.94 46.74 30.44
CA ASP A 118 -8.75 47.78 31.45
C ASP A 118 -8.11 49.03 30.85
N THR A 119 -7.06 48.86 30.04
CA THR A 119 -6.32 50.00 29.52
C THR A 119 -7.00 50.68 28.34
N PHE A 120 -8.05 50.09 27.79
CA PHE A 120 -8.83 50.77 26.78
C PHE A 120 -9.87 51.67 27.44
N VAL A 121 -10.05 52.86 26.88
CA VAL A 121 -10.94 53.86 27.44
C VAL A 121 -12.03 54.16 26.41
N ILE A 122 -13.22 54.48 26.91
CA ILE A 122 -14.38 54.75 26.05
C ILE A 122 -14.17 56.12 25.42
N GLY A 123 -13.68 56.14 24.19
CA GLY A 123 -13.49 57.38 23.46
C GLY A 123 -14.77 57.85 22.78
N SER A 124 -14.67 59.02 22.14
CA SER A 124 -15.82 59.55 21.42
C SER A 124 -16.05 58.80 20.10
N GLY A 125 -14.98 58.49 19.38
CA GLY A 125 -15.08 57.83 18.09
C GLY A 125 -15.01 56.32 18.11
N ASN A 126 -14.99 55.70 19.29
CA ASN A 126 -14.89 54.24 19.36
C ASN A 126 -15.78 53.64 20.43
N ARG A 127 -16.74 54.40 20.96
CA ARG A 127 -17.62 53.87 21.99
C ARG A 127 -18.49 52.73 21.44
N PHE A 128 -18.93 52.85 20.18
CA PHE A 128 -19.75 51.81 19.58
C PHE A 128 -19.00 50.49 19.47
N ALA A 129 -17.78 50.54 18.93
CA ALA A 129 -16.98 49.33 18.82
C ALA A 129 -16.62 48.78 20.19
N HIS A 130 -16.33 49.65 21.15
CA HIS A 130 -16.02 49.18 22.50
C HIS A 130 -17.19 48.43 23.10
N ALA A 131 -18.41 48.99 22.97
CA ALA A 131 -19.58 48.34 23.53
C ALA A 131 -19.86 47.01 22.84
N ALA A 132 -19.77 46.98 21.50
CA ALA A 132 -20.03 45.73 20.78
C ALA A 132 -19.01 44.66 21.15
N SER A 133 -17.73 45.02 21.21
CA SER A 133 -16.70 44.07 21.59
C SER A 133 -16.88 43.59 23.01
N LEU A 134 -17.28 44.48 23.92
CA LEU A 134 -17.50 44.07 25.31
C LEU A 134 -18.67 43.11 25.40
N ALA A 135 -19.74 43.36 24.65
CA ALA A 135 -20.87 42.43 24.63
C ALA A 135 -20.45 41.08 24.07
N VAL A 136 -19.64 41.08 23.02
CA VAL A 136 -19.14 39.83 22.45
C VAL A 136 -18.33 39.07 23.49
N ALA A 137 -17.45 39.77 24.20
CA ALA A 137 -16.61 39.13 25.21
C ALA A 137 -17.44 38.55 26.35
N GLU A 138 -18.47 39.29 26.79
CA GLU A 138 -19.33 38.78 27.85
C GLU A 138 -20.12 37.56 27.40
N ALA A 139 -20.61 37.56 26.17
CA ALA A 139 -21.41 36.46 25.64
C ALA A 139 -20.85 36.01 24.29
N PRO A 140 -19.81 35.19 24.29
CA PRO A 140 -19.28 34.68 23.02
C PRO A 140 -20.31 33.81 22.29
N ALA A 141 -20.34 33.95 20.97
CA ALA A 141 -21.19 33.15 20.09
C ALA A 141 -22.68 33.31 20.38
N LYS A 142 -23.07 34.37 21.08
CA LYS A 142 -24.47 34.53 21.46
C LYS A 142 -25.01 35.91 21.11
N ALA A 143 -24.16 36.94 21.17
CA ALA A 143 -24.65 38.30 21.00
C ALA A 143 -24.53 38.80 19.55
N TYR A 144 -23.30 38.85 19.04
CA TYR A 144 -23.01 39.45 17.74
C TYR A 144 -22.04 38.55 16.99
N ASN A 145 -22.39 37.24 16.92
CA ASN A 145 -21.41 36.20 16.59
C ASN A 145 -20.43 36.61 15.49
N PRO A 146 -20.85 36.96 14.27
CA PRO A 146 -19.87 37.53 13.34
C PRO A 146 -19.63 39.00 13.64
N LEU A 147 -18.48 39.32 14.21
CA LEU A 147 -18.12 40.70 14.55
C LEU A 147 -17.16 41.22 13.49
N PHE A 148 -17.36 42.46 13.06
CA PHE A 148 -16.57 43.04 11.97
C PHE A 148 -16.20 44.46 12.36
N ILE A 149 -14.92 44.67 12.70
CA ILE A 149 -14.42 45.98 13.07
C ILE A 149 -13.59 46.53 11.90
N TYR A 150 -14.09 47.59 11.26
CA TYR A 150 -13.36 48.25 10.20
C TYR A 150 -12.98 49.65 10.64
N GLY A 151 -11.75 50.04 10.35
CA GLY A 151 -11.28 51.36 10.72
C GLY A 151 -9.89 51.62 10.19
N GLY A 152 -9.42 52.83 10.44
CA GLY A 152 -8.10 53.23 10.03
C GLY A 152 -7.02 52.55 10.85
N VAL A 153 -5.79 52.65 10.35
CA VAL A 153 -4.65 52.01 11.01
C VAL A 153 -4.34 52.72 12.32
N GLY A 154 -3.89 51.94 13.30
CA GLY A 154 -3.46 52.49 14.57
C GLY A 154 -4.56 53.20 15.34
N LEU A 155 -5.73 52.58 15.45
CA LEU A 155 -6.86 53.22 16.11
C LEU A 155 -7.50 52.38 17.20
N GLY A 156 -7.11 51.13 17.40
CA GLY A 156 -7.64 50.36 18.51
C GLY A 156 -8.25 49.03 18.15
N LYS A 157 -8.20 48.66 16.87
CA LYS A 157 -8.80 47.40 16.44
C LYS A 157 -8.04 46.20 17.02
N THR A 158 -6.73 46.17 16.87
CA THR A 158 -5.92 45.09 17.43
C THR A 158 -6.02 45.08 18.94
N HIS A 159 -6.04 46.27 19.56
CA HIS A 159 -6.21 46.36 21.01
C HIS A 159 -7.51 45.69 21.44
N LEU A 160 -8.61 46.00 20.75
CA LEU A 160 -9.89 45.43 21.12
C LEU A 160 -9.91 43.92 20.91
N MET A 161 -9.32 43.44 19.82
CA MET A 161 -9.29 42.00 19.57
C MET A 161 -8.49 41.28 20.65
N HIS A 162 -7.33 41.82 21.02
CA HIS A 162 -6.53 41.23 22.08
C HIS A 162 -7.29 41.28 23.41
N ALA A 163 -8.02 42.36 23.67
CA ALA A 163 -8.81 42.46 24.89
C ALA A 163 -9.90 41.40 24.92
N ILE A 164 -10.56 41.16 23.79
CA ILE A 164 -11.58 40.13 23.73
C ILE A 164 -10.97 38.76 24.03
N GLY A 165 -9.82 38.48 23.42
CA GLY A 165 -9.15 37.22 23.69
C GLY A 165 -8.78 37.06 25.16
N HIS A 166 -8.23 38.12 25.74
CA HIS A 166 -7.83 38.08 27.15
C HIS A 166 -9.03 37.83 28.04
N TYR A 167 -10.13 38.54 27.81
CA TYR A 167 -11.32 38.38 28.63
C TYR A 167 -11.87 36.96 28.53
N VAL A 168 -11.97 36.43 27.30
CA VAL A 168 -12.54 35.10 27.13
C VAL A 168 -11.66 34.04 27.77
N ILE A 169 -10.34 34.14 27.58
CA ILE A 169 -9.47 33.13 28.17
C ILE A 169 -9.42 33.25 29.69
N ASP A 170 -9.58 34.46 30.22
CA ASP A 170 -9.56 34.64 31.67
C ASP A 170 -10.82 34.08 32.31
N HIS A 171 -11.97 34.35 31.72
CA HIS A 171 -13.23 33.85 32.27
C HIS A 171 -13.55 32.43 31.80
N ASN A 172 -12.70 31.85 30.97
CA ASN A 172 -12.86 30.45 30.56
C ASN A 172 -11.49 29.94 30.14
N PRO A 173 -10.70 29.46 31.10
CA PRO A 173 -9.34 28.99 30.76
C PRO A 173 -9.32 27.81 29.81
N SER A 174 -10.41 27.05 29.70
CA SER A 174 -10.49 25.92 28.79
C SER A 174 -10.97 26.32 27.39
N ALA A 175 -11.29 27.60 27.18
CA ALA A 175 -11.74 28.04 25.87
C ALA A 175 -10.57 28.12 24.90
N LYS A 176 -10.81 27.72 23.66
CA LYS A 176 -9.79 27.75 22.60
C LYS A 176 -9.94 29.06 21.85
N VAL A 177 -9.09 30.03 22.20
CA VAL A 177 -9.12 31.34 21.58
C VAL A 177 -7.84 31.50 20.77
N VAL A 178 -7.97 31.74 19.47
CA VAL A 178 -6.82 31.91 18.60
C VAL A 178 -6.95 33.24 17.88
N TYR A 179 -5.89 34.05 17.92
CA TYR A 179 -5.80 35.28 17.16
C TYR A 179 -4.70 35.14 16.12
N LEU A 180 -4.94 35.69 14.93
CA LEU A 180 -3.91 35.68 13.91
C LEU A 180 -4.21 36.72 12.86
N SER A 181 -3.16 37.21 12.22
CA SER A 181 -3.33 38.07 11.06
C SER A 181 -3.68 37.22 9.85
N SER A 182 -4.27 37.86 8.84
CA SER A 182 -4.63 37.13 7.64
C SER A 182 -3.39 36.68 6.87
N GLU A 183 -2.27 37.39 7.03
CA GLU A 183 -1.02 36.95 6.41
C GLU A 183 -0.61 35.57 6.93
N LYS A 184 -0.69 35.38 8.24
CA LYS A 184 -0.33 34.08 8.81
C LYS A 184 -1.31 33.00 8.36
N PHE A 185 -2.60 33.34 8.28
CA PHE A 185 -3.58 32.37 7.81
C PHE A 185 -3.28 31.93 6.38
N THR A 186 -3.03 32.89 5.48
CA THR A 186 -2.73 32.54 4.09
C THR A 186 -1.44 31.74 3.99
N ASN A 187 -0.40 32.15 4.71
CA ASN A 187 0.88 31.43 4.63
C ASN A 187 0.73 30.00 5.15
N GLU A 188 0.05 29.82 6.28
CA GLU A 188 -0.17 28.48 6.81
C GLU A 188 -0.99 27.65 5.85
N PHE A 189 -2.02 28.24 5.24
CA PHE A 189 -2.86 27.51 4.30
C PHE A 189 -2.06 27.05 3.09
N ILE A 190 -1.26 27.95 2.52
CA ILE A 190 -0.46 27.61 1.34
C ILE A 190 0.54 26.52 1.68
N ASN A 191 1.23 26.65 2.81
CA ASN A 191 2.19 25.63 3.20
C ASN A 191 1.52 24.30 3.55
N SER A 192 0.32 24.33 4.08
CA SER A 192 -0.43 23.10 4.33
C SER A 192 -0.77 22.39 3.04
N ILE A 193 -1.18 23.15 2.01
CA ILE A 193 -1.42 22.53 0.71
C ILE A 193 -0.12 21.97 0.14
N ARG A 194 0.97 22.74 0.23
CA ARG A 194 2.23 22.30 -0.34
C ARG A 194 2.74 21.02 0.32
N ASP A 195 2.63 20.93 1.64
CA ASP A 195 3.16 19.80 2.38
C ASP A 195 2.10 18.75 2.67
N ASN A 196 0.89 18.89 2.10
CA ASN A 196 -0.20 17.94 2.29
C ASN A 196 -0.55 17.77 3.77
N LYS A 197 -0.53 18.89 4.49
CA LYS A 197 -1.00 18.94 5.88
C LYS A 197 -2.28 19.75 6.00
N ALA A 198 -3.06 19.80 4.91
CA ALA A 198 -4.30 20.56 4.90
C ALA A 198 -5.30 20.01 5.91
N VAL A 199 -5.26 18.70 6.16
CA VAL A 199 -6.12 18.14 7.20
C VAL A 199 -5.77 18.75 8.56
N ASP A 200 -4.48 18.86 8.85
CA ASP A 200 -4.06 19.46 10.11
C ASP A 200 -4.44 20.93 10.17
N PHE A 201 -4.31 21.64 9.04
CA PHE A 201 -4.74 23.04 9.00
C PHE A 201 -6.22 23.18 9.32
N ARG A 202 -7.05 22.37 8.67
CA ARG A 202 -8.49 22.41 8.93
C ARG A 202 -8.80 22.05 10.37
N ASN A 203 -8.14 21.04 10.91
CA ASN A 203 -8.36 20.65 12.29
C ASN A 203 -8.01 21.78 13.24
N ARG A 204 -6.92 22.47 12.97
CA ARG A 204 -6.52 23.59 13.83
C ARG A 204 -7.53 24.73 13.76
N TYR A 205 -8.00 25.06 12.57
CA TYR A 205 -8.75 26.31 12.40
C TYR A 205 -10.26 26.13 12.32
N ARG A 206 -10.79 24.91 12.49
CA ARG A 206 -12.23 24.73 12.50
C ARG A 206 -12.79 24.31 13.85
N ASN A 207 -11.94 23.98 14.82
CA ASN A 207 -12.39 23.49 16.12
C ASN A 207 -12.11 24.48 17.25
N VAL A 208 -11.85 25.74 16.92
CA VAL A 208 -11.56 26.74 17.94
C VAL A 208 -12.87 27.32 18.46
N ASP A 209 -12.84 27.78 19.72
CA ASP A 209 -14.03 28.38 20.31
C ASP A 209 -14.18 29.84 19.89
N VAL A 210 -13.08 30.58 19.83
CA VAL A 210 -13.10 31.97 19.38
C VAL A 210 -11.96 32.18 18.39
N LEU A 211 -12.26 32.77 17.24
CA LEU A 211 -11.27 33.08 16.22
C LEU A 211 -11.22 34.59 16.03
N LEU A 212 -10.01 35.13 15.95
CA LEU A 212 -9.78 36.57 15.86
C LEU A 212 -8.86 36.83 14.66
N ILE A 213 -9.45 37.09 13.50
CA ILE A 213 -8.70 37.25 12.27
C ILE A 213 -8.49 38.73 11.97
N ASP A 214 -7.26 39.07 11.59
CA ASP A 214 -6.84 40.46 11.46
C ASP A 214 -6.59 40.80 10.00
N ASP A 215 -6.96 42.02 9.61
CA ASP A 215 -6.63 42.59 8.30
C ASP A 215 -7.15 41.73 7.16
N ILE A 216 -8.48 41.65 7.08
CA ILE A 216 -9.14 40.85 6.05
C ILE A 216 -9.18 41.54 4.70
N GLN A 217 -8.70 42.79 4.61
CA GLN A 217 -8.83 43.54 3.36
C GLN A 217 -7.95 42.95 2.26
N PHE A 218 -6.68 42.67 2.57
CA PHE A 218 -5.75 42.26 1.53
C PHE A 218 -6.02 40.86 1.01
N LEU A 219 -6.94 40.12 1.63
CA LEU A 219 -7.40 38.88 1.03
C LEU A 219 -8.06 39.13 -0.32
N ALA A 220 -8.45 40.37 -0.60
CA ALA A 220 -8.91 40.77 -1.92
C ALA A 220 -7.92 40.35 -3.00
N GLY A 221 -8.35 39.51 -3.94
CA GLY A 221 -7.52 39.04 -5.02
C GLY A 221 -6.92 37.67 -4.76
N LYS A 222 -6.62 37.35 -3.50
CA LYS A 222 -6.04 36.06 -3.15
C LYS A 222 -7.15 35.02 -3.03
N GLU A 223 -7.57 34.54 -4.20
CA GLU A 223 -8.61 33.54 -4.27
C GLU A 223 -8.08 32.18 -3.78
N GLN A 224 -9.01 31.27 -3.50
CA GLN A 224 -8.76 29.92 -3.00
C GLN A 224 -8.37 29.95 -1.54
N THR A 225 -8.14 31.14 -1.00
CA THR A 225 -8.01 31.34 0.43
C THR A 225 -9.23 32.02 1.02
N GLN A 226 -9.99 32.75 0.22
CA GLN A 226 -11.28 33.25 0.64
C GLN A 226 -12.41 32.27 0.33
N GLU A 227 -12.07 31.10 -0.22
CA GLU A 227 -13.00 29.97 -0.17
C GLU A 227 -12.71 29.09 1.04
N GLU A 228 -11.43 28.95 1.42
CA GLU A 228 -11.13 28.24 2.65
C GLU A 228 -11.52 29.06 3.87
N PHE A 229 -11.37 30.38 3.81
CA PHE A 229 -11.92 31.19 4.88
C PHE A 229 -13.45 31.17 4.85
N PHE A 230 -14.05 31.05 3.66
CA PHE A 230 -15.49 30.91 3.59
C PHE A 230 -15.96 29.65 4.29
N HIS A 231 -15.26 28.54 4.05
CA HIS A 231 -15.63 27.28 4.67
C HIS A 231 -15.33 27.28 6.17
N THR A 232 -14.25 27.93 6.58
CA THR A 232 -13.97 28.09 8.00
C THR A 232 -15.05 28.92 8.68
N PHE A 233 -15.47 30.02 8.04
CA PHE A 233 -16.56 30.84 8.57
C PHE A 233 -17.82 30.01 8.73
N ASN A 234 -18.21 29.27 7.69
CA ASN A 234 -19.44 28.49 7.76
C ASN A 234 -19.35 27.40 8.81
N THR A 235 -18.21 26.72 8.93
CA THR A 235 -18.05 25.70 9.96
C THR A 235 -18.19 26.31 11.35
N LEU A 236 -17.49 27.43 11.61
CA LEU A 236 -17.57 28.06 12.92
C LEU A 236 -18.99 28.53 13.22
N HIS A 237 -19.63 29.17 12.24
CA HIS A 237 -20.97 29.70 12.46
C HIS A 237 -21.97 28.59 12.73
N GLU A 238 -21.89 27.49 11.99
CA GLU A 238 -22.85 26.41 12.18
C GLU A 238 -22.59 25.64 13.47
N GLU A 239 -21.32 25.48 13.84
CA GLU A 239 -20.97 24.80 15.08
C GLU A 239 -21.09 25.70 16.30
N SER A 240 -21.68 26.88 16.15
CA SER A 240 -21.89 27.83 17.25
C SER A 240 -20.56 28.24 17.88
N LYS A 241 -19.69 28.82 17.06
CA LYS A 241 -18.43 29.39 17.50
C LYS A 241 -18.41 30.87 17.21
N GLN A 242 -17.35 31.56 17.64
CA GLN A 242 -17.28 33.01 17.63
C GLN A 242 -16.21 33.47 16.64
N ILE A 243 -16.55 34.49 15.84
CA ILE A 243 -15.65 35.04 14.83
C ILE A 243 -15.58 36.55 15.02
N VAL A 244 -14.36 37.07 15.08
CA VAL A 244 -14.11 38.51 15.03
C VAL A 244 -13.15 38.77 13.88
N ILE A 245 -13.47 39.77 13.05
CA ILE A 245 -12.72 40.07 11.85
C ILE A 245 -12.36 41.55 11.88
N SER A 246 -11.13 41.87 11.49
CA SER A 246 -10.67 43.25 11.40
C SER A 246 -10.44 43.63 9.94
N SER A 247 -10.69 44.90 9.64
CA SER A 247 -10.49 45.38 8.27
C SER A 247 -10.27 46.88 8.27
N ASP A 248 -9.72 47.37 7.16
CA ASP A 248 -9.46 48.79 6.98
C ASP A 248 -10.46 49.47 6.05
N ARG A 249 -11.56 48.79 5.71
CA ARG A 249 -12.56 49.37 4.82
C ARG A 249 -13.84 48.56 4.92
N PRO A 250 -15.00 49.17 4.76
CA PRO A 250 -16.27 48.44 4.88
C PRO A 250 -16.35 47.33 3.85
N PRO A 251 -17.04 46.23 4.19
CA PRO A 251 -17.04 45.07 3.28
C PRO A 251 -17.55 45.38 1.89
N LYS A 252 -18.53 46.28 1.78
CA LYS A 252 -19.09 46.61 0.47
C LYS A 252 -18.06 47.17 -0.49
N GLU A 253 -16.92 47.66 0.02
CA GLU A 253 -15.88 48.18 -0.86
C GLU A 253 -14.59 47.35 -0.81
N ILE A 254 -14.62 46.18 -0.19
CA ILE A 254 -13.46 45.29 -0.31
C ILE A 254 -13.50 44.67 -1.70
N PRO A 255 -12.50 44.90 -2.55
CA PRO A 255 -12.59 44.45 -3.93
C PRO A 255 -12.47 42.95 -4.06
N THR A 256 -13.04 42.42 -5.15
CA THR A 256 -12.92 41.02 -5.52
C THR A 256 -13.30 40.09 -4.36
N LEU A 257 -14.39 40.45 -3.69
CA LEU A 257 -14.91 39.66 -2.58
C LEU A 257 -16.23 39.03 -3.05
N GLU A 258 -16.25 37.71 -3.12
CA GLU A 258 -17.41 37.01 -3.67
C GLU A 258 -18.65 37.31 -2.84
N ASP A 259 -19.80 37.40 -3.52
CA ASP A 259 -21.03 37.85 -2.88
C ASP A 259 -21.39 36.99 -1.68
N ARG A 260 -21.12 35.69 -1.72
CA ARG A 260 -21.46 34.84 -0.59
C ARG A 260 -20.62 35.21 0.64
N LEU A 261 -19.32 35.44 0.46
CA LEU A 261 -18.49 35.84 1.58
C LEU A 261 -18.85 37.24 2.06
N ARG A 262 -19.22 38.13 1.13
CA ARG A 262 -19.64 39.47 1.53
C ARG A 262 -20.90 39.40 2.38
N SER A 263 -21.87 38.58 1.97
CA SER A 263 -23.09 38.41 2.77
C SER A 263 -22.79 37.82 4.12
N ARG A 264 -21.84 36.86 4.17
CA ARG A 264 -21.41 36.33 5.47
C ARG A 264 -20.82 37.43 6.36
N PHE A 265 -19.99 38.29 5.78
CA PHE A 265 -19.41 39.39 6.55
C PHE A 265 -20.48 40.34 7.08
N GLU A 266 -21.45 40.68 6.23
CA GLU A 266 -22.48 41.65 6.56
C GLU A 266 -23.61 41.06 7.40
N TRP A 267 -23.65 39.73 7.55
CA TRP A 267 -24.68 39.10 8.37
C TRP A 267 -24.67 39.59 9.80
N GLY A 268 -23.52 40.00 10.31
CA GLY A 268 -23.38 40.40 11.69
C GLY A 268 -23.46 41.88 11.91
N LEU A 269 -22.70 42.36 12.89
CA LEU A 269 -22.68 43.76 13.26
C LEU A 269 -21.39 44.39 12.74
N ILE A 270 -21.49 45.62 12.26
CA ILE A 270 -20.35 46.33 11.67
C ILE A 270 -20.08 47.58 12.50
N THR A 271 -18.84 47.71 12.95
CA THR A 271 -18.43 48.80 13.84
C THR A 271 -17.47 49.72 13.11
N ASP A 272 -17.78 51.01 13.12
CA ASP A 272 -16.91 52.01 12.50
C ASP A 272 -15.98 52.60 13.55
N ILE A 273 -14.68 52.65 13.24
CA ILE A 273 -13.69 53.27 14.10
C ILE A 273 -13.28 54.59 13.46
N THR A 274 -13.50 55.67 14.19
CA THR A 274 -13.20 57.03 13.80
C THR A 274 -11.93 57.51 14.50
N PRO A 275 -11.11 58.32 13.83
CA PRO A 275 -9.91 58.86 14.48
C PRO A 275 -10.27 59.60 15.76
N PRO A 276 -9.43 59.50 16.79
CA PRO A 276 -9.79 60.04 18.10
C PRO A 276 -9.81 61.57 18.11
N ASP A 277 -10.52 62.10 19.10
CA ASP A 277 -10.67 63.54 19.27
C ASP A 277 -9.75 64.03 20.39
N LEU A 278 -9.90 65.30 20.76
CA LEU A 278 -9.05 65.89 21.79
C LEU A 278 -9.22 65.16 23.12
N GLU A 279 -10.47 64.92 23.52
CA GLU A 279 -10.73 64.27 24.79
C GLU A 279 -10.19 62.84 24.82
N THR A 280 -10.36 62.09 23.72
CA THR A 280 -9.85 60.73 23.67
C THR A 280 -8.32 60.72 23.72
N ARG A 281 -7.67 61.63 22.99
CA ARG A 281 -6.23 61.73 23.05
C ARG A 281 -5.75 62.06 24.46
N ILE A 282 -6.43 62.99 25.13
CA ILE A 282 -6.08 63.34 26.50
C ILE A 282 -6.23 62.13 27.41
N ALA A 283 -7.34 61.41 27.26
CA ALA A 283 -7.60 60.26 28.12
C ALA A 283 -6.54 59.18 27.93
N ILE A 284 -6.17 58.89 26.69
CA ILE A 284 -5.21 57.79 26.50
C ILE A 284 -3.78 58.24 26.77
N LEU A 285 -3.46 59.52 26.68
CA LEU A 285 -2.15 59.95 27.15
C LEU A 285 -2.08 59.87 28.67
N ARG A 286 -3.18 60.18 29.36
CA ARG A 286 -3.23 59.91 30.80
C ARG A 286 -3.06 58.42 31.09
N LYS A 287 -3.70 57.58 30.27
CA LYS A 287 -3.59 56.13 30.45
C LYS A 287 -2.15 55.65 30.31
N LYS A 288 -1.46 56.10 29.26
CA LYS A 288 -0.08 55.68 29.08
C LYS A 288 0.82 56.26 30.17
N ALA A 289 0.53 57.48 30.63
CA ALA A 289 1.33 58.05 31.72
C ALA A 289 1.17 57.22 32.98
N LYS A 290 -0.05 56.80 33.30
CA LYS A 290 -0.25 55.93 34.45
C LYS A 290 0.39 54.56 34.24
N ALA A 291 0.41 54.07 32.99
CA ALA A 291 1.00 52.77 32.71
C ALA A 291 2.50 52.78 32.93
N GLU A 292 3.20 53.78 32.40
CA GLU A 292 4.65 53.83 32.50
C GLU A 292 5.15 54.59 33.72
N GLY A 293 4.26 55.13 34.54
CA GLY A 293 4.62 55.67 35.85
C GLY A 293 5.57 56.85 35.86
N LEU A 294 5.39 57.79 34.92
CA LEU A 294 6.14 59.03 34.92
C LEU A 294 5.17 60.21 34.84
N ASP A 295 5.62 61.35 35.34
CA ASP A 295 4.79 62.55 35.41
C ASP A 295 5.29 63.58 34.40
N ILE A 296 4.36 64.18 33.66
CA ILE A 296 4.68 65.21 32.68
C ILE A 296 3.78 66.42 32.94
N PRO A 297 4.22 67.63 32.63
CA PRO A 297 3.39 68.81 32.90
C PRO A 297 2.18 68.88 31.99
N ASN A 298 1.15 69.57 32.48
CA ASN A 298 -0.08 69.76 31.71
C ASN A 298 0.16 70.57 30.44
N GLU A 299 1.17 71.43 30.42
CA GLU A 299 1.48 72.17 29.19
C GLU A 299 1.94 71.22 28.09
N VAL A 300 2.87 70.32 28.41
CA VAL A 300 3.31 69.32 27.44
C VAL A 300 2.16 68.39 27.10
N MET A 301 1.32 68.08 28.09
CA MET A 301 0.13 67.27 27.88
C MET A 301 -0.75 67.87 26.78
N LEU A 302 -1.10 69.15 26.94
CA LEU A 302 -1.94 69.82 25.93
C LEU A 302 -1.21 69.94 24.60
N TYR A 303 0.10 70.23 24.64
CA TYR A 303 0.89 70.33 23.43
C TYR A 303 0.78 69.06 22.59
N ILE A 304 1.16 67.93 23.18
CA ILE A 304 1.10 66.66 22.47
C ILE A 304 -0.33 66.26 22.15
N ALA A 305 -1.31 66.74 22.92
CA ALA A 305 -2.70 66.40 22.63
C ALA A 305 -3.20 67.11 21.37
N ASN A 306 -2.90 68.40 21.22
CA ASN A 306 -3.54 69.18 20.16
C ASN A 306 -2.68 69.40 18.92
N GLN A 307 -1.36 69.47 19.03
CA GLN A 307 -0.55 69.69 17.83
C GLN A 307 -0.03 68.39 17.21
N ILE A 308 -0.56 67.24 17.60
CA ILE A 308 -0.20 65.95 17.01
C ILE A 308 -1.49 65.16 16.85
N ASP A 309 -2.00 65.07 15.63
CA ASP A 309 -3.18 64.25 15.33
C ASP A 309 -3.04 63.62 13.95
N SER A 310 -2.38 62.47 13.91
CA SER A 310 -2.45 61.57 12.76
C SER A 310 -2.97 60.20 13.15
N ASN A 311 -2.43 59.61 14.21
CA ASN A 311 -2.95 58.39 14.83
C ASN A 311 -2.24 58.21 16.15
N ILE A 312 -2.80 57.33 16.98
CA ILE A 312 -2.27 57.17 18.33
C ILE A 312 -0.94 56.45 18.32
N ARG A 313 -0.63 55.71 17.25
CA ARG A 313 0.73 55.19 17.11
C ARG A 313 1.72 56.34 16.94
N GLU A 314 1.35 57.35 16.16
CA GLU A 314 2.18 58.55 16.05
C GLU A 314 2.28 59.26 17.39
N LEU A 315 1.17 59.31 18.14
CA LEU A 315 1.23 59.93 19.46
C LEU A 315 2.21 59.20 20.38
N GLU A 316 2.18 57.87 20.36
CA GLU A 316 3.11 57.10 21.20
C GLU A 316 4.54 57.26 20.73
N GLY A 317 4.76 57.35 19.42
CA GLY A 317 6.10 57.60 18.92
C GLY A 317 6.63 58.96 19.34
N ALA A 318 5.78 59.98 19.30
CA ALA A 318 6.17 61.30 19.79
C ALA A 318 6.45 61.26 21.28
N LEU A 319 5.66 60.51 22.04
CA LEU A 319 5.93 60.30 23.46
C LEU A 319 7.32 59.71 23.66
N ILE A 320 7.66 58.68 22.89
CA ILE A 320 8.96 58.03 23.02
C ILE A 320 10.08 59.00 22.68
N ARG A 321 9.89 59.79 21.62
CA ARG A 321 10.90 60.77 21.24
C ARG A 321 11.11 61.81 22.34
N VAL A 322 10.02 62.32 22.90
CA VAL A 322 10.12 63.32 23.96
C VAL A 322 10.81 62.74 25.20
N VAL A 323 10.45 61.51 25.56
CA VAL A 323 11.06 60.86 26.72
C VAL A 323 12.54 60.66 26.50
N ALA A 324 12.93 60.21 25.30
CA ALA A 324 14.34 60.02 25.00
C ALA A 324 15.10 61.33 25.04
N TYR A 325 14.52 62.40 24.47
CA TYR A 325 15.17 63.69 24.50
C TYR A 325 15.35 64.21 25.92
N SER A 326 14.31 64.05 26.76
CA SER A 326 14.40 64.50 28.14
C SER A 326 15.45 63.70 28.90
N SER A 327 15.50 62.39 28.69
CA SER A 327 16.51 61.56 29.36
C SER A 327 17.92 61.95 28.92
N LEU A 328 18.11 62.20 27.63
CA LEU A 328 19.43 62.59 27.13
C LEU A 328 19.85 63.94 27.69
N ILE A 329 18.92 64.91 27.74
CA ILE A 329 19.26 66.24 28.21
C ILE A 329 19.32 66.35 29.72
N ASN A 330 18.80 65.35 30.45
CA ASN A 330 18.81 65.33 31.92
C ASN A 330 18.15 66.58 32.50
N LYS A 331 17.04 66.99 31.88
CA LYS A 331 16.29 68.15 32.33
C LYS A 331 14.81 67.79 32.41
N ASP A 332 14.08 68.52 33.25
CA ASP A 332 12.65 68.29 33.41
C ASP A 332 11.91 68.61 32.13
N ILE A 333 10.86 67.82 31.86
CA ILE A 333 10.08 68.00 30.64
C ILE A 333 9.33 69.32 30.70
N ASN A 334 9.37 70.06 29.60
CA ASN A 334 8.63 71.31 29.50
C ASN A 334 8.30 71.57 28.03
N ALA A 335 7.53 72.64 27.80
CA ALA A 335 7.04 72.94 26.47
C ALA A 335 8.18 73.23 25.50
N ASP A 336 9.20 73.96 25.96
CA ASP A 336 10.33 74.26 25.09
C ASP A 336 11.07 72.99 24.69
N LEU A 337 11.29 72.08 25.64
CA LEU A 337 11.95 70.82 25.32
C LEU A 337 11.11 69.97 24.37
N ALA A 338 9.78 69.94 24.58
CA ALA A 338 8.93 69.18 23.68
C ALA A 338 8.96 69.76 22.27
N ALA A 339 8.93 71.09 22.15
CA ALA A 339 9.01 71.72 20.84
C ALA A 339 10.34 71.44 20.17
N GLU A 340 11.44 71.49 20.92
CA GLU A 340 12.75 71.19 20.36
C GLU A 340 12.82 69.74 19.90
N ALA A 341 12.23 68.81 20.66
CA ALA A 341 12.23 67.42 20.26
C ALA A 341 11.41 67.20 19.00
N LEU A 342 10.26 67.88 18.89
CA LEU A 342 9.35 67.69 17.77
C LEU A 342 9.55 68.72 16.66
N LYS A 343 10.78 69.21 16.49
CA LYS A 343 11.05 70.17 15.43
C LYS A 343 10.89 69.54 14.04
N ASP A 344 11.45 68.34 13.86
CA ASP A 344 11.44 67.66 12.57
C ASP A 344 10.30 66.67 12.43
N SER A 349 15.17 62.33 11.18
CA SER A 349 15.81 61.08 11.60
C SER A 349 14.87 59.89 11.42
N LYS A 350 14.31 59.75 10.23
CA LYS A 350 13.40 58.65 9.93
C LYS A 350 13.29 58.46 8.41
N PRO A 351 13.56 57.28 7.89
CA PRO A 351 13.36 57.03 6.45
C PRO A 351 11.89 56.91 6.10
N LYS A 352 11.35 57.91 5.43
CA LYS A 352 9.93 57.90 5.08
C LYS A 352 9.63 56.79 4.09
N VAL A 353 8.50 56.12 4.29
CA VAL A 353 8.10 55.04 3.40
C VAL A 353 7.52 55.65 2.12
N ILE A 354 8.12 55.32 0.98
CA ILE A 354 7.69 55.84 -0.31
C ILE A 354 6.43 55.06 -0.71
N THR A 355 5.27 55.70 -0.59
CA THR A 355 4.00 55.04 -0.84
C THR A 355 3.48 55.39 -2.23
N ILE A 356 2.67 54.47 -2.78
CA ILE A 356 2.08 54.68 -4.09
C ILE A 356 1.17 55.91 -4.08
N LYS A 357 0.42 56.11 -2.99
CA LYS A 357 -0.44 57.28 -2.90
C LYS A 357 0.39 58.57 -2.89
N GLU A 358 1.50 58.58 -2.16
CA GLU A 358 2.38 59.74 -2.17
C GLU A 358 2.92 60.01 -3.57
N ILE A 359 3.35 58.95 -4.27
CA ILE A 359 3.90 59.12 -5.61
C ILE A 359 2.87 59.69 -6.55
N GLN A 360 1.65 59.14 -6.52
CA GLN A 360 0.63 59.59 -7.46
C GLN A 360 0.15 61.00 -7.12
N ARG A 361 0.11 61.36 -5.83
CA ARG A 361 -0.29 62.72 -5.48
C ARG A 361 0.78 63.73 -5.85
N VAL A 362 2.06 63.36 -5.73
CA VAL A 362 3.13 64.25 -6.20
C VAL A 362 3.03 64.42 -7.71
N VAL A 363 2.78 63.33 -8.44
CA VAL A 363 2.65 63.41 -9.89
C VAL A 363 1.46 64.31 -10.27
N GLY A 364 0.34 64.16 -9.57
CA GLY A 364 -0.81 64.99 -9.84
C GLY A 364 -0.57 66.45 -9.53
N GLN A 365 0.13 66.73 -8.43
CA GLN A 365 0.47 68.11 -8.11
C GLN A 365 1.38 68.72 -9.17
N GLN A 366 2.35 67.95 -9.66
CA GLN A 366 3.28 68.47 -10.65
C GLN A 366 2.67 68.61 -12.04
N PHE A 367 1.66 67.80 -12.37
CA PHE A 367 1.13 67.76 -13.73
C PHE A 367 -0.27 68.36 -13.87
N ASN A 368 -0.91 68.75 -12.77
CA ASN A 368 -2.28 69.29 -12.78
C ASN A 368 -3.29 68.26 -13.29
N ILE A 369 -3.28 67.10 -12.63
CA ILE A 369 -4.32 66.07 -12.79
C ILE A 369 -4.78 65.64 -11.41
N LYS A 370 -6.09 65.44 -11.27
CA LYS A 370 -6.67 65.01 -10.01
C LYS A 370 -6.24 63.58 -9.68
N LEU A 371 -6.76 63.06 -8.57
CA LEU A 371 -6.43 61.73 -8.11
C LEU A 371 -7.47 60.68 -8.49
N GLU A 372 -8.76 61.01 -8.31
CA GLU A 372 -9.82 60.02 -8.53
C GLU A 372 -9.82 59.52 -9.97
N ASP A 373 -9.52 60.40 -10.93
CA ASP A 373 -9.50 59.99 -12.33
C ASP A 373 -8.43 58.95 -12.64
N PHE A 374 -7.47 58.76 -11.72
CA PHE A 374 -6.51 57.67 -11.90
C PHE A 374 -7.20 56.32 -11.91
N LYS A 375 -8.38 56.21 -11.27
CA LYS A 375 -9.16 54.98 -11.32
C LYS A 375 -9.96 54.86 -12.61
N ALA A 376 -10.10 55.94 -13.36
CA ALA A 376 -10.92 55.91 -14.57
C ALA A 376 -10.24 55.12 -15.68
N LYS A 377 -11.05 54.60 -16.59
CA LYS A 377 -10.55 53.82 -17.72
C LYS A 377 -10.04 54.71 -18.86
N LYS A 378 -10.26 56.02 -18.79
CA LYS A 378 -9.81 56.92 -19.84
C LYS A 378 -8.30 56.86 -19.98
N ARG A 379 -7.82 56.73 -21.22
CA ARG A 379 -6.40 56.56 -21.50
C ARG A 379 -5.97 57.45 -22.66
N THR A 380 -6.42 58.71 -22.65
CA THR A 380 -5.86 59.70 -23.56
C THR A 380 -4.40 59.96 -23.18
N LYS A 381 -3.65 60.54 -24.12
CA LYS A 381 -2.21 60.71 -23.91
C LYS A 381 -1.92 61.62 -22.72
N SER A 382 -2.69 62.71 -22.58
CA SER A 382 -2.39 63.72 -21.57
C SER A 382 -2.50 63.18 -20.16
N VAL A 383 -3.26 62.09 -19.97
CA VAL A 383 -3.36 61.45 -18.67
C VAL A 383 -2.61 60.12 -18.62
N ALA A 384 -2.32 59.50 -19.77
CA ALA A 384 -1.57 58.25 -19.78
C ALA A 384 -0.09 58.49 -19.53
N PHE A 385 0.44 59.61 -20.01
CA PHE A 385 1.82 59.95 -19.70
C PHE A 385 2.05 60.09 -18.20
N PRO A 386 1.24 60.85 -17.44
CA PRO A 386 1.40 60.81 -15.97
C PRO A 386 1.17 59.44 -15.39
N ARG A 387 0.27 58.64 -15.97
CA ARG A 387 0.02 57.30 -15.44
C ARG A 387 1.26 56.42 -15.55
N GLN A 388 1.89 56.38 -16.72
CA GLN A 388 3.08 55.55 -16.89
C GLN A 388 4.26 56.14 -16.11
N ILE A 389 4.32 57.46 -15.97
CA ILE A 389 5.34 58.06 -15.12
C ILE A 389 5.19 57.60 -13.68
N ALA A 390 3.95 57.60 -13.18
CA ALA A 390 3.69 57.13 -11.82
C ALA A 390 4.04 55.65 -11.67
N MET A 391 3.70 54.85 -12.68
CA MET A 391 4.05 53.43 -12.64
C MET A 391 5.56 53.23 -12.57
N TYR A 392 6.31 53.97 -13.39
CA TYR A 392 7.77 53.86 -13.37
C TYR A 392 8.34 54.30 -12.04
N LEU A 393 7.85 55.42 -11.49
CA LEU A 393 8.33 55.90 -10.20
C LEU A 393 8.04 54.91 -9.08
N SER A 394 6.85 54.31 -9.10
CA SER A 394 6.52 53.30 -8.10
C SER A 394 7.42 52.08 -8.22
N ARG A 395 7.65 51.61 -9.45
CA ARG A 395 8.55 50.48 -9.64
C ARG A 395 9.96 50.82 -9.17
N GLU A 396 10.40 52.06 -9.38
CA GLU A 396 11.75 52.45 -9.00
C GLU A 396 11.92 52.52 -7.48
N MET A 397 11.01 53.20 -6.79
CA MET A 397 11.20 53.48 -5.37
C MET A 397 10.16 52.84 -4.46
N THR A 398 9.57 51.71 -4.86
CA THR A 398 8.68 50.97 -3.97
C THR A 398 9.03 49.49 -4.00
N ASP A 399 9.09 48.89 -2.82
CA ASP A 399 9.19 47.44 -2.70
C ASP A 399 7.85 46.75 -2.91
N SER A 400 6.77 47.52 -3.03
CA SER A 400 5.45 46.95 -3.25
C SER A 400 5.37 46.31 -4.64
N SER A 401 4.43 45.38 -4.78
CA SER A 401 4.33 44.59 -6.00
C SER A 401 3.57 45.33 -7.08
N LEU A 402 3.96 45.07 -8.33
CA LEU A 402 3.25 45.65 -9.47
C LEU A 402 1.78 45.25 -9.52
N PRO A 403 1.39 43.99 -9.25
CA PRO A 403 -0.05 43.72 -9.12
C PRO A 403 -0.73 44.53 -8.04
N LYS A 404 -0.06 44.79 -6.92
CA LYS A 404 -0.66 45.64 -5.89
C LYS A 404 -0.85 47.06 -6.40
N ILE A 405 0.14 47.59 -7.13
CA ILE A 405 0.01 48.91 -7.73
C ILE A 405 -1.16 48.94 -8.70
N GLY A 406 -1.30 47.88 -9.51
CA GLY A 406 -2.40 47.81 -10.45
C GLY A 406 -3.75 47.76 -9.76
N GLU A 407 -3.85 46.96 -8.69
CA GLU A 407 -5.10 46.89 -7.94
C GLU A 407 -5.45 48.23 -7.31
N GLU A 408 -4.44 48.92 -6.77
CA GLU A 408 -4.67 50.27 -6.25
C GLU A 408 -4.94 51.27 -7.35
N PHE A 409 -4.64 50.92 -8.60
CA PHE A 409 -4.85 51.83 -9.73
C PHE A 409 -5.78 51.22 -10.77
N GLY A 410 -6.87 50.61 -10.34
CA GLY A 410 -7.87 50.08 -11.24
C GLY A 410 -7.83 48.59 -11.51
N GLY A 411 -7.06 47.83 -10.75
CA GLY A 411 -7.00 46.39 -10.96
C GLY A 411 -6.38 45.97 -12.27
N ARG A 412 -5.26 46.58 -12.65
CA ARG A 412 -4.61 46.29 -13.92
C ARG A 412 -3.54 45.21 -13.76
N ASP A 413 -3.07 44.72 -14.90
CA ASP A 413 -2.13 43.60 -14.92
C ASP A 413 -0.72 44.06 -14.55
N HIS A 414 0.05 43.12 -14.02
CA HIS A 414 1.46 43.40 -13.72
C HIS A 414 2.26 43.63 -14.99
N THR A 415 1.92 42.89 -16.05
CA THR A 415 2.59 43.09 -17.34
C THR A 415 2.32 44.48 -17.89
N THR A 416 1.18 45.09 -17.56
CA THR A 416 0.94 46.47 -17.94
C THR A 416 1.97 47.40 -17.31
N VAL A 417 2.23 47.22 -16.01
CA VAL A 417 3.24 48.01 -15.33
C VAL A 417 4.62 47.75 -15.93
N ILE A 418 4.90 46.49 -16.25
CA ILE A 418 6.19 46.13 -16.83
C ILE A 418 6.38 46.85 -18.17
N HIS A 419 5.35 46.82 -19.02
CA HIS A 419 5.44 47.48 -20.32
C HIS A 419 5.56 48.99 -20.17
N ALA A 420 4.83 49.58 -19.22
CA ALA A 420 4.94 51.02 -18.99
C ALA A 420 6.35 51.40 -18.53
N HIS A 421 6.93 50.61 -17.62
CA HIS A 421 8.29 50.87 -17.18
C HIS A 421 9.29 50.73 -18.32
N GLU A 422 9.10 49.70 -19.16
CA GLU A 422 9.99 49.51 -20.31
C GLU A 422 9.90 50.69 -21.26
N LYS A 423 8.68 51.15 -21.55
CA LYS A 423 8.51 52.30 -22.45
C LYS A 423 9.13 53.56 -21.85
N ILE A 424 8.96 53.78 -20.54
CA ILE A 424 9.54 54.95 -19.90
C ILE A 424 11.06 54.90 -19.97
N SER A 425 11.64 53.71 -19.73
CA SER A 425 13.09 53.57 -19.82
C SER A 425 13.58 53.84 -21.24
N LYS A 426 12.84 53.34 -22.23
CA LYS A 426 13.20 53.60 -23.63
C LYS A 426 13.15 55.08 -23.95
N LEU A 427 12.11 55.77 -23.46
CA LEU A 427 11.98 57.21 -23.72
C LEU A 427 13.11 57.99 -23.06
N LEU A 428 13.43 57.66 -21.80
CA LEU A 428 14.47 58.39 -21.11
C LEU A 428 15.87 58.04 -21.63
N ALA A 429 16.01 56.90 -22.31
CA ALA A 429 17.29 56.57 -22.94
C ALA A 429 17.59 57.44 -24.15
N ASP A 430 16.64 58.23 -24.62
CA ASP A 430 16.81 59.07 -25.79
C ASP A 430 16.61 60.56 -25.52
N ASP A 431 15.77 60.93 -24.56
CA ASP A 431 15.44 62.33 -24.30
C ASP A 431 16.04 62.76 -22.97
N GLU A 432 16.80 63.87 -23.00
CA GLU A 432 17.39 64.40 -21.77
C GLU A 432 16.38 65.14 -20.91
N GLN A 433 15.37 65.75 -21.54
CA GLN A 433 14.36 66.49 -20.77
C GLN A 433 13.59 65.56 -19.84
N LEU A 434 13.22 64.38 -20.33
CA LEU A 434 12.51 63.42 -19.49
C LEU A 434 13.36 62.98 -18.31
N GLN A 435 14.66 62.71 -18.55
CA GLN A 435 15.55 62.33 -17.47
C GLN A 435 15.69 63.46 -16.45
N GLN A 436 15.82 64.69 -16.92
CA GLN A 436 15.93 65.82 -16.01
C GLN A 436 14.68 65.99 -15.16
N HIS A 437 13.51 65.86 -15.77
CA HIS A 437 12.27 65.98 -15.00
C HIS A 437 12.11 64.84 -14.00
N VAL A 438 12.50 63.62 -14.40
CA VAL A 438 12.44 62.49 -13.49
C VAL A 438 13.37 62.71 -12.31
N LYS A 439 14.58 63.22 -12.57
CA LYS A 439 15.50 63.52 -11.48
C LYS A 439 14.93 64.60 -10.56
N GLU A 440 14.30 65.62 -11.14
CA GLU A 440 13.71 66.69 -10.34
C GLU A 440 12.61 66.16 -9.42
N ILE A 441 11.70 65.35 -9.97
CA ILE A 441 10.60 64.82 -9.16
C ILE A 441 11.12 63.83 -8.14
N LYS A 442 12.16 63.06 -8.48
CA LYS A 442 12.76 62.14 -7.51
C LYS A 442 13.38 62.90 -6.35
N GLU A 443 14.08 64.00 -6.64
CA GLU A 443 14.62 64.84 -5.57
C GLU A 443 13.51 65.46 -4.74
N GLN A 444 12.42 65.86 -5.39
CA GLN A 444 11.29 66.45 -4.66
C GLN A 444 10.67 65.44 -3.69
N LEU A 445 10.49 64.19 -4.14
CA LEU A 445 9.91 63.18 -3.28
C LEU A 445 10.90 62.57 -2.29
N LYS A 446 12.20 62.80 -2.49
CA LYS A 446 13.21 62.26 -1.58
C LYS A 446 13.35 63.13 -0.34
N ASN B 109 -28.17 18.53 17.71
CA ASN B 109 -27.66 17.79 16.57
C ASN B 109 -26.89 18.70 15.62
N MET B 110 -26.66 18.22 14.39
CA MET B 110 -26.04 19.05 13.38
C MET B 110 -27.01 20.09 12.80
N LEU B 111 -28.28 20.01 13.13
CA LEU B 111 -29.30 20.91 12.60
C LEU B 111 -29.49 22.11 13.51
N ASN B 112 -29.91 23.21 12.89
CA ASN B 112 -30.10 24.47 13.58
C ASN B 112 -31.47 24.50 14.24
N PRO B 113 -31.55 24.77 15.55
CA PRO B 113 -32.88 24.98 16.16
C PRO B 113 -33.59 26.21 15.65
N LYS B 114 -32.87 27.17 15.08
CA LYS B 114 -33.49 28.39 14.56
C LYS B 114 -34.22 28.14 13.25
N TYR B 115 -33.71 27.24 12.42
CA TYR B 115 -34.30 26.95 11.11
C TYR B 115 -35.38 25.89 11.28
N THR B 116 -36.63 26.28 11.00
CA THR B 116 -37.75 25.36 11.09
C THR B 116 -38.83 25.87 10.14
N PHE B 117 -39.78 25.00 9.80
CA PHE B 117 -40.88 25.43 8.96
C PHE B 117 -41.75 26.47 9.64
N ASP B 118 -41.72 26.54 10.98
CA ASP B 118 -42.46 27.58 11.68
C ASP B 118 -41.80 28.94 11.49
N THR B 119 -40.49 29.02 11.65
CA THR B 119 -39.78 30.29 11.52
C THR B 119 -39.65 30.74 10.07
N PHE B 120 -39.84 29.84 9.12
CA PHE B 120 -39.82 30.21 7.71
C PHE B 120 -41.07 31.00 7.36
N VAL B 121 -40.90 32.03 6.53
CA VAL B 121 -41.99 32.89 6.11
C VAL B 121 -42.27 32.65 4.63
N ILE B 122 -43.51 32.33 4.31
CA ILE B 122 -43.89 32.03 2.93
C ILE B 122 -44.01 33.33 2.15
N GLY B 123 -43.26 33.44 1.06
CA GLY B 123 -43.33 34.57 0.17
C GLY B 123 -43.65 34.11 -1.25
N SER B 124 -43.94 35.09 -2.11
CA SER B 124 -44.25 34.78 -3.49
C SER B 124 -43.05 34.13 -4.19
N GLY B 125 -41.84 34.48 -3.78
CA GLY B 125 -40.66 33.93 -4.40
C GLY B 125 -40.21 32.57 -3.89
N ASN B 126 -40.87 32.05 -2.85
CA ASN B 126 -40.47 30.76 -2.30
C ASN B 126 -41.66 29.87 -1.96
N ARG B 127 -42.86 30.20 -2.45
CA ARG B 127 -44.02 29.38 -2.13
C ARG B 127 -43.88 27.97 -2.72
N PHE B 128 -43.36 27.89 -3.95
CA PHE B 128 -43.19 26.59 -4.59
C PHE B 128 -42.19 25.73 -3.85
N ALA B 129 -41.02 26.30 -3.51
CA ALA B 129 -40.01 25.53 -2.81
C ALA B 129 -40.46 25.16 -1.41
N HIS B 130 -41.17 26.05 -0.73
CA HIS B 130 -41.70 25.70 0.58
C HIS B 130 -42.70 24.57 0.48
N ALA B 131 -43.60 24.61 -0.52
CA ALA B 131 -44.58 23.53 -0.66
C ALA B 131 -43.90 22.21 -0.99
N ALA B 132 -42.92 22.23 -1.89
CA ALA B 132 -42.21 21.02 -2.26
C ALA B 132 -41.47 20.43 -1.06
N SER B 133 -40.78 21.29 -0.31
CA SER B 133 -40.04 20.84 0.87
C SER B 133 -40.98 20.29 1.92
N LEU B 134 -42.11 20.97 2.14
CA LEU B 134 -43.09 20.50 3.12
C LEU B 134 -43.66 19.15 2.72
N ALA B 135 -43.97 18.97 1.43
CA ALA B 135 -44.49 17.69 0.96
C ALA B 135 -43.44 16.59 1.12
N VAL B 136 -42.17 16.90 0.82
CA VAL B 136 -41.11 15.92 0.97
C VAL B 136 -40.94 15.52 2.43
N ALA B 137 -40.99 16.50 3.33
CA ALA B 137 -40.85 16.20 4.76
C ALA B 137 -42.04 15.40 5.27
N GLU B 138 -43.24 15.68 4.76
CA GLU B 138 -44.41 14.92 5.16
C GLU B 138 -44.33 13.48 4.65
N ALA B 139 -43.93 13.29 3.40
CA ALA B 139 -43.85 11.97 2.78
C ALA B 139 -42.49 11.79 2.13
N PRO B 140 -41.46 11.46 2.92
CA PRO B 140 -40.13 11.26 2.34
C PRO B 140 -40.11 10.06 1.40
N ALA B 141 -39.31 10.18 0.34
CA ALA B 141 -39.04 9.09 -0.59
C ALA B 141 -40.29 8.60 -1.31
N LYS B 142 -41.41 9.30 -1.17
CA LYS B 142 -42.67 8.88 -1.75
C LYS B 142 -43.36 9.95 -2.59
N ALA B 143 -42.91 11.19 -2.55
CA ALA B 143 -43.52 12.26 -3.33
C ALA B 143 -42.61 12.73 -4.45
N TYR B 144 -41.41 13.21 -4.11
CA TYR B 144 -40.39 13.62 -5.07
C TYR B 144 -39.06 13.16 -4.48
N ASN B 145 -38.62 11.96 -4.85
CA ASN B 145 -37.48 11.35 -4.15
C ASN B 145 -36.20 12.16 -4.30
N PRO B 146 -35.77 12.56 -5.51
CA PRO B 146 -34.75 13.61 -5.60
C PRO B 146 -35.40 14.98 -5.69
N LEU B 147 -35.02 15.87 -4.76
CA LEU B 147 -35.53 17.22 -4.72
C LEU B 147 -34.35 18.18 -4.83
N PHE B 148 -34.47 19.17 -5.72
CA PHE B 148 -33.34 20.04 -6.07
C PHE B 148 -33.79 21.49 -5.96
N ILE B 149 -33.35 22.18 -4.91
CA ILE B 149 -33.68 23.57 -4.69
C ILE B 149 -32.47 24.42 -5.06
N TYR B 150 -32.68 25.42 -5.91
CA TYR B 150 -31.61 26.33 -6.31
C TYR B 150 -32.10 27.76 -6.27
N GLY B 151 -31.17 28.68 -6.06
CA GLY B 151 -31.53 30.08 -5.98
C GLY B 151 -30.33 30.96 -5.72
N GLY B 152 -30.62 32.19 -5.31
CA GLY B 152 -29.58 33.13 -4.95
C GLY B 152 -29.06 32.89 -3.55
N VAL B 153 -28.13 33.75 -3.16
CA VAL B 153 -27.51 33.64 -1.85
C VAL B 153 -28.37 34.37 -0.83
N GLY B 154 -28.38 33.85 0.40
CA GLY B 154 -29.20 34.46 1.44
C GLY B 154 -30.67 34.43 1.15
N LEU B 155 -31.15 33.39 0.46
CA LEU B 155 -32.53 33.30 0.04
C LEU B 155 -33.33 32.21 0.72
N GLY B 156 -32.69 31.33 1.49
CA GLY B 156 -33.44 30.40 2.32
C GLY B 156 -33.42 28.95 1.90
N LYS B 157 -32.29 28.48 1.38
CA LYS B 157 -32.16 27.07 1.01
C LYS B 157 -31.74 26.20 2.19
N THR B 158 -30.71 26.60 2.92
CA THR B 158 -30.32 25.86 4.11
C THR B 158 -31.40 25.94 5.18
N HIS B 159 -32.13 27.05 5.24
CA HIS B 159 -33.28 27.13 6.13
C HIS B 159 -34.28 26.02 5.83
N LEU B 160 -34.59 25.82 4.56
CA LEU B 160 -35.54 24.77 4.18
C LEU B 160 -34.96 23.38 4.42
N MET B 161 -33.66 23.20 4.17
CA MET B 161 -33.05 21.89 4.41
C MET B 161 -33.12 21.52 5.89
N HIS B 162 -32.74 22.45 6.76
CA HIS B 162 -32.82 22.19 8.19
C HIS B 162 -34.26 22.02 8.65
N ALA B 163 -35.20 22.75 8.03
CA ALA B 163 -36.60 22.58 8.39
C ALA B 163 -37.11 21.19 8.04
N ILE B 164 -36.74 20.69 6.85
CA ILE B 164 -37.12 19.33 6.46
C ILE B 164 -36.50 18.32 7.41
N GLY B 165 -35.22 18.50 7.74
CA GLY B 165 -34.59 17.61 8.69
C GLY B 165 -35.31 17.58 10.02
N HIS B 166 -35.68 18.75 10.54
CA HIS B 166 -36.39 18.81 11.81
C HIS B 166 -37.74 18.12 11.72
N TYR B 167 -38.48 18.35 10.64
CA TYR B 167 -39.80 17.73 10.51
C TYR B 167 -39.69 16.22 10.47
N VAL B 168 -38.74 15.71 9.68
CA VAL B 168 -38.60 14.26 9.54
C VAL B 168 -38.12 13.63 10.85
N ILE B 169 -37.19 14.31 11.54
CA ILE B 169 -36.71 13.77 12.81
C ILE B 169 -37.82 13.76 13.85
N ASP B 170 -38.60 14.85 13.93
CA ASP B 170 -39.65 14.93 14.93
C ASP B 170 -40.76 13.94 14.66
N HIS B 171 -41.13 13.76 13.40
CA HIS B 171 -42.21 12.84 13.05
C HIS B 171 -41.73 11.39 12.90
N ASN B 172 -40.43 11.15 13.04
CA ASN B 172 -39.89 9.79 13.01
C ASN B 172 -38.58 9.80 13.77
N PRO B 173 -38.63 9.58 15.09
CA PRO B 173 -37.39 9.60 15.89
C PRO B 173 -36.41 8.52 15.49
N SER B 174 -36.86 7.44 14.85
CA SER B 174 -36.00 6.32 14.50
C SER B 174 -35.38 6.44 13.11
N ALA B 175 -35.60 7.54 12.41
CA ALA B 175 -35.06 7.74 11.07
C ALA B 175 -33.71 8.43 11.11
N LYS B 176 -32.81 8.00 10.23
CA LYS B 176 -31.46 8.55 10.14
C LYS B 176 -31.46 9.67 9.12
N VAL B 177 -31.47 10.91 9.61
CA VAL B 177 -31.42 12.10 8.76
C VAL B 177 -30.03 12.70 8.88
N VAL B 178 -29.36 12.87 7.75
CA VAL B 178 -27.98 13.39 7.74
C VAL B 178 -27.93 14.61 6.85
N TYR B 179 -27.48 15.73 7.43
CA TYR B 179 -27.27 16.98 6.70
C TYR B 179 -25.77 17.25 6.61
N LEU B 180 -25.32 17.65 5.42
CA LEU B 180 -23.93 18.04 5.25
C LEU B 180 -23.83 18.94 4.04
N SER B 181 -22.71 19.64 3.95
CA SER B 181 -22.39 20.45 2.79
C SER B 181 -21.42 19.70 1.88
N SER B 182 -21.29 20.19 0.66
CA SER B 182 -20.47 19.50 -0.33
C SER B 182 -19.02 19.42 0.11
N GLU B 183 -18.47 20.51 0.65
CA GLU B 183 -17.06 20.51 1.04
C GLU B 183 -16.80 19.53 2.16
N LYS B 184 -17.75 19.37 3.08
CA LYS B 184 -17.60 18.34 4.10
C LYS B 184 -17.59 16.94 3.47
N PHE B 185 -18.44 16.72 2.48
CA PHE B 185 -18.46 15.43 1.78
C PHE B 185 -17.11 15.15 1.11
N THR B 186 -16.55 16.15 0.42
CA THR B 186 -15.27 15.94 -0.25
C THR B 186 -14.15 15.72 0.77
N ASN B 187 -14.13 16.52 1.83
CA ASN B 187 -13.10 16.36 2.85
C ASN B 187 -13.14 14.97 3.46
N GLU B 188 -14.34 14.51 3.85
CA GLU B 188 -14.45 13.21 4.47
C GLU B 188 -14.13 12.09 3.47
N PHE B 189 -14.51 12.26 2.21
CA PHE B 189 -14.20 11.25 1.19
C PHE B 189 -12.70 11.09 1.03
N ILE B 190 -11.99 12.21 0.87
CA ILE B 190 -10.54 12.14 0.65
C ILE B 190 -9.83 11.66 1.90
N ASN B 191 -10.30 12.07 3.08
CA ASN B 191 -9.71 11.57 4.32
C ASN B 191 -9.88 10.07 4.42
N SER B 192 -11.06 9.55 4.07
CA SER B 192 -11.27 8.12 4.09
C SER B 192 -10.38 7.41 3.09
N ILE B 193 -10.17 8.00 1.92
CA ILE B 193 -9.28 7.40 0.93
C ILE B 193 -7.87 7.28 1.50
N ARG B 194 -7.39 8.35 2.14
CA ARG B 194 -6.05 8.33 2.70
C ARG B 194 -5.93 7.35 3.87
N ASP B 195 -6.96 7.27 4.71
CA ASP B 195 -6.93 6.45 5.92
C ASP B 195 -7.43 5.03 5.70
N ASN B 196 -7.78 4.66 4.48
CA ASN B 196 -8.25 3.33 4.12
C ASN B 196 -9.56 2.96 4.81
N LYS B 197 -10.28 3.94 5.35
CA LYS B 197 -11.58 3.71 5.97
C LYS B 197 -12.71 4.06 5.00
N ALA B 198 -12.46 3.85 3.70
CA ALA B 198 -13.49 4.10 2.70
C ALA B 198 -14.70 3.23 2.92
N VAL B 199 -14.51 2.03 3.46
CA VAL B 199 -15.64 1.18 3.82
C VAL B 199 -16.50 1.87 4.86
N ASP B 200 -15.87 2.48 5.87
CA ASP B 200 -16.61 3.21 6.89
C ASP B 200 -17.35 4.39 6.28
N PHE B 201 -16.70 5.11 5.36
CA PHE B 201 -17.35 6.24 4.69
C PHE B 201 -18.60 5.77 3.94
N ARG B 202 -18.47 4.69 3.17
CA ARG B 202 -19.61 4.17 2.43
C ARG B 202 -20.72 3.72 3.36
N ASN B 203 -20.37 2.99 4.42
CA ASN B 203 -21.40 2.52 5.34
C ASN B 203 -22.08 3.67 6.06
N ARG B 204 -21.36 4.78 6.26
CA ARG B 204 -21.98 5.94 6.89
C ARG B 204 -22.95 6.63 5.95
N TYR B 205 -22.56 6.83 4.69
CA TYR B 205 -23.34 7.71 3.82
C TYR B 205 -24.30 6.99 2.87
N ARG B 206 -24.25 5.67 2.78
CA ARG B 206 -25.16 4.93 1.92
C ARG B 206 -26.35 4.36 2.68
N ASN B 207 -26.45 4.60 3.99
CA ASN B 207 -27.47 3.97 4.84
C ASN B 207 -28.23 5.01 5.64
N VAL B 208 -28.67 6.07 4.98
CA VAL B 208 -29.40 7.16 5.61
C VAL B 208 -30.79 7.23 5.00
N ASP B 209 -31.81 7.37 5.86
CA ASP B 209 -33.18 7.51 5.37
C ASP B 209 -33.35 8.80 4.58
N VAL B 210 -32.77 9.89 5.08
CA VAL B 210 -32.85 11.21 4.43
C VAL B 210 -31.45 11.80 4.36
N LEU B 211 -31.05 12.18 3.15
CA LEU B 211 -29.79 12.87 2.92
C LEU B 211 -30.09 14.30 2.49
N LEU B 212 -29.35 15.25 3.08
CA LEU B 212 -29.54 16.68 2.80
C LEU B 212 -28.16 17.26 2.49
N ILE B 213 -27.83 17.38 1.21
CA ILE B 213 -26.49 17.81 0.80
C ILE B 213 -26.58 19.21 0.20
N ASP B 214 -25.72 20.10 0.68
CA ASP B 214 -25.81 21.53 0.44
C ASP B 214 -24.75 21.97 -0.55
N ASP B 215 -25.16 22.85 -1.48
CA ASP B 215 -24.26 23.58 -2.36
C ASP B 215 -23.48 22.61 -3.28
N ILE B 216 -24.25 21.75 -3.94
CA ILE B 216 -23.66 20.67 -4.74
C ILE B 216 -22.75 21.18 -5.84
N GLN B 217 -22.89 22.46 -6.22
CA GLN B 217 -22.02 23.05 -7.23
C GLN B 217 -20.56 22.96 -6.85
N PHE B 218 -20.24 22.88 -5.55
CA PHE B 218 -18.85 22.78 -5.15
C PHE B 218 -18.17 21.57 -5.75
N LEU B 219 -18.93 20.54 -6.15
CA LEU B 219 -18.31 19.36 -6.73
C LEU B 219 -17.76 19.61 -8.14
N ALA B 220 -18.04 20.76 -8.73
CA ALA B 220 -17.52 21.04 -10.06
C ALA B 220 -16.00 21.11 -10.04
N GLY B 221 -15.35 20.20 -10.77
CA GLY B 221 -13.91 20.09 -10.77
C GLY B 221 -13.35 19.02 -9.88
N LYS B 222 -14.20 18.27 -9.17
CA LYS B 222 -13.80 17.19 -8.28
C LYS B 222 -14.36 15.91 -8.88
N GLU B 223 -13.60 15.26 -9.75
CA GLU B 223 -14.14 14.15 -10.53
C GLU B 223 -14.37 12.90 -9.67
N GLN B 224 -13.41 12.55 -8.82
CA GLN B 224 -13.58 11.38 -7.97
C GLN B 224 -14.71 11.56 -6.97
N THR B 225 -14.83 12.76 -6.39
CA THR B 225 -15.93 13.02 -5.48
C THR B 225 -17.26 13.04 -6.23
N GLN B 226 -17.27 13.48 -7.48
CA GLN B 226 -18.47 13.39 -8.29
C GLN B 226 -18.87 11.94 -8.52
N GLU B 227 -17.90 11.07 -8.79
CA GLU B 227 -18.21 9.64 -8.91
C GLU B 227 -18.75 9.07 -7.62
N GLU B 228 -18.13 9.43 -6.48
CA GLU B 228 -18.58 8.90 -5.20
C GLU B 228 -19.99 9.36 -4.88
N PHE B 229 -20.30 10.63 -5.15
CA PHE B 229 -21.66 11.12 -4.94
C PHE B 229 -22.63 10.50 -5.92
N PHE B 230 -22.18 10.22 -7.14
CA PHE B 230 -23.03 9.53 -8.11
C PHE B 230 -23.46 8.17 -7.56
N HIS B 231 -22.50 7.41 -7.06
CA HIS B 231 -22.81 6.08 -6.54
C HIS B 231 -23.63 6.15 -5.25
N THR B 232 -23.37 7.13 -4.40
CA THR B 232 -24.17 7.32 -3.19
C THR B 232 -25.62 7.65 -3.54
N PHE B 233 -25.80 8.57 -4.49
CA PHE B 233 -27.13 8.89 -5.00
C PHE B 233 -27.83 7.64 -5.51
N ASN B 234 -27.13 6.86 -6.32
CA ASN B 234 -27.73 5.65 -6.90
C ASN B 234 -28.17 4.69 -5.81
N THR B 235 -27.29 4.44 -4.83
CA THR B 235 -27.65 3.51 -3.76
C THR B 235 -28.85 4.00 -2.97
N LEU B 236 -28.83 5.27 -2.56
CA LEU B 236 -29.93 5.80 -1.77
C LEU B 236 -31.25 5.78 -2.55
N HIS B 237 -31.21 6.09 -3.84
CA HIS B 237 -32.44 6.08 -4.62
C HIS B 237 -32.95 4.66 -4.83
N GLU B 238 -32.03 3.70 -5.03
CA GLU B 238 -32.45 2.30 -5.14
C GLU B 238 -33.13 1.83 -3.88
N GLU B 239 -32.58 2.18 -2.71
CA GLU B 239 -33.14 1.74 -1.44
C GLU B 239 -34.30 2.62 -0.96
N SER B 240 -34.91 3.41 -1.85
CA SER B 240 -36.06 4.26 -1.53
C SER B 240 -35.74 5.18 -0.35
N LYS B 241 -34.60 5.86 -0.43
CA LYS B 241 -34.22 6.86 0.55
C LYS B 241 -34.30 8.25 -0.06
N GLN B 242 -34.71 9.22 0.75
CA GLN B 242 -34.94 10.58 0.27
C GLN B 242 -33.63 11.33 0.13
N ILE B 243 -33.49 12.06 -0.98
CA ILE B 243 -32.30 12.83 -1.29
C ILE B 243 -32.72 14.25 -1.59
N VAL B 244 -32.13 15.23 -0.89
CA VAL B 244 -32.36 16.63 -1.15
C VAL B 244 -31.03 17.29 -1.45
N ILE B 245 -30.97 18.03 -2.55
CA ILE B 245 -29.75 18.61 -3.08
C ILE B 245 -29.95 20.11 -3.21
N SER B 246 -28.96 20.88 -2.76
CA SER B 246 -29.05 22.33 -2.82
C SER B 246 -27.91 22.89 -3.65
N SER B 247 -28.18 24.01 -4.30
CA SER B 247 -27.21 24.66 -5.18
C SER B 247 -27.66 26.09 -5.41
N ASP B 248 -26.85 26.85 -6.14
CA ASP B 248 -27.23 28.20 -6.51
C ASP B 248 -27.66 28.33 -7.97
N ARG B 249 -27.26 27.41 -8.83
CA ARG B 249 -27.63 27.43 -10.23
C ARG B 249 -28.16 26.07 -10.65
N PRO B 250 -29.06 26.03 -11.63
CA PRO B 250 -29.67 24.75 -12.04
C PRO B 250 -28.61 23.79 -12.58
N PRO B 251 -28.90 22.49 -12.58
CA PRO B 251 -27.89 21.51 -13.03
C PRO B 251 -27.51 21.67 -14.49
N LYS B 252 -28.27 22.42 -15.28
CA LYS B 252 -27.89 22.66 -16.67
C LYS B 252 -26.61 23.48 -16.77
N GLU B 253 -26.36 24.37 -15.82
CA GLU B 253 -25.24 25.30 -15.91
C GLU B 253 -24.20 25.11 -14.81
N ILE B 254 -24.20 23.98 -14.12
CA ILE B 254 -23.09 23.65 -13.22
C ILE B 254 -21.98 23.08 -14.09
N PRO B 255 -20.83 23.74 -14.19
CA PRO B 255 -19.80 23.30 -15.14
C PRO B 255 -19.16 21.99 -14.71
N THR B 256 -18.64 21.28 -15.72
CA THR B 256 -17.88 20.04 -15.52
C THR B 256 -18.65 19.04 -14.68
N LEU B 257 -19.93 18.88 -15.01
CA LEU B 257 -20.79 17.91 -14.35
C LEU B 257 -21.13 16.80 -15.36
N GLU B 258 -20.89 15.56 -14.96
CA GLU B 258 -21.13 14.43 -15.85
C GLU B 258 -22.61 14.33 -16.19
N ASP B 259 -22.90 13.93 -17.44
CA ASP B 259 -24.28 13.86 -17.91
C ASP B 259 -25.11 12.88 -17.11
N ARG B 260 -24.52 11.81 -16.59
CA ARG B 260 -25.25 10.88 -15.74
C ARG B 260 -25.74 11.58 -14.48
N LEU B 261 -24.87 12.34 -13.82
CA LEU B 261 -25.26 13.01 -12.59
C LEU B 261 -26.24 14.14 -12.88
N ARG B 262 -26.06 14.82 -14.01
CA ARG B 262 -27.02 15.86 -14.39
C ARG B 262 -28.40 15.27 -14.64
N SER B 263 -28.47 14.13 -15.32
CA SER B 263 -29.75 13.47 -15.57
C SER B 263 -30.38 12.98 -14.28
N ARG B 264 -29.58 12.52 -13.33
CA ARG B 264 -30.10 12.21 -12.00
C ARG B 264 -30.66 13.46 -11.31
N PHE B 265 -29.96 14.59 -11.43
CA PHE B 265 -30.42 15.82 -10.78
C PHE B 265 -31.75 16.29 -11.37
N GLU B 266 -31.90 16.17 -12.69
CA GLU B 266 -33.09 16.60 -13.39
C GLU B 266 -34.25 15.61 -13.27
N TRP B 267 -34.02 14.45 -12.66
CA TRP B 267 -35.02 13.39 -12.62
C TRP B 267 -36.24 13.80 -11.80
N GLY B 268 -36.03 14.31 -10.59
CA GLY B 268 -37.12 14.58 -9.69
C GLY B 268 -37.76 15.94 -9.85
N LEU B 269 -37.87 16.70 -8.76
CA LEU B 269 -38.50 18.01 -8.79
C LEU B 269 -37.45 19.09 -8.52
N ILE B 270 -37.31 20.01 -9.48
CA ILE B 270 -36.39 21.13 -9.38
C ILE B 270 -37.21 22.39 -9.12
N THR B 271 -36.87 23.10 -8.05
CA THR B 271 -37.55 24.31 -7.64
C THR B 271 -36.53 25.40 -7.39
N ASP B 272 -36.99 26.65 -7.46
CA ASP B 272 -36.13 27.81 -7.36
C ASP B 272 -36.63 28.77 -6.30
N ILE B 273 -35.69 29.50 -5.71
CA ILE B 273 -35.96 30.58 -4.78
C ILE B 273 -35.58 31.88 -5.46
N THR B 274 -36.49 32.85 -5.46
CA THR B 274 -36.22 34.15 -6.06
C THR B 274 -36.18 35.22 -4.97
N PRO B 275 -35.51 36.34 -5.23
CA PRO B 275 -35.34 37.38 -4.19
C PRO B 275 -36.67 37.78 -3.59
N PRO B 276 -36.67 38.16 -2.31
CA PRO B 276 -37.94 38.41 -1.62
C PRO B 276 -38.62 39.70 -2.07
N ASP B 277 -39.93 39.71 -1.93
CA ASP B 277 -40.78 40.88 -2.16
C ASP B 277 -40.65 41.84 -0.98
N LEU B 278 -41.12 43.07 -1.19
CA LEU B 278 -41.10 44.06 -0.11
C LEU B 278 -41.98 43.63 1.06
N GLU B 279 -43.18 43.13 0.75
CA GLU B 279 -44.09 42.70 1.80
C GLU B 279 -43.50 41.57 2.62
N THR B 280 -42.90 40.59 1.96
CA THR B 280 -42.32 39.48 2.71
C THR B 280 -41.01 39.86 3.40
N ARG B 281 -40.28 40.86 2.89
CA ARG B 281 -39.15 41.37 3.65
C ARG B 281 -39.63 42.01 4.95
N ILE B 282 -40.70 42.79 4.88
CA ILE B 282 -41.28 43.36 6.09
C ILE B 282 -41.74 42.26 7.03
N ALA B 283 -42.33 41.19 6.48
CA ALA B 283 -42.76 40.07 7.31
C ALA B 283 -41.57 39.36 7.96
N ILE B 284 -40.47 39.21 7.24
CA ILE B 284 -39.26 38.63 7.81
C ILE B 284 -38.72 39.50 8.93
N LEU B 285 -38.73 40.82 8.73
CA LEU B 285 -38.32 41.74 9.78
C LEU B 285 -39.19 41.59 11.02
N ARG B 286 -40.52 41.49 10.82
CA ARG B 286 -41.42 41.30 11.95
C ARG B 286 -41.13 39.99 12.66
N LYS B 287 -40.92 38.91 11.92
CA LYS B 287 -40.67 37.62 12.52
C LYS B 287 -39.38 37.63 13.34
N LYS B 288 -38.32 38.22 12.78
CA LYS B 288 -37.06 38.30 13.50
C LYS B 288 -37.20 39.16 14.76
N ALA B 289 -37.91 40.28 14.66
CA ALA B 289 -38.11 41.13 15.82
C ALA B 289 -38.88 40.40 16.92
N LYS B 290 -39.93 39.67 16.55
CA LYS B 290 -40.66 38.88 17.53
C LYS B 290 -39.78 37.81 18.15
N ALA B 291 -38.95 37.15 17.33
CA ALA B 291 -38.09 36.10 17.84
C ALA B 291 -37.09 36.64 18.85
N GLU B 292 -36.50 37.79 18.58
CA GLU B 292 -35.56 38.36 19.54
C GLU B 292 -36.26 39.17 20.62
N GLY B 293 -37.58 39.31 20.56
CA GLY B 293 -38.37 39.85 21.65
C GLY B 293 -38.19 41.30 22.03
N LEU B 294 -38.14 42.20 21.04
CA LEU B 294 -38.32 43.62 21.31
C LEU B 294 -39.17 44.23 20.20
N ASP B 295 -39.85 45.32 20.53
CA ASP B 295 -40.82 45.94 19.64
C ASP B 295 -40.19 47.09 18.87
N ILE B 296 -40.47 47.15 17.57
CA ILE B 296 -40.01 48.25 16.72
C ILE B 296 -41.22 48.82 15.98
N PRO B 297 -41.36 50.14 15.91
CA PRO B 297 -42.47 50.72 15.16
C PRO B 297 -42.38 50.37 13.68
N ASN B 298 -43.55 50.36 13.03
CA ASN B 298 -43.65 49.84 11.67
C ASN B 298 -42.81 50.63 10.68
N GLU B 299 -42.76 51.95 10.84
CA GLU B 299 -42.09 52.78 9.84
C GLU B 299 -40.59 52.49 9.78
N VAL B 300 -39.99 52.12 10.91
CA VAL B 300 -38.56 51.77 10.90
C VAL B 300 -38.31 50.55 10.03
N MET B 301 -39.13 49.51 10.24
CA MET B 301 -38.98 48.29 9.45
C MET B 301 -39.28 48.56 7.98
N LEU B 302 -40.27 49.40 7.69
CA LEU B 302 -40.56 49.75 6.30
C LEU B 302 -39.38 50.47 5.67
N TYR B 303 -38.77 51.40 6.39
CA TYR B 303 -37.61 52.11 5.88
C TYR B 303 -36.45 51.17 5.61
N ILE B 304 -36.17 50.26 6.54
CA ILE B 304 -35.08 49.31 6.36
C ILE B 304 -35.37 48.40 5.17
N ALA B 305 -36.59 47.88 5.07
CA ALA B 305 -36.94 46.99 3.97
C ALA B 305 -36.83 47.69 2.62
N ASN B 306 -37.31 48.93 2.54
CA ASN B 306 -37.20 49.67 1.28
C ASN B 306 -35.76 49.94 0.91
N GLN B 307 -34.92 50.29 1.90
CA GLN B 307 -33.55 50.68 1.58
C GLN B 307 -32.65 49.49 1.28
N ILE B 308 -32.88 48.35 1.92
CA ILE B 308 -32.02 47.17 1.77
C ILE B 308 -32.78 46.12 0.98
N ASP B 309 -32.30 45.80 -0.24
CA ASP B 309 -32.86 44.70 -1.02
C ASP B 309 -31.74 43.94 -1.74
N SER B 310 -31.11 43.01 -1.03
CA SER B 310 -30.27 42.00 -1.65
C SER B 310 -30.67 40.58 -1.30
N ASN B 311 -30.84 40.29 -0.01
CA ASN B 311 -31.17 38.96 0.51
C ASN B 311 -31.47 39.12 1.99
N ILE B 312 -31.77 38.02 2.69
CA ILE B 312 -32.17 38.14 4.09
C ILE B 312 -30.98 38.57 4.95
N ARG B 313 -29.78 38.19 4.54
CA ARG B 313 -28.61 38.40 5.41
C ARG B 313 -28.33 39.88 5.63
N GLU B 314 -28.38 40.69 4.58
CA GLU B 314 -28.20 42.13 4.76
C GLU B 314 -29.32 42.73 5.57
N LEU B 315 -30.55 42.22 5.40
CA LEU B 315 -31.68 42.72 6.18
C LEU B 315 -31.48 42.43 7.66
N GLU B 316 -31.03 41.23 7.98
CA GLU B 316 -30.75 40.86 9.37
C GLU B 316 -29.61 41.69 9.94
N GLY B 317 -28.56 41.91 9.15
CA GLY B 317 -27.47 42.75 9.60
C GLY B 317 -27.94 44.17 9.89
N ALA B 318 -28.79 44.72 9.02
CA ALA B 318 -29.31 46.06 9.25
C ALA B 318 -30.16 46.12 10.52
N LEU B 319 -31.01 45.12 10.74
CA LEU B 319 -31.81 45.10 11.96
C LEU B 319 -30.93 45.01 13.20
N ILE B 320 -29.90 44.17 13.16
CA ILE B 320 -29.02 44.02 14.32
C ILE B 320 -28.29 45.34 14.58
N ARG B 321 -27.80 45.99 13.53
CA ARG B 321 -27.10 47.25 13.71
C ARG B 321 -28.02 48.31 14.27
N VAL B 322 -29.26 48.38 13.79
CA VAL B 322 -30.22 49.37 14.30
C VAL B 322 -30.49 49.13 15.78
N VAL B 323 -30.77 47.88 16.14
CA VAL B 323 -31.07 47.56 17.54
C VAL B 323 -29.88 47.89 18.43
N ALA B 324 -28.67 47.51 17.99
CA ALA B 324 -27.49 47.75 18.80
C ALA B 324 -27.20 49.24 18.96
N TYR B 325 -27.34 50.01 17.89
CA TYR B 325 -27.11 51.45 18.00
C TYR B 325 -28.14 52.10 18.90
N SER B 326 -29.40 51.68 18.80
CA SER B 326 -30.42 52.20 19.70
C SER B 326 -30.11 51.87 21.15
N SER B 327 -29.67 50.64 21.41
CA SER B 327 -29.32 50.25 22.79
C SER B 327 -28.13 51.06 23.29
N LEU B 328 -27.14 51.29 22.43
CA LEU B 328 -25.99 52.10 22.81
C LEU B 328 -26.39 53.52 23.19
N ILE B 329 -27.13 54.18 22.29
CA ILE B 329 -27.52 55.57 22.55
C ILE B 329 -28.57 55.65 23.65
N ASN B 330 -29.17 54.52 24.02
CA ASN B 330 -30.22 54.45 25.05
C ASN B 330 -31.40 55.36 24.69
N LYS B 331 -31.80 55.30 23.42
CA LYS B 331 -32.93 56.06 22.91
C LYS B 331 -33.85 55.13 22.15
N ASP B 332 -35.12 55.53 22.06
CA ASP B 332 -36.11 54.70 21.38
C ASP B 332 -35.90 54.73 19.86
N ILE B 333 -36.34 53.67 19.21
CA ILE B 333 -36.08 53.48 17.79
C ILE B 333 -37.09 54.27 16.97
N ASN B 334 -36.58 55.09 16.05
CA ASN B 334 -37.43 55.86 15.13
C ASN B 334 -36.71 55.95 13.79
N ALA B 335 -37.34 56.64 12.84
CA ALA B 335 -36.80 56.71 11.48
C ALA B 335 -35.45 57.42 11.46
N ASP B 336 -35.33 58.53 12.20
CA ASP B 336 -34.08 59.28 12.19
C ASP B 336 -32.93 58.48 12.81
N LEU B 337 -33.20 57.82 13.94
CA LEU B 337 -32.18 56.97 14.55
C LEU B 337 -31.80 55.81 13.65
N ALA B 338 -32.78 55.20 12.97
CA ALA B 338 -32.47 54.13 12.04
C ALA B 338 -31.60 54.63 10.89
N ALA B 339 -31.91 55.81 10.35
CA ALA B 339 -31.10 56.37 9.28
C ALA B 339 -29.68 56.69 9.77
N GLU B 340 -29.56 57.22 10.98
CA GLU B 340 -28.24 57.53 11.52
C GLU B 340 -27.43 56.25 11.74
N ALA B 341 -28.06 55.20 12.25
CA ALA B 341 -27.36 53.94 12.44
C ALA B 341 -26.93 53.32 11.12
N LEU B 342 -27.79 53.43 10.10
CA LEU B 342 -27.53 52.84 8.79
C LEU B 342 -26.98 53.85 7.80
N LYS B 343 -26.22 54.84 8.28
CA LYS B 343 -25.69 55.85 7.37
C LYS B 343 -24.68 55.26 6.39
N ASP B 344 -23.83 54.34 6.86
CA ASP B 344 -22.78 53.77 6.04
C ASP B 344 -23.12 52.38 5.50
N ILE B 345 -24.37 51.94 5.67
CA ILE B 345 -24.82 50.65 5.15
C ILE B 345 -25.62 50.82 3.87
N SER B 349 -36.54 46.64 -7.53
CA SER B 349 -35.85 45.64 -6.73
C SER B 349 -34.86 44.84 -7.56
N LYS B 350 -33.98 45.55 -8.28
CA LYS B 350 -32.98 44.94 -9.15
C LYS B 350 -32.02 46.00 -9.67
N PRO B 351 -30.74 45.67 -9.84
CA PRO B 351 -29.80 46.61 -10.47
C PRO B 351 -30.05 46.67 -11.97
N LYS B 352 -30.67 47.74 -12.42
CA LYS B 352 -31.08 47.86 -13.82
C LYS B 352 -29.85 48.11 -14.68
N VAL B 353 -29.32 47.05 -15.28
CA VAL B 353 -28.18 47.19 -16.17
C VAL B 353 -28.59 47.92 -17.44
N ILE B 354 -27.82 48.93 -17.81
CA ILE B 354 -28.11 49.70 -19.01
C ILE B 354 -27.92 48.83 -20.25
N THR B 355 -28.58 49.21 -21.34
CA THR B 355 -28.38 48.53 -22.61
C THR B 355 -28.50 49.52 -23.76
N ILE B 356 -27.80 49.19 -24.84
CA ILE B 356 -27.66 50.13 -25.96
C ILE B 356 -29.01 50.33 -26.64
N LYS B 357 -29.81 49.27 -26.76
CA LYS B 357 -31.14 49.44 -27.32
C LYS B 357 -31.96 50.41 -26.50
N GLU B 358 -31.83 50.35 -25.17
CA GLU B 358 -32.52 51.30 -24.30
C GLU B 358 -32.04 52.72 -24.54
N ILE B 359 -30.71 52.91 -24.67
CA ILE B 359 -30.21 54.28 -24.82
C ILE B 359 -30.65 54.88 -26.16
N GLN B 360 -30.61 54.09 -27.24
CA GLN B 360 -31.08 54.63 -28.51
C GLN B 360 -32.60 54.79 -28.54
N ARG B 361 -33.34 53.93 -27.82
CA ARG B 361 -34.77 54.15 -27.71
C ARG B 361 -35.08 55.47 -27.00
N VAL B 362 -34.33 55.75 -25.93
CA VAL B 362 -34.53 57.01 -25.20
C VAL B 362 -34.22 58.20 -26.09
N VAL B 363 -33.07 58.15 -26.79
CA VAL B 363 -32.70 59.30 -27.62
C VAL B 363 -33.67 59.46 -28.79
N GLY B 364 -34.16 58.36 -29.35
CA GLY B 364 -35.12 58.45 -30.44
C GLY B 364 -36.46 59.00 -30.00
N GLN B 365 -36.93 58.60 -28.81
CA GLN B 365 -38.16 59.20 -28.28
C GLN B 365 -37.95 60.66 -27.91
N GLN B 366 -36.72 61.04 -27.57
CA GLN B 366 -36.45 62.44 -27.24
C GLN B 366 -36.40 63.31 -28.48
N PHE B 367 -35.80 62.83 -29.57
CA PHE B 367 -35.53 63.68 -30.73
C PHE B 367 -36.32 63.31 -31.98
N ASN B 368 -37.28 62.39 -31.89
CA ASN B 368 -38.17 62.03 -33.00
C ASN B 368 -37.38 61.49 -34.20
N ILE B 369 -36.67 60.38 -33.96
CA ILE B 369 -36.04 59.59 -35.01
C ILE B 369 -36.35 58.12 -34.77
N LYS B 370 -36.66 57.40 -35.84
CA LYS B 370 -37.01 55.98 -35.72
C LYS B 370 -35.79 55.15 -35.37
N LEU B 371 -36.06 53.90 -34.98
CA LEU B 371 -34.98 52.99 -34.57
C LEU B 371 -34.06 52.65 -35.74
N GLU B 372 -34.64 52.22 -36.88
CA GLU B 372 -33.82 51.74 -37.99
C GLU B 372 -32.94 52.84 -38.57
N ASP B 373 -33.44 54.08 -38.60
CA ASP B 373 -32.63 55.20 -39.07
C ASP B 373 -31.37 55.40 -38.23
N PHE B 374 -31.34 54.89 -36.99
CA PHE B 374 -30.12 54.94 -36.21
C PHE B 374 -28.96 54.23 -36.89
N LYS B 375 -29.26 53.21 -37.69
CA LYS B 375 -28.26 52.50 -38.46
C LYS B 375 -28.12 53.04 -39.87
N ALA B 376 -28.83 54.11 -40.21
CA ALA B 376 -28.77 54.65 -41.56
C ALA B 376 -27.45 55.37 -41.80
N LYS B 377 -27.17 55.61 -43.08
CA LYS B 377 -25.94 56.28 -43.50
C LYS B 377 -26.10 57.78 -43.65
N LYS B 378 -27.23 58.35 -43.26
CA LYS B 378 -27.47 59.77 -43.44
C LYS B 378 -26.50 60.58 -42.58
N ARG B 379 -25.98 61.67 -43.17
CA ARG B 379 -24.99 62.51 -42.52
C ARG B 379 -25.55 63.89 -42.15
N THR B 380 -26.88 64.03 -42.15
CA THR B 380 -27.49 65.31 -41.81
C THR B 380 -27.24 65.65 -40.35
N LYS B 381 -27.33 66.95 -40.03
CA LYS B 381 -27.08 67.40 -38.67
C LYS B 381 -28.10 66.83 -37.68
N SER B 382 -29.39 66.85 -38.05
CA SER B 382 -30.44 66.42 -37.15
C SER B 382 -30.38 64.92 -36.88
N VAL B 383 -29.61 64.17 -37.67
CA VAL B 383 -29.38 62.75 -37.44
C VAL B 383 -28.07 62.50 -36.71
N ALA B 384 -27.02 63.22 -37.11
CA ALA B 384 -25.70 63.00 -36.53
C ALA B 384 -25.63 63.47 -35.08
N PHE B 385 -26.17 64.66 -34.80
CA PHE B 385 -26.07 65.20 -33.44
C PHE B 385 -26.71 64.27 -32.40
N PRO B 386 -27.92 63.75 -32.60
CA PRO B 386 -28.39 62.70 -31.68
C PRO B 386 -27.49 61.48 -31.66
N ARG B 387 -26.93 61.09 -32.80
CA ARG B 387 -26.00 59.97 -32.82
C ARG B 387 -24.69 60.31 -32.11
N GLN B 388 -24.22 61.55 -32.25
CA GLN B 388 -23.00 61.97 -31.57
C GLN B 388 -23.19 61.96 -30.05
N ILE B 389 -24.31 62.50 -29.57
CA ILE B 389 -24.56 62.47 -28.14
C ILE B 389 -24.83 61.06 -27.66
N ALA B 390 -25.38 60.20 -28.52
CA ALA B 390 -25.52 58.79 -28.19
C ALA B 390 -24.16 58.14 -27.99
N MET B 391 -23.21 58.44 -28.88
CA MET B 391 -21.84 57.97 -28.70
C MET B 391 -21.27 58.45 -27.38
N TYR B 392 -21.46 59.74 -27.08
CA TYR B 392 -20.95 60.32 -25.85
C TYR B 392 -21.51 59.58 -24.63
N LEU B 393 -22.83 59.44 -24.55
CA LEU B 393 -23.44 58.83 -23.38
C LEU B 393 -23.11 57.34 -23.29
N SER B 394 -23.02 56.66 -24.43
CA SER B 394 -22.64 55.25 -24.42
C SER B 394 -21.25 55.07 -23.85
N ARG B 395 -20.27 55.83 -24.35
CA ARG B 395 -18.92 55.70 -23.82
C ARG B 395 -18.88 56.11 -22.35
N GLU B 396 -19.70 57.08 -21.95
CA GLU B 396 -19.72 57.50 -20.56
C GLU B 396 -20.24 56.40 -19.64
N MET B 397 -21.28 55.69 -20.05
CA MET B 397 -21.91 54.74 -19.13
C MET B 397 -21.48 53.29 -19.36
N THR B 398 -21.71 52.73 -20.55
CA THR B 398 -21.51 51.30 -20.72
C THR B 398 -20.03 50.93 -20.69
N ASP B 399 -19.75 49.69 -20.34
CA ASP B 399 -18.40 49.16 -20.31
C ASP B 399 -17.99 48.48 -21.60
N SER B 400 -18.88 48.47 -22.61
CA SER B 400 -18.56 47.84 -23.88
C SER B 400 -17.52 48.66 -24.64
N SER B 401 -16.79 47.97 -25.51
CA SER B 401 -15.74 48.63 -26.28
C SER B 401 -16.33 49.47 -27.40
N LEU B 402 -15.55 50.44 -27.87
CA LEU B 402 -15.95 51.26 -29.01
C LEU B 402 -16.18 50.40 -30.25
N PRO B 403 -15.48 49.27 -30.44
CA PRO B 403 -15.94 48.31 -31.44
C PRO B 403 -17.40 47.90 -31.27
N LYS B 404 -17.86 47.68 -30.02
CA LYS B 404 -19.26 47.35 -29.81
C LYS B 404 -20.17 48.55 -30.06
N ILE B 405 -19.70 49.74 -29.67
CA ILE B 405 -20.48 50.95 -29.91
C ILE B 405 -20.63 51.21 -31.41
N GLY B 406 -19.66 50.77 -32.21
CA GLY B 406 -19.84 50.78 -33.65
C GLY B 406 -20.64 49.62 -34.17
N GLU B 407 -20.64 48.50 -33.44
CA GLU B 407 -21.49 47.37 -33.77
C GLU B 407 -22.96 47.76 -33.72
N GLU B 408 -23.36 48.51 -32.68
CA GLU B 408 -24.76 48.81 -32.48
C GLU B 408 -25.35 49.77 -33.51
N PHE B 409 -24.51 50.43 -34.31
CA PHE B 409 -24.97 51.23 -35.45
C PHE B 409 -24.56 50.62 -36.78
N GLY B 410 -24.59 49.29 -36.86
CA GLY B 410 -24.32 48.61 -38.11
C GLY B 410 -22.93 48.83 -38.68
N GLY B 411 -21.92 48.80 -37.83
CA GLY B 411 -20.54 48.89 -38.29
C GLY B 411 -20.07 50.29 -38.63
N ARG B 412 -20.04 51.18 -37.64
CA ARG B 412 -19.42 52.49 -37.78
C ARG B 412 -18.12 52.53 -36.99
N ASP B 413 -17.19 53.36 -37.43
CA ASP B 413 -15.83 53.26 -36.95
C ASP B 413 -15.68 53.84 -35.55
N HIS B 414 -14.82 53.18 -34.75
CA HIS B 414 -14.48 53.67 -33.42
C HIS B 414 -13.88 55.07 -33.49
N THR B 415 -13.15 55.38 -34.56
CA THR B 415 -12.61 56.72 -34.72
C THR B 415 -13.71 57.75 -34.88
N THR B 416 -14.76 57.42 -35.65
CA THR B 416 -15.91 58.30 -35.74
C THR B 416 -16.60 58.44 -34.39
N VAL B 417 -16.70 57.33 -33.65
CA VAL B 417 -17.33 57.38 -32.33
C VAL B 417 -16.58 58.33 -31.41
N ILE B 418 -15.25 58.20 -31.35
CA ILE B 418 -14.47 59.05 -30.45
C ILE B 418 -14.44 60.49 -30.94
N HIS B 419 -14.44 60.71 -32.26
CA HIS B 419 -14.52 62.07 -32.77
C HIS B 419 -15.82 62.73 -32.34
N ALA B 420 -16.93 62.01 -32.46
CA ALA B 420 -18.20 62.52 -31.95
C ALA B 420 -18.14 62.75 -30.45
N HIS B 421 -17.43 61.89 -29.72
CA HIS B 421 -17.32 62.04 -28.28
C HIS B 421 -16.63 63.35 -27.90
N GLU B 422 -15.45 63.61 -28.47
CA GLU B 422 -14.78 64.87 -28.16
C GLU B 422 -15.52 66.08 -28.71
N LYS B 423 -16.22 65.93 -29.84
CA LYS B 423 -17.03 67.04 -30.33
C LYS B 423 -18.14 67.39 -29.35
N ILE B 424 -18.82 66.37 -28.81
CA ILE B 424 -19.88 66.61 -27.84
C ILE B 424 -19.30 67.17 -26.54
N SER B 425 -18.12 66.70 -26.13
CA SER B 425 -17.48 67.25 -24.94
C SER B 425 -17.17 68.73 -25.11
N LYS B 426 -16.61 69.10 -26.26
CA LYS B 426 -16.32 70.50 -26.53
C LYS B 426 -17.60 71.33 -26.60
N LEU B 427 -18.67 70.76 -27.16
CA LEU B 427 -19.94 71.47 -27.23
C LEU B 427 -20.50 71.73 -25.84
N LEU B 428 -20.57 70.68 -25.00
CA LEU B 428 -21.11 70.83 -23.66
C LEU B 428 -20.21 71.68 -22.77
N ALA B 429 -18.94 71.85 -23.14
CA ALA B 429 -18.08 72.77 -22.40
C ALA B 429 -18.58 74.21 -22.51
N ASP B 430 -19.45 74.51 -23.48
CA ASP B 430 -20.01 75.85 -23.64
C ASP B 430 -21.48 75.81 -23.99
N ASP B 431 -22.22 74.80 -23.50
CA ASP B 431 -23.64 74.67 -23.82
C ASP B 431 -24.38 74.20 -22.57
N GLU B 432 -24.92 75.16 -21.82
CA GLU B 432 -25.73 74.82 -20.66
C GLU B 432 -27.01 74.10 -21.07
N GLN B 433 -27.58 74.44 -22.23
CA GLN B 433 -28.74 73.72 -22.74
C GLN B 433 -28.41 72.26 -23.01
N LEU B 434 -27.25 72.00 -23.62
CA LEU B 434 -26.83 70.62 -23.84
C LEU B 434 -26.58 69.90 -22.53
N GLN B 435 -25.99 70.60 -21.56
CA GLN B 435 -25.79 69.98 -20.24
C GLN B 435 -27.13 69.59 -19.61
N GLN B 436 -28.12 70.48 -19.68
CA GLN B 436 -29.44 70.18 -19.13
C GLN B 436 -30.09 69.01 -19.87
N HIS B 437 -29.96 68.98 -21.20
CA HIS B 437 -30.56 67.90 -21.97
C HIS B 437 -29.90 66.56 -21.64
N VAL B 438 -28.57 66.53 -21.53
CA VAL B 438 -27.91 65.28 -21.21
C VAL B 438 -28.22 64.85 -19.77
N LYS B 439 -28.38 65.81 -18.85
CA LYS B 439 -28.78 65.45 -17.49
C LYS B 439 -30.19 64.87 -17.46
N GLU B 440 -31.10 65.44 -18.27
CA GLU B 440 -32.44 64.86 -18.38
C GLU B 440 -32.38 63.45 -18.97
N ILE B 441 -31.49 63.24 -19.94
CA ILE B 441 -31.32 61.91 -20.51
C ILE B 441 -30.83 60.93 -19.46
N LYS B 442 -29.86 61.35 -18.64
CA LYS B 442 -29.37 60.50 -17.55
C LYS B 442 -30.50 60.17 -16.57
N GLU B 443 -31.29 61.17 -16.21
CA GLU B 443 -32.41 60.94 -15.28
C GLU B 443 -33.43 59.98 -15.88
N GLN B 444 -33.71 60.11 -17.17
CA GLN B 444 -34.66 59.20 -17.82
C GLN B 444 -34.13 57.77 -17.88
N LEU B 445 -32.85 57.60 -18.20
CA LEU B 445 -32.30 56.26 -18.34
C LEU B 445 -32.09 55.60 -16.99
N LYS B 446 -31.85 56.38 -15.94
CA LYS B 446 -31.66 55.81 -14.61
C LYS B 446 -32.98 55.33 -14.02
N ASN C 109 -36.82 -7.59 -2.48
CA ASN C 109 -35.41 -7.92 -2.74
C ASN C 109 -34.68 -6.74 -3.38
N MET C 110 -33.73 -7.04 -4.27
CA MET C 110 -32.93 -6.03 -4.94
C MET C 110 -33.57 -5.51 -6.21
N LEU C 111 -34.75 -6.02 -6.58
CA LEU C 111 -35.43 -5.61 -7.80
C LEU C 111 -36.44 -4.51 -7.51
N ASN C 112 -36.90 -3.87 -8.58
CA ASN C 112 -37.79 -2.72 -8.55
C ASN C 112 -39.18 -3.13 -9.02
N PRO C 113 -40.22 -2.94 -8.20
CA PRO C 113 -41.57 -3.24 -8.68
C PRO C 113 -42.00 -2.39 -9.85
N LYS C 114 -41.51 -1.15 -9.96
CA LYS C 114 -41.89 -0.27 -11.05
C LYS C 114 -41.21 -0.61 -12.36
N TYR C 115 -40.21 -1.49 -12.34
CA TYR C 115 -39.47 -1.86 -13.54
C TYR C 115 -39.90 -3.28 -13.92
N THR C 116 -40.78 -3.38 -14.91
CA THR C 116 -41.27 -4.67 -15.37
C THR C 116 -41.64 -4.55 -16.84
N PHE C 117 -41.93 -5.71 -17.45
CA PHE C 117 -42.19 -5.74 -18.89
C PHE C 117 -43.48 -5.01 -19.24
N ASP C 118 -44.44 -4.96 -18.31
CA ASP C 118 -45.70 -4.28 -18.58
C ASP C 118 -45.51 -2.77 -18.62
N THR C 119 -44.63 -2.22 -17.79
CA THR C 119 -44.40 -0.79 -17.77
C THR C 119 -43.52 -0.31 -18.91
N PHE C 120 -42.87 -1.22 -19.63
CA PHE C 120 -41.97 -0.84 -20.70
C PHE C 120 -42.75 -0.56 -21.98
N VAL C 121 -42.55 0.63 -22.54
CA VAL C 121 -43.17 1.01 -23.80
C VAL C 121 -42.21 0.67 -24.93
N ILE C 122 -42.66 -0.17 -25.85
CA ILE C 122 -41.83 -0.68 -26.94
C ILE C 122 -41.83 0.33 -28.07
N GLY C 123 -40.64 0.63 -28.59
CA GLY C 123 -40.54 1.56 -29.70
C GLY C 123 -39.47 1.16 -30.69
N SER C 124 -39.15 2.04 -31.63
CA SER C 124 -38.16 1.70 -32.64
C SER C 124 -36.78 1.50 -32.03
N GLY C 125 -36.42 2.32 -31.05
CA GLY C 125 -35.09 2.25 -30.47
C GLY C 125 -34.89 1.20 -29.40
N ASN C 126 -35.95 0.51 -28.97
CA ASN C 126 -35.81 -0.49 -27.92
C ASN C 126 -36.61 -1.76 -28.22
N ARG C 127 -37.11 -1.90 -29.46
CA ARG C 127 -37.81 -3.13 -29.82
C ARG C 127 -36.87 -4.32 -29.86
N PHE C 128 -35.68 -4.16 -30.43
CA PHE C 128 -34.73 -5.26 -30.52
C PHE C 128 -34.26 -5.68 -29.14
N ALA C 129 -33.90 -4.71 -28.30
CA ALA C 129 -33.48 -5.00 -26.95
C ALA C 129 -34.60 -5.64 -26.15
N HIS C 130 -35.83 -5.14 -26.31
CA HIS C 130 -36.96 -5.72 -25.59
C HIS C 130 -37.20 -7.16 -26.00
N ALA C 131 -37.15 -7.44 -27.31
CA ALA C 131 -37.39 -8.80 -27.78
C ALA C 131 -36.31 -9.76 -27.31
N ALA C 132 -35.04 -9.33 -27.40
CA ALA C 132 -33.95 -10.19 -26.91
C ALA C 132 -34.08 -10.43 -25.41
N SER C 133 -34.41 -9.39 -24.65
CA SER C 133 -34.56 -9.52 -23.21
C SER C 133 -35.73 -10.43 -22.86
N LEU C 134 -36.82 -10.34 -23.61
CA LEU C 134 -37.98 -11.20 -23.36
C LEU C 134 -37.68 -12.64 -23.70
N ALA C 135 -36.91 -12.89 -24.76
CA ALA C 135 -36.47 -14.24 -25.06
C ALA C 135 -35.62 -14.80 -23.93
N VAL C 136 -34.70 -13.99 -23.42
CA VAL C 136 -33.85 -14.43 -22.31
C VAL C 136 -34.68 -14.69 -21.06
N ALA C 137 -35.71 -13.87 -20.83
CA ALA C 137 -36.56 -14.07 -19.67
C ALA C 137 -37.38 -15.35 -19.81
N GLU C 138 -37.87 -15.64 -21.02
CA GLU C 138 -38.70 -16.83 -21.21
C GLU C 138 -37.86 -18.10 -21.13
N ALA C 139 -36.65 -18.08 -21.69
CA ALA C 139 -35.75 -19.24 -21.68
C ALA C 139 -34.41 -18.83 -21.10
N PRO C 140 -34.31 -18.74 -19.78
CA PRO C 140 -33.03 -18.36 -19.16
C PRO C 140 -31.96 -19.42 -19.42
N ALA C 141 -30.75 -18.95 -19.69
CA ALA C 141 -29.53 -19.75 -19.86
C ALA C 141 -29.57 -20.66 -21.09
N LYS C 142 -30.67 -20.68 -21.84
CA LYS C 142 -30.81 -21.62 -22.95
C LYS C 142 -30.86 -20.97 -24.32
N ALA C 143 -31.28 -19.70 -24.41
CA ALA C 143 -31.40 -19.04 -25.70
C ALA C 143 -30.20 -18.16 -26.00
N TYR C 144 -29.95 -17.15 -25.16
CA TYR C 144 -28.89 -16.17 -25.37
C TYR C 144 -28.16 -16.05 -24.05
N ASN C 145 -27.14 -16.87 -23.83
CA ASN C 145 -26.62 -16.93 -22.47
C ASN C 145 -25.81 -15.68 -22.12
N PRO C 146 -24.77 -15.29 -22.89
CA PRO C 146 -24.11 -14.02 -22.60
C PRO C 146 -24.78 -12.85 -23.31
N LEU C 147 -25.88 -12.33 -22.75
CA LEU C 147 -26.60 -11.21 -23.33
C LEU C 147 -25.92 -9.92 -22.92
N PHE C 148 -25.72 -9.02 -23.87
CA PHE C 148 -25.05 -7.74 -23.64
C PHE C 148 -25.92 -6.65 -24.24
N ILE C 149 -26.29 -5.66 -23.43
CA ILE C 149 -27.13 -4.55 -23.85
C ILE C 149 -26.46 -3.24 -23.47
N TYR C 150 -26.36 -2.32 -24.41
CA TYR C 150 -25.75 -1.03 -24.17
C TYR C 150 -26.57 0.06 -24.85
N GLY C 151 -26.32 1.29 -24.43
CA GLY C 151 -27.08 2.41 -24.92
C GLY C 151 -26.64 3.69 -24.26
N GLY C 152 -27.53 4.67 -24.27
CA GLY C 152 -27.27 5.96 -23.67
C GLY C 152 -27.64 6.00 -22.21
N VAL C 153 -27.95 7.19 -21.72
CA VAL C 153 -28.35 7.41 -20.34
C VAL C 153 -29.86 7.64 -20.30
N GLY C 154 -30.53 7.02 -19.33
CA GLY C 154 -31.95 7.15 -19.20
C GLY C 154 -32.71 6.56 -20.36
N LEU C 155 -32.37 5.35 -20.77
CA LEU C 155 -33.00 4.72 -21.93
C LEU C 155 -33.77 3.46 -21.61
N GLY C 156 -33.46 2.76 -20.54
CA GLY C 156 -34.26 1.61 -20.16
C GLY C 156 -33.48 0.33 -19.89
N LYS C 157 -32.15 0.45 -19.77
CA LYS C 157 -31.32 -0.73 -19.58
C LYS C 157 -31.58 -1.39 -18.23
N THR C 158 -31.54 -0.61 -17.14
CA THR C 158 -31.82 -1.16 -15.82
C THR C 158 -33.27 -1.59 -15.70
N HIS C 159 -34.18 -0.85 -16.34
CA HIS C 159 -35.58 -1.25 -16.41
C HIS C 159 -35.71 -2.64 -17.01
N LEU C 160 -35.02 -2.88 -18.12
CA LEU C 160 -35.09 -4.18 -18.80
C LEU C 160 -34.47 -5.29 -17.95
N MET C 161 -33.36 -4.99 -17.29
CA MET C 161 -32.73 -5.99 -16.42
C MET C 161 -33.64 -6.37 -15.26
N HIS C 162 -34.27 -5.37 -14.63
CA HIS C 162 -35.19 -5.67 -13.54
C HIS C 162 -36.42 -6.42 -14.05
N ALA C 163 -36.87 -6.11 -15.26
CA ALA C 163 -37.98 -6.86 -15.85
C ALA C 163 -37.60 -8.33 -16.07
N ILE C 164 -36.38 -8.57 -16.54
CA ILE C 164 -35.91 -9.94 -16.74
C ILE C 164 -35.87 -10.67 -15.40
N GLY C 165 -35.28 -10.05 -14.39
CA GLY C 165 -35.25 -10.67 -13.07
C GLY C 165 -36.63 -10.93 -12.51
N HIS C 166 -37.55 -9.97 -12.68
CA HIS C 166 -38.91 -10.14 -12.21
C HIS C 166 -39.58 -11.31 -12.89
N TYR C 167 -39.44 -11.43 -14.21
CA TYR C 167 -40.06 -12.53 -14.92
C TYR C 167 -39.50 -13.86 -14.46
N VAL C 168 -38.18 -13.96 -14.32
CA VAL C 168 -37.58 -15.23 -13.94
C VAL C 168 -38.01 -15.63 -12.53
N ILE C 169 -37.99 -14.68 -11.59
CA ILE C 169 -38.41 -15.01 -10.23
C ILE C 169 -39.89 -15.34 -10.17
N ASP C 170 -40.71 -14.65 -10.97
CA ASP C 170 -42.15 -14.93 -10.98
C ASP C 170 -42.44 -16.33 -11.49
N HIS C 171 -41.76 -16.75 -12.56
CA HIS C 171 -42.04 -18.05 -13.15
C HIS C 171 -41.25 -19.18 -12.51
N ASN C 172 -40.27 -18.88 -11.67
CA ASN C 172 -39.39 -19.90 -11.09
C ASN C 172 -38.95 -19.46 -9.70
N PRO C 173 -39.73 -19.80 -8.68
CA PRO C 173 -39.33 -19.46 -7.31
C PRO C 173 -38.02 -20.12 -6.88
N SER C 174 -37.62 -21.20 -7.55
CA SER C 174 -36.35 -21.86 -7.27
C SER C 174 -35.21 -21.33 -8.13
N ALA C 175 -35.30 -20.08 -8.57
CA ALA C 175 -34.25 -19.43 -9.35
C ALA C 175 -33.51 -18.44 -8.48
N LYS C 176 -32.17 -18.52 -8.50
CA LYS C 176 -31.33 -17.61 -7.72
C LYS C 176 -30.83 -16.52 -8.67
N VAL C 177 -31.67 -15.51 -8.87
CA VAL C 177 -31.34 -14.36 -9.70
C VAL C 177 -30.75 -13.29 -8.79
N VAL C 178 -29.64 -12.70 -9.21
CA VAL C 178 -28.97 -11.65 -8.45
C VAL C 178 -28.68 -10.49 -9.38
N TYR C 179 -29.24 -9.33 -9.07
CA TYR C 179 -28.95 -8.09 -9.78
C TYR C 179 -27.98 -7.27 -8.96
N LEU C 180 -26.94 -6.75 -9.61
CA LEU C 180 -25.98 -5.90 -8.94
C LEU C 180 -25.33 -4.98 -9.95
N SER C 181 -24.66 -3.95 -9.44
CA SER C 181 -23.91 -3.04 -10.28
C SER C 181 -22.44 -3.45 -10.30
N SER C 182 -21.70 -2.84 -11.23
CA SER C 182 -20.26 -3.05 -11.26
C SER C 182 -19.58 -2.43 -10.05
N GLU C 183 -20.07 -1.28 -9.60
CA GLU C 183 -19.52 -0.63 -8.41
C GLU C 183 -19.70 -1.49 -7.17
N LYS C 184 -20.90 -2.06 -6.98
CA LYS C 184 -21.09 -2.94 -5.83
C LYS C 184 -20.23 -4.18 -5.95
N PHE C 185 -20.03 -4.68 -7.17
CA PHE C 185 -19.17 -5.84 -7.39
C PHE C 185 -17.75 -5.55 -6.94
N THR C 186 -17.17 -4.44 -7.41
CA THR C 186 -15.80 -4.12 -7.03
C THR C 186 -15.69 -3.84 -5.54
N ASN C 187 -16.66 -3.14 -4.97
CA ASN C 187 -16.65 -2.86 -3.54
C ASN C 187 -16.62 -4.16 -2.74
N GLU C 188 -17.54 -5.08 -3.05
CA GLU C 188 -17.61 -6.33 -2.31
C GLU C 188 -16.37 -7.18 -2.53
N PHE C 189 -15.84 -7.21 -3.76
CA PHE C 189 -14.65 -8.00 -4.04
C PHE C 189 -13.46 -7.50 -3.23
N ILE C 190 -13.23 -6.19 -3.25
CA ILE C 190 -12.08 -5.65 -2.53
C ILE C 190 -12.26 -5.80 -1.03
N ASN C 191 -13.47 -5.60 -0.53
CA ASN C 191 -13.72 -5.81 0.89
C ASN C 191 -13.48 -7.25 1.28
N SER C 192 -13.88 -8.21 0.45
CA SER C 192 -13.66 -9.61 0.76
C SER C 192 -12.17 -9.94 0.80
N ILE C 193 -11.42 -9.48 -0.20
CA ILE C 193 -10.00 -9.82 -0.22
C ILE C 193 -9.22 -9.04 0.82
N ARG C 194 -9.81 -7.97 1.37
CA ARG C 194 -9.21 -7.27 2.50
C ARG C 194 -9.55 -7.90 3.84
N ASP C 195 -10.74 -8.45 3.97
CA ASP C 195 -11.17 -9.19 5.16
C ASP C 195 -10.65 -10.62 5.18
N ASN C 196 -10.04 -11.08 4.07
CA ASN C 196 -9.66 -12.48 3.90
C ASN C 196 -10.88 -13.40 3.99
N LYS C 197 -11.97 -13.00 3.32
CA LYS C 197 -13.20 -13.77 3.23
C LYS C 197 -13.63 -13.93 1.79
N ALA C 198 -12.66 -14.18 0.90
CA ALA C 198 -12.95 -14.27 -0.53
C ALA C 198 -13.77 -15.51 -0.88
N VAL C 199 -13.66 -16.57 -0.08
CA VAL C 199 -14.37 -17.80 -0.38
C VAL C 199 -15.87 -17.57 -0.36
N ASP C 200 -16.35 -16.76 0.58
CA ASP C 200 -17.78 -16.47 0.64
C ASP C 200 -18.23 -15.58 -0.52
N PHE C 201 -17.37 -14.65 -0.96
CA PHE C 201 -17.67 -13.84 -2.14
C PHE C 201 -17.83 -14.73 -3.37
N ARG C 202 -16.90 -15.66 -3.57
CA ARG C 202 -16.99 -16.61 -4.68
C ARG C 202 -18.24 -17.47 -4.54
N ASN C 203 -18.51 -17.97 -3.34
CA ASN C 203 -19.69 -18.80 -3.12
C ASN C 203 -20.97 -18.04 -3.44
N ARG C 204 -21.00 -16.75 -3.14
CA ARG C 204 -22.18 -15.95 -3.44
C ARG C 204 -22.34 -15.75 -4.94
N TYR C 205 -21.27 -15.40 -5.64
CA TYR C 205 -21.40 -14.89 -6.99
C TYR C 205 -21.06 -15.88 -8.09
N ARG C 206 -20.75 -17.14 -7.77
CA ARG C 206 -20.69 -18.15 -8.82
C ARG C 206 -21.88 -19.10 -8.83
N ASN C 207 -22.74 -19.07 -7.82
CA ASN C 207 -23.88 -19.97 -7.74
C ASN C 207 -25.20 -19.30 -8.11
N VAL C 208 -25.15 -18.13 -8.72
CA VAL C 208 -26.36 -17.42 -9.11
C VAL C 208 -26.88 -18.00 -10.42
N ASP C 209 -28.17 -18.33 -10.47
CA ASP C 209 -28.76 -18.85 -11.70
C ASP C 209 -28.74 -17.78 -12.79
N VAL C 210 -29.05 -16.53 -12.44
CA VAL C 210 -29.00 -15.42 -13.35
C VAL C 210 -28.17 -14.31 -12.70
N LEU C 211 -27.19 -13.79 -13.42
CA LEU C 211 -26.38 -12.68 -12.96
C LEU C 211 -26.72 -11.47 -13.82
N LEU C 212 -27.24 -10.42 -13.20
CA LEU C 212 -27.60 -9.18 -13.87
C LEU C 212 -26.63 -8.11 -13.39
N ILE C 213 -25.47 -8.02 -14.04
CA ILE C 213 -24.43 -7.08 -13.64
C ILE C 213 -24.55 -5.83 -14.51
N ASP C 214 -24.52 -4.66 -13.88
CA ASP C 214 -24.88 -3.41 -14.52
C ASP C 214 -23.64 -2.56 -14.74
N ASP C 215 -23.79 -1.57 -15.63
CA ASP C 215 -22.78 -0.56 -16.01
C ASP C 215 -21.35 -1.12 -15.95
N ILE C 216 -21.15 -2.18 -16.73
CA ILE C 216 -19.90 -2.92 -16.72
C ILE C 216 -18.71 -2.05 -17.08
N GLN C 217 -18.93 -0.92 -17.75
CA GLN C 217 -17.80 -0.05 -18.09
C GLN C 217 -17.05 0.43 -16.86
N PHE C 218 -17.70 0.43 -15.69
CA PHE C 218 -16.99 0.84 -14.48
C PHE C 218 -15.78 -0.03 -14.22
N LEU C 219 -15.78 -1.27 -14.70
CA LEU C 219 -14.63 -2.15 -14.46
C LEU C 219 -13.37 -1.69 -15.17
N ALA C 220 -13.48 -0.73 -16.10
CA ALA C 220 -12.28 -0.25 -16.78
C ALA C 220 -11.31 0.38 -15.79
N GLY C 221 -10.05 -0.03 -15.86
CA GLY C 221 -9.02 0.50 -15.00
C GLY C 221 -8.74 -0.28 -13.74
N LYS C 222 -9.51 -1.32 -13.45
CA LYS C 222 -9.35 -2.14 -12.26
C LYS C 222 -8.99 -3.56 -12.71
N GLU C 223 -7.69 -3.85 -12.76
CA GLU C 223 -7.22 -5.08 -13.41
C GLU C 223 -7.63 -6.32 -12.64
N GLN C 224 -7.51 -6.31 -11.31
CA GLN C 224 -7.85 -7.50 -10.55
C GLN C 224 -9.35 -7.69 -10.41
N THR C 225 -10.12 -6.60 -10.38
CA THR C 225 -11.57 -6.74 -10.40
C THR C 225 -12.03 -7.28 -11.75
N GLN C 226 -11.38 -6.84 -12.83
CA GLN C 226 -11.67 -7.40 -14.14
C GLN C 226 -11.33 -8.89 -14.18
N GLU C 227 -10.21 -9.28 -13.58
CA GLU C 227 -9.85 -10.69 -13.54
C GLU C 227 -10.85 -11.52 -12.73
N GLU C 228 -11.30 -10.99 -11.58
CA GLU C 228 -12.30 -11.71 -10.80
C GLU C 228 -13.62 -11.83 -11.54
N PHE C 229 -14.05 -10.77 -12.23
CA PHE C 229 -15.26 -10.89 -13.04
C PHE C 229 -15.05 -11.84 -14.21
N PHE C 230 -13.84 -11.88 -14.77
CA PHE C 230 -13.53 -12.83 -15.83
C PHE C 230 -13.73 -14.26 -15.34
N HIS C 231 -13.18 -14.59 -14.18
CA HIS C 231 -13.35 -15.93 -13.63
C HIS C 231 -14.80 -16.20 -13.27
N THR C 232 -15.52 -15.19 -12.78
CA THR C 232 -16.94 -15.36 -12.47
C THR C 232 -17.73 -15.68 -13.72
N PHE C 233 -17.47 -14.95 -14.81
CA PHE C 233 -18.14 -15.22 -16.08
C PHE C 233 -17.82 -16.62 -16.58
N ASN C 234 -16.54 -17.03 -16.51
CA ASN C 234 -16.20 -18.37 -16.96
C ASN C 234 -16.92 -19.43 -16.15
N THR C 235 -16.96 -19.27 -14.82
CA THR C 235 -17.63 -20.27 -13.99
C THR C 235 -19.13 -20.30 -14.26
N LEU C 236 -19.74 -19.13 -14.44
CA LEU C 236 -21.19 -19.09 -14.61
C LEU C 236 -21.62 -19.63 -15.97
N HIS C 237 -20.87 -19.30 -17.03
CA HIS C 237 -21.19 -19.82 -18.35
C HIS C 237 -20.82 -21.29 -18.51
N GLU C 238 -19.81 -21.77 -17.80
CA GLU C 238 -19.45 -23.18 -17.87
C GLU C 238 -20.49 -24.08 -17.21
N GLU C 239 -21.40 -23.53 -16.42
CA GLU C 239 -22.44 -24.31 -15.76
C GLU C 239 -23.84 -24.00 -16.30
N SER C 240 -23.93 -23.30 -17.44
CA SER C 240 -25.20 -22.91 -18.04
C SER C 240 -26.03 -22.05 -17.09
N LYS C 241 -25.44 -20.93 -16.68
CA LYS C 241 -26.12 -19.92 -15.91
C LYS C 241 -26.23 -18.64 -16.75
N GLN C 242 -27.41 -18.02 -16.72
CA GLN C 242 -27.66 -16.86 -17.56
C GLN C 242 -26.79 -15.68 -17.11
N ILE C 243 -26.27 -14.93 -18.07
CA ILE C 243 -25.49 -13.74 -17.81
C ILE C 243 -26.04 -12.59 -18.64
N VAL C 244 -26.41 -11.51 -17.99
CA VAL C 244 -26.85 -10.29 -18.65
C VAL C 244 -25.92 -9.16 -18.24
N ILE C 245 -25.41 -8.42 -19.21
CA ILE C 245 -24.43 -7.36 -19.00
C ILE C 245 -25.00 -6.08 -19.60
N SER C 246 -24.83 -4.98 -18.89
CA SER C 246 -25.32 -3.68 -19.32
C SER C 246 -24.17 -2.69 -19.36
N SER C 247 -24.20 -1.82 -20.37
CA SER C 247 -23.12 -0.85 -20.52
C SER C 247 -23.68 0.40 -21.17
N ASP C 248 -22.85 1.45 -21.18
CA ASP C 248 -23.16 2.67 -21.90
C ASP C 248 -22.50 2.74 -23.26
N ARG C 249 -21.58 1.84 -23.55
CA ARG C 249 -20.84 1.82 -24.81
C ARG C 249 -20.65 0.38 -25.25
N PRO C 250 -20.47 0.13 -26.54
CA PRO C 250 -20.27 -1.24 -27.01
C PRO C 250 -18.99 -1.81 -26.46
N PRO C 251 -18.91 -3.13 -26.29
CA PRO C 251 -17.75 -3.74 -25.61
C PRO C 251 -16.43 -3.40 -26.26
N LYS C 252 -16.44 -3.10 -27.56
CA LYS C 252 -15.19 -2.80 -28.25
C LYS C 252 -14.52 -1.56 -27.66
N GLU C 253 -15.31 -0.56 -27.29
CA GLU C 253 -14.73 0.73 -26.92
C GLU C 253 -14.65 0.94 -25.41
N ILE C 254 -14.85 -0.10 -24.61
CA ILE C 254 -14.58 -0.02 -23.18
C ILE C 254 -13.07 -0.09 -23.00
N PRO C 255 -12.43 0.92 -22.43
CA PRO C 255 -10.97 0.93 -22.32
C PRO C 255 -10.48 -0.07 -21.29
N THR C 256 -9.20 -0.43 -21.44
CA THR C 256 -8.48 -1.29 -20.50
C THR C 256 -9.25 -2.58 -20.20
N LEU C 257 -9.87 -3.14 -21.24
CA LEU C 257 -10.55 -4.42 -21.17
C LEU C 257 -9.73 -5.45 -21.93
N GLU C 258 -9.47 -6.59 -21.30
CA GLU C 258 -8.65 -7.58 -21.96
C GLU C 258 -9.42 -8.27 -23.08
N ASP C 259 -8.65 -8.84 -24.02
CA ASP C 259 -9.26 -9.55 -25.14
C ASP C 259 -10.13 -10.70 -24.67
N ARG C 260 -9.74 -11.38 -23.60
CA ARG C 260 -10.53 -12.49 -23.08
C ARG C 260 -11.90 -12.01 -22.62
N LEU C 261 -11.94 -10.99 -21.76
CA LEU C 261 -13.20 -10.53 -21.23
C LEU C 261 -14.07 -9.92 -22.33
N ARG C 262 -13.45 -9.17 -23.24
CA ARG C 262 -14.20 -8.61 -24.35
C ARG C 262 -14.78 -9.71 -25.23
N SER C 263 -14.01 -10.77 -25.49
CA SER C 263 -14.51 -11.86 -26.31
C SER C 263 -15.65 -12.61 -25.63
N ARG C 264 -15.60 -12.74 -24.29
CA ARG C 264 -16.77 -13.29 -23.62
C ARG C 264 -17.97 -12.35 -23.71
N PHE C 265 -17.74 -11.04 -23.66
CA PHE C 265 -18.84 -10.10 -23.87
C PHE C 265 -19.47 -10.28 -25.24
N GLU C 266 -18.65 -10.57 -26.26
CA GLU C 266 -19.10 -10.67 -27.63
C GLU C 266 -19.54 -12.07 -28.03
N TRP C 267 -19.54 -13.03 -27.10
CA TRP C 267 -19.84 -14.41 -27.45
C TRP C 267 -21.29 -14.59 -27.90
N GLY C 268 -22.23 -13.94 -27.23
CA GLY C 268 -23.65 -14.12 -27.50
C GLY C 268 -24.24 -12.96 -28.25
N LEU C 269 -25.49 -12.65 -27.95
CA LEU C 269 -26.20 -11.56 -28.60
C LEU C 269 -25.82 -10.22 -27.99
N ILE C 270 -25.63 -9.22 -28.85
CA ILE C 270 -25.35 -7.86 -28.44
C ILE C 270 -26.42 -6.96 -29.02
N THR C 271 -27.07 -6.17 -28.17
CA THR C 271 -28.17 -5.31 -28.57
C THR C 271 -27.80 -3.86 -28.26
N ASP C 272 -28.66 -2.94 -28.69
CA ASP C 272 -28.43 -1.52 -28.53
C ASP C 272 -29.76 -0.80 -28.34
N ILE C 273 -29.73 0.30 -27.60
CA ILE C 273 -30.91 1.13 -27.37
C ILE C 273 -30.65 2.52 -27.94
N THR C 274 -31.59 3.01 -28.73
CA THR C 274 -31.55 4.31 -29.39
C THR C 274 -32.54 5.26 -28.73
N PRO C 275 -32.22 6.55 -28.65
CA PRO C 275 -33.13 7.52 -28.04
C PRO C 275 -34.50 7.47 -28.69
N PRO C 276 -35.57 7.64 -27.90
CA PRO C 276 -36.91 7.40 -28.40
C PRO C 276 -37.39 8.51 -29.33
N ASP C 277 -38.44 8.19 -30.09
CA ASP C 277 -39.06 9.14 -31.00
C ASP C 277 -40.34 9.69 -30.38
N LEU C 278 -41.03 10.54 -31.14
CA LEU C 278 -42.13 11.32 -30.57
C LEU C 278 -43.30 10.46 -30.15
N GLU C 279 -43.69 9.49 -30.98
CA GLU C 279 -44.86 8.67 -30.67
C GLU C 279 -44.64 7.88 -29.39
N THR C 280 -43.47 7.26 -29.24
CA THR C 280 -43.21 6.49 -28.03
C THR C 280 -42.92 7.39 -26.84
N ARG C 281 -42.41 8.61 -27.05
CA ARG C 281 -42.29 9.55 -25.95
C ARG C 281 -43.67 9.89 -25.38
N ILE C 282 -44.62 10.18 -26.26
CA ILE C 282 -45.98 10.46 -25.81
C ILE C 282 -46.59 9.22 -25.17
N ALA C 283 -46.28 8.04 -25.69
CA ALA C 283 -46.79 6.81 -25.10
C ALA C 283 -46.26 6.60 -23.68
N ILE C 284 -44.96 6.83 -23.49
CA ILE C 284 -44.37 6.74 -22.15
C ILE C 284 -45.02 7.74 -21.21
N LEU C 285 -45.23 8.98 -21.69
CA LEU C 285 -45.88 9.98 -20.86
C LEU C 285 -47.29 9.55 -20.46
N ARG C 286 -48.05 9.02 -21.41
CA ARG C 286 -49.41 8.55 -21.12
C ARG C 286 -49.38 7.40 -20.11
N LYS C 287 -48.45 6.47 -20.27
CA LYS C 287 -48.35 5.35 -19.35
C LYS C 287 -47.99 5.82 -17.94
N LYS C 288 -47.04 6.74 -17.84
CA LYS C 288 -46.67 7.26 -16.52
C LYS C 288 -47.83 8.00 -15.86
N ALA C 289 -48.54 8.82 -16.63
CA ALA C 289 -49.68 9.55 -16.08
C ALA C 289 -50.78 8.59 -15.64
N LYS C 290 -51.05 7.56 -16.42
CA LYS C 290 -52.12 6.61 -16.07
C LYS C 290 -51.72 5.78 -14.86
N ALA C 291 -50.44 5.43 -14.74
CA ALA C 291 -49.96 4.72 -13.56
C ALA C 291 -50.09 5.59 -12.31
N GLU C 292 -49.75 6.88 -12.44
CA GLU C 292 -49.91 7.78 -11.30
C GLU C 292 -51.38 7.96 -10.94
N GLY C 293 -52.25 8.03 -11.94
CA GLY C 293 -53.68 8.19 -11.70
C GLY C 293 -54.18 9.61 -11.78
N LEU C 294 -53.84 10.32 -12.85
CA LEU C 294 -54.35 11.66 -13.09
C LEU C 294 -54.66 11.83 -14.57
N ASP C 295 -55.71 12.58 -14.87
CA ASP C 295 -56.08 12.86 -16.26
C ASP C 295 -55.40 14.13 -16.72
N ILE C 296 -54.60 14.03 -17.77
CA ILE C 296 -53.86 15.15 -18.34
C ILE C 296 -54.25 15.26 -19.80
N PRO C 297 -54.58 16.45 -20.31
CA PRO C 297 -54.94 16.57 -21.74
C PRO C 297 -53.80 16.16 -22.65
N ASN C 298 -54.16 15.56 -23.78
CA ASN C 298 -53.16 15.07 -24.72
C ASN C 298 -52.30 16.19 -25.28
N GLU C 299 -52.83 17.41 -25.34
CA GLU C 299 -52.03 18.54 -25.80
C GLU C 299 -50.85 18.80 -24.87
N VAL C 300 -51.06 18.65 -23.56
CA VAL C 300 -49.95 18.82 -22.61
C VAL C 300 -48.88 17.77 -22.84
N MET C 301 -49.28 16.51 -23.05
CA MET C 301 -48.31 15.46 -23.31
C MET C 301 -47.55 15.72 -24.60
N LEU C 302 -48.24 16.16 -25.65
CA LEU C 302 -47.57 16.48 -26.90
C LEU C 302 -46.60 17.63 -26.70
N TYR C 303 -47.01 18.65 -25.94
CA TYR C 303 -46.14 19.80 -25.68
C TYR C 303 -44.87 19.37 -24.98
N ILE C 304 -45.00 18.60 -23.90
CA ILE C 304 -43.84 18.16 -23.13
C ILE C 304 -42.93 17.30 -23.99
N ALA C 305 -43.51 16.30 -24.67
CA ALA C 305 -42.70 15.40 -25.48
C ALA C 305 -42.00 16.14 -26.61
N ASN C 306 -42.62 17.21 -27.14
CA ASN C 306 -41.97 18.01 -28.17
C ASN C 306 -40.79 18.78 -27.59
N GLN C 307 -40.98 19.46 -26.46
CA GLN C 307 -39.99 20.41 -25.99
C GLN C 307 -39.01 19.83 -24.97
N ILE C 308 -39.06 18.52 -24.73
CA ILE C 308 -37.96 17.85 -24.02
C ILE C 308 -37.74 16.47 -24.63
N ASP C 309 -36.63 16.32 -25.35
CA ASP C 309 -36.24 15.05 -25.96
C ASP C 309 -34.77 14.80 -25.60
N SER C 310 -34.54 14.31 -24.39
CA SER C 310 -33.21 13.93 -23.95
C SER C 310 -33.14 12.46 -23.52
N ASN C 311 -34.07 12.02 -22.68
CA ASN C 311 -34.14 10.64 -22.21
C ASN C 311 -35.45 10.46 -21.45
N ILE C 312 -35.66 9.32 -20.80
CA ILE C 312 -36.82 9.28 -19.92
C ILE C 312 -36.70 10.29 -18.79
N ARG C 313 -35.50 10.50 -18.26
CA ARG C 313 -35.45 11.09 -16.94
C ARG C 313 -35.91 12.55 -16.95
N GLU C 314 -35.43 13.33 -17.92
CA GLU C 314 -35.87 14.71 -18.00
C GLU C 314 -37.32 14.81 -18.45
N LEU C 315 -37.80 13.83 -19.24
CA LEU C 315 -39.22 13.77 -19.57
C LEU C 315 -40.07 13.55 -18.31
N GLU C 316 -39.66 12.60 -17.48
CA GLU C 316 -40.37 12.36 -16.22
C GLU C 316 -40.29 13.57 -15.31
N GLY C 317 -39.13 14.21 -15.25
CA GLY C 317 -38.99 15.40 -14.43
C GLY C 317 -39.87 16.54 -14.90
N ALA C 318 -39.98 16.72 -16.22
CA ALA C 318 -40.88 17.73 -16.76
C ALA C 318 -42.32 17.44 -16.41
N LEU C 319 -42.73 16.17 -16.53
CA LEU C 319 -44.09 15.82 -16.15
C LEU C 319 -44.34 16.09 -14.66
N ILE C 320 -43.37 15.74 -13.81
CA ILE C 320 -43.51 15.97 -12.38
C ILE C 320 -43.60 17.45 -12.08
N ARG C 321 -42.76 18.26 -12.74
CA ARG C 321 -42.81 19.71 -12.52
C ARG C 321 -44.14 20.29 -12.95
N VAL C 322 -44.66 19.87 -14.11
CA VAL C 322 -45.95 20.34 -14.56
C VAL C 322 -47.03 20.01 -13.53
N VAL C 323 -47.06 18.75 -13.08
CA VAL C 323 -48.09 18.34 -12.13
C VAL C 323 -47.96 19.10 -10.81
N ALA C 324 -46.73 19.26 -10.31
CA ALA C 324 -46.53 19.93 -9.04
C ALA C 324 -46.92 21.40 -9.11
N TYR C 325 -46.49 22.10 -10.17
CA TYR C 325 -46.85 23.50 -10.33
C TYR C 325 -48.36 23.68 -10.49
N SER C 326 -49.00 22.81 -11.27
CA SER C 326 -50.44 22.90 -11.44
C SER C 326 -51.17 22.64 -10.12
N SER C 327 -50.70 21.67 -9.35
CA SER C 327 -51.30 21.40 -8.05
C SER C 327 -51.15 22.59 -7.12
N LEU C 328 -49.97 23.23 -7.14
CA LEU C 328 -49.76 24.43 -6.34
C LEU C 328 -50.72 25.54 -6.73
N ILE C 329 -50.88 25.76 -8.04
CA ILE C 329 -51.78 26.81 -8.53
C ILE C 329 -53.24 26.36 -8.52
N ASN C 330 -53.51 25.14 -8.03
CA ASN C 330 -54.83 24.51 -7.96
C ASN C 330 -55.67 24.80 -9.21
N LYS C 331 -55.03 24.66 -10.37
CA LYS C 331 -55.68 24.84 -11.66
C LYS C 331 -55.45 23.59 -12.51
N ASP C 332 -56.44 23.27 -13.34
CA ASP C 332 -56.33 22.08 -14.19
C ASP C 332 -55.23 22.25 -15.21
N ILE C 333 -54.53 21.15 -15.49
CA ILE C 333 -53.36 21.20 -16.37
C ILE C 333 -53.82 21.49 -17.80
N ASN C 334 -53.25 22.53 -18.40
CA ASN C 334 -53.48 22.86 -19.80
C ASN C 334 -52.15 23.23 -20.44
N ALA C 335 -52.19 23.54 -21.74
CA ALA C 335 -50.96 23.83 -22.46
C ALA C 335 -50.25 25.06 -21.91
N ASP C 336 -51.00 26.11 -21.57
CA ASP C 336 -50.38 27.33 -21.07
C ASP C 336 -49.78 27.14 -19.68
N LEU C 337 -50.48 26.42 -18.80
CA LEU C 337 -49.92 26.14 -17.48
C LEU C 337 -48.68 25.24 -17.59
N ALA C 338 -48.71 24.28 -18.49
CA ALA C 338 -47.50 23.48 -18.73
C ALA C 338 -46.36 24.34 -19.25
N ALA C 339 -46.66 25.28 -20.14
CA ALA C 339 -45.63 26.19 -20.64
C ALA C 339 -45.03 27.01 -19.52
N GLU C 340 -45.88 27.54 -18.63
CA GLU C 340 -45.38 28.34 -17.52
C GLU C 340 -44.59 27.49 -16.53
N ALA C 341 -44.99 26.24 -16.32
CA ALA C 341 -44.25 25.36 -15.43
C ALA C 341 -42.89 25.00 -16.01
N LEU C 342 -42.79 24.86 -17.33
CA LEU C 342 -41.54 24.52 -17.99
C LEU C 342 -40.85 25.73 -18.61
N LYS C 343 -41.16 26.94 -18.14
CA LYS C 343 -40.45 28.11 -18.65
C LYS C 343 -38.98 28.08 -18.24
N ASP C 344 -38.70 27.69 -17.02
CA ASP C 344 -37.36 27.76 -16.46
C ASP C 344 -36.50 26.54 -16.78
N ILE C 345 -37.08 25.47 -17.33
CA ILE C 345 -36.30 24.28 -17.68
C ILE C 345 -35.78 24.36 -19.10
N ILE C 346 -36.64 24.73 -20.05
CA ILE C 346 -36.23 24.81 -21.45
C ILE C 346 -35.34 26.02 -21.67
N PRO C 351 -29.94 20.58 -29.80
CA PRO C 351 -29.53 21.98 -29.79
C PRO C 351 -29.70 22.65 -31.15
N LYS C 352 -29.46 23.96 -31.22
CA LYS C 352 -29.61 24.69 -32.47
C LYS C 352 -28.56 24.26 -33.47
N VAL C 353 -28.94 24.23 -34.75
CA VAL C 353 -28.03 23.85 -35.83
C VAL C 353 -27.25 25.08 -36.26
N ILE C 354 -25.92 24.99 -36.19
CA ILE C 354 -25.07 26.11 -36.57
C ILE C 354 -25.11 26.29 -38.07
N THR C 355 -25.20 27.54 -38.52
CA THR C 355 -25.29 27.87 -39.93
C THR C 355 -24.13 28.79 -40.34
N ILE C 356 -23.57 28.51 -41.51
CA ILE C 356 -22.46 29.31 -42.02
C ILE C 356 -22.90 30.77 -42.21
N LYS C 357 -24.13 30.97 -42.66
CA LYS C 357 -24.66 32.33 -42.81
C LYS C 357 -24.69 33.06 -41.48
N GLU C 358 -25.16 32.38 -40.43
CA GLU C 358 -25.20 33.00 -39.11
C GLU C 358 -23.80 33.30 -38.60
N ILE C 359 -22.85 32.38 -38.82
CA ILE C 359 -21.47 32.63 -38.38
C ILE C 359 -20.89 33.84 -39.08
N GLN C 360 -21.08 33.92 -40.41
CA GLN C 360 -20.57 35.07 -41.16
C GLN C 360 -21.20 36.36 -40.68
N ARG C 361 -22.52 36.36 -40.45
CA ARG C 361 -23.18 37.56 -39.97
C ARG C 361 -22.63 38.00 -38.62
N VAL C 362 -22.43 37.05 -37.70
CA VAL C 362 -21.94 37.38 -36.37
C VAL C 362 -20.53 37.96 -36.45
N VAL C 363 -19.63 37.29 -37.17
CA VAL C 363 -18.24 37.74 -37.25
C VAL C 363 -18.17 39.10 -37.92
N GLY C 364 -18.91 39.30 -39.00
CA GLY C 364 -18.97 40.61 -39.63
C GLY C 364 -19.50 41.67 -38.69
N GLN C 365 -20.44 41.31 -37.82
CA GLN C 365 -20.92 42.27 -36.83
C GLN C 365 -19.82 42.67 -35.86
N GLN C 366 -19.12 41.70 -35.26
CA GLN C 366 -18.09 42.09 -34.28
C GLN C 366 -16.98 42.90 -34.94
N PHE C 367 -16.52 42.48 -36.12
CA PHE C 367 -15.31 43.06 -36.70
C PHE C 367 -15.59 44.17 -37.70
N ASN C 368 -16.71 44.88 -37.54
CA ASN C 368 -16.99 46.14 -38.22
C ASN C 368 -16.84 46.01 -39.74
N ILE C 369 -17.69 45.16 -40.32
CA ILE C 369 -17.74 44.97 -41.76
C ILE C 369 -19.16 44.55 -42.14
N LYS C 370 -19.54 44.87 -43.37
CA LYS C 370 -20.91 44.61 -43.83
C LYS C 370 -21.03 43.16 -44.27
N LEU C 371 -22.15 42.82 -44.89
CA LEU C 371 -22.47 41.45 -45.30
C LEU C 371 -22.12 41.16 -46.76
N GLU C 372 -22.36 42.11 -47.66
CA GLU C 372 -22.22 41.84 -49.09
C GLU C 372 -20.76 41.73 -49.52
N ASP C 373 -19.83 42.17 -48.69
CA ASP C 373 -18.41 42.18 -49.06
C ASP C 373 -17.65 40.96 -48.56
N PHE C 374 -18.34 39.97 -48.00
CA PHE C 374 -17.68 38.71 -47.65
C PHE C 374 -17.18 37.99 -48.89
N LYS C 375 -17.98 37.99 -49.97
CA LYS C 375 -17.59 37.38 -51.23
C LYS C 375 -16.78 38.32 -52.11
N ALA C 376 -16.46 39.52 -51.63
CA ALA C 376 -15.66 40.45 -52.39
C ALA C 376 -14.23 39.92 -52.55
N LYS C 377 -13.59 40.33 -53.64
CA LYS C 377 -12.24 39.89 -53.96
C LYS C 377 -11.16 40.80 -53.39
N LYS C 378 -11.54 41.79 -52.60
CA LYS C 378 -10.56 42.68 -51.98
C LYS C 378 -9.66 41.89 -51.03
N ARG C 379 -8.36 42.21 -51.05
CA ARG C 379 -7.38 41.54 -50.22
C ARG C 379 -6.89 42.42 -49.06
N THR C 380 -7.66 43.45 -48.71
CA THR C 380 -7.30 44.30 -47.59
C THR C 380 -7.31 43.51 -46.29
N LYS C 381 -6.39 43.84 -45.39
CA LYS C 381 -6.26 43.10 -44.14
C LYS C 381 -7.51 43.25 -43.28
N SER C 382 -8.07 44.46 -43.22
CA SER C 382 -9.21 44.73 -42.34
C SER C 382 -10.44 43.89 -42.69
N VAL C 383 -10.50 43.34 -43.90
CA VAL C 383 -11.58 42.45 -44.30
C VAL C 383 -11.12 40.99 -44.34
N ALA C 384 -9.86 40.75 -44.71
CA ALA C 384 -9.36 39.39 -44.81
C ALA C 384 -9.27 38.73 -43.44
N PHE C 385 -8.76 39.46 -42.44
CA PHE C 385 -8.61 38.89 -41.10
C PHE C 385 -9.93 38.46 -40.50
N PRO C 386 -11.00 39.27 -40.48
CA PRO C 386 -12.30 38.77 -40.01
C PRO C 386 -12.81 37.61 -40.84
N ARG C 387 -12.60 37.63 -42.16
CA ARG C 387 -13.02 36.52 -43.01
C ARG C 387 -12.27 35.24 -42.66
N GLN C 388 -10.96 35.35 -42.43
CA GLN C 388 -10.18 34.19 -42.02
C GLN C 388 -10.65 33.65 -40.68
N ILE C 389 -10.95 34.54 -39.72
CA ILE C 389 -11.43 34.08 -38.43
C ILE C 389 -12.79 33.39 -38.57
N ALA C 390 -13.68 33.95 -39.40
CA ALA C 390 -14.99 33.35 -39.61
C ALA C 390 -14.87 31.97 -40.24
N MET C 391 -14.00 31.83 -41.25
CA MET C 391 -13.84 30.53 -41.89
C MET C 391 -13.16 29.53 -40.95
N TYR C 392 -12.24 29.98 -40.10
CA TYR C 392 -11.67 29.10 -39.10
C TYR C 392 -12.72 28.61 -38.12
N LEU C 393 -13.60 29.51 -37.68
CA LEU C 393 -14.70 29.11 -36.80
C LEU C 393 -15.61 28.10 -37.49
N SER C 394 -15.95 28.33 -38.75
CA SER C 394 -16.79 27.39 -39.47
C SER C 394 -16.11 26.04 -39.63
N ARG C 395 -14.79 26.05 -39.85
CA ARG C 395 -14.04 24.80 -39.99
C ARG C 395 -14.01 24.01 -38.68
N GLU C 396 -13.81 24.70 -37.56
CA GLU C 396 -13.66 24.02 -36.26
C GLU C 396 -14.95 23.95 -35.46
N MET C 397 -16.09 24.32 -36.05
CA MET C 397 -17.38 24.21 -35.37
C MET C 397 -18.39 23.39 -36.14
N THR C 398 -18.45 23.55 -37.46
CA THR C 398 -19.45 22.91 -38.29
C THR C 398 -18.84 21.71 -39.02
N ASP C 399 -19.73 20.80 -39.44
CA ASP C 399 -19.35 19.64 -40.23
C ASP C 399 -19.43 19.89 -41.73
N SER C 400 -19.72 21.12 -42.14
CA SER C 400 -19.82 21.44 -43.56
C SER C 400 -18.50 21.17 -44.27
N SER C 401 -18.60 20.67 -45.49
CA SER C 401 -17.43 20.26 -46.25
C SER C 401 -16.64 21.47 -46.76
N LEU C 402 -15.35 21.26 -46.97
CA LEU C 402 -14.50 22.33 -47.48
C LEU C 402 -14.93 22.86 -48.84
N PRO C 403 -15.27 22.03 -49.84
CA PRO C 403 -15.81 22.60 -51.07
C PRO C 403 -17.06 23.44 -50.85
N LYS C 404 -17.94 23.01 -49.95
CA LYS C 404 -19.17 23.78 -49.70
C LYS C 404 -18.85 25.13 -49.07
N ILE C 405 -17.97 25.15 -48.07
CA ILE C 405 -17.64 26.44 -47.45
C ILE C 405 -16.90 27.33 -48.44
N GLY C 406 -16.05 26.75 -49.30
CA GLY C 406 -15.39 27.55 -50.32
C GLY C 406 -16.38 28.13 -51.32
N GLU C 407 -17.40 27.36 -51.69
CA GLU C 407 -18.46 27.89 -52.54
C GLU C 407 -19.18 29.03 -51.86
N GLU C 408 -19.47 28.89 -50.57
CA GLU C 408 -20.04 29.99 -49.79
C GLU C 408 -19.08 31.17 -49.64
N PHE C 409 -17.79 30.96 -49.89
CA PHE C 409 -16.79 32.02 -49.81
C PHE C 409 -16.43 32.55 -51.20
N GLY C 410 -17.39 32.52 -52.12
CA GLY C 410 -17.15 33.00 -53.46
C GLY C 410 -16.20 32.15 -54.28
N GLY C 411 -16.30 30.84 -54.17
CA GLY C 411 -15.50 29.94 -54.98
C GLY C 411 -14.00 29.98 -54.70
N ARG C 412 -13.61 30.10 -53.44
CA ARG C 412 -12.20 30.09 -53.09
C ARG C 412 -11.66 28.67 -53.11
N ASP C 413 -10.38 28.54 -53.45
CA ASP C 413 -9.77 27.23 -53.62
C ASP C 413 -9.52 26.57 -52.27
N HIS C 414 -9.53 25.23 -52.28
CA HIS C 414 -9.24 24.48 -51.06
C HIS C 414 -7.82 24.73 -50.58
N THR C 415 -6.88 25.00 -51.49
CA THR C 415 -5.53 25.33 -51.08
C THR C 415 -5.50 26.65 -50.31
N THR C 416 -6.23 27.65 -50.79
CA THR C 416 -6.31 28.92 -50.08
C THR C 416 -7.00 28.75 -48.73
N VAL C 417 -8.05 27.93 -48.68
CA VAL C 417 -8.71 27.63 -47.41
C VAL C 417 -7.72 26.99 -46.45
N ILE C 418 -6.92 26.05 -46.94
CA ILE C 418 -5.92 25.38 -46.12
C ILE C 418 -4.91 26.39 -45.57
N HIS C 419 -4.41 27.26 -46.45
CA HIS C 419 -3.40 28.22 -46.03
C HIS C 419 -3.96 29.18 -44.97
N ALA C 420 -5.18 29.67 -45.19
CA ALA C 420 -5.79 30.58 -44.23
C ALA C 420 -6.03 29.88 -42.89
N HIS C 421 -6.53 28.64 -42.93
CA HIS C 421 -6.79 27.92 -41.69
C HIS C 421 -5.50 27.67 -40.91
N GLU C 422 -4.44 27.24 -41.60
CA GLU C 422 -3.16 27.02 -40.93
C GLU C 422 -2.61 28.31 -40.36
N LYS C 423 -2.70 29.41 -41.11
CA LYS C 423 -2.20 30.69 -40.62
C LYS C 423 -2.97 31.13 -39.38
N ILE C 424 -4.30 30.98 -39.39
CA ILE C 424 -5.10 31.37 -38.23
C ILE C 424 -4.76 30.50 -37.02
N SER C 425 -4.61 29.19 -37.23
CA SER C 425 -4.28 28.31 -36.11
C SER C 425 -2.92 28.65 -35.53
N LYS C 426 -1.91 28.86 -36.38
CA LYS C 426 -0.58 29.20 -35.88
C LYS C 426 -0.57 30.55 -35.17
N LEU C 427 -1.32 31.52 -35.70
CA LEU C 427 -1.36 32.84 -35.08
C LEU C 427 -2.08 32.80 -33.74
N LEU C 428 -3.13 31.98 -33.63
CA LEU C 428 -3.82 31.82 -32.36
C LEU C 428 -3.03 30.98 -31.37
N ALA C 429 -2.08 30.18 -31.85
CA ALA C 429 -1.27 29.37 -30.95
C ALA C 429 -0.27 30.20 -30.15
N ASP C 430 -0.11 31.48 -30.46
CA ASP C 430 0.84 32.35 -29.77
C ASP C 430 0.17 33.41 -28.92
N ASP C 431 -1.15 33.54 -28.95
CA ASP C 431 -1.86 34.56 -28.20
C ASP C 431 -3.07 33.94 -27.52
N GLU C 432 -3.70 34.72 -26.63
CA GLU C 432 -4.82 34.24 -25.84
C GLU C 432 -6.08 35.09 -25.90
N GLN C 433 -5.99 36.40 -26.19
CA GLN C 433 -7.20 37.19 -26.23
C GLN C 433 -7.94 37.09 -27.55
N LEU C 434 -7.30 36.66 -28.63
CA LEU C 434 -8.07 36.17 -29.77
C LEU C 434 -8.85 34.92 -29.41
N GLN C 435 -8.27 34.04 -28.60
CA GLN C 435 -9.04 32.90 -28.08
C GLN C 435 -10.18 33.38 -27.20
N GLN C 436 -9.96 34.44 -26.43
CA GLN C 436 -11.04 35.01 -25.62
C GLN C 436 -12.17 35.55 -26.51
N HIS C 437 -11.82 36.25 -27.59
CA HIS C 437 -12.82 36.77 -28.51
C HIS C 437 -13.57 35.63 -29.21
N VAL C 438 -12.85 34.57 -29.58
CA VAL C 438 -13.49 33.40 -30.19
C VAL C 438 -14.44 32.74 -29.20
N LYS C 439 -14.04 32.65 -27.94
CA LYS C 439 -14.92 32.08 -26.91
C LYS C 439 -16.15 32.93 -26.72
N GLU C 440 -16.00 34.26 -26.73
CA GLU C 440 -17.15 35.15 -26.64
C GLU C 440 -18.10 34.97 -27.82
N ILE C 441 -17.53 34.85 -29.02
CA ILE C 441 -18.36 34.65 -30.22
C ILE C 441 -19.10 33.32 -30.13
N LYS C 442 -18.42 32.27 -29.67
CA LYS C 442 -19.07 30.98 -29.53
C LYS C 442 -20.17 31.02 -28.47
N GLU C 443 -19.94 31.74 -27.37
CA GLU C 443 -20.98 31.89 -26.35
C GLU C 443 -22.19 32.63 -26.91
N GLN C 444 -21.95 33.67 -27.72
CA GLN C 444 -23.05 34.38 -28.36
C GLN C 444 -23.81 33.46 -29.31
N LEU C 445 -23.09 32.62 -30.05
CA LEU C 445 -23.73 31.71 -30.99
C LEU C 445 -24.53 30.62 -30.28
N LYS C 446 -24.07 30.18 -29.10
CA LYS C 446 -24.78 29.17 -28.35
C LYS C 446 -26.17 29.64 -27.93
N ASN D 109 -21.93 -34.17 -16.18
CA ASN D 109 -20.96 -33.95 -15.11
C ASN D 109 -20.24 -32.62 -15.31
N MET D 110 -18.91 -32.63 -15.21
CA MET D 110 -18.16 -31.39 -15.36
C MET D 110 -17.83 -31.08 -16.82
N LEU D 111 -18.20 -31.94 -17.75
CA LEU D 111 -17.80 -31.80 -19.15
C LEU D 111 -18.97 -31.28 -19.98
N ASN D 112 -18.69 -30.31 -20.82
CA ASN D 112 -19.70 -29.74 -21.70
C ASN D 112 -20.06 -30.76 -22.78
N PRO D 113 -21.33 -31.17 -22.88
CA PRO D 113 -21.68 -32.17 -23.91
C PRO D 113 -21.46 -31.70 -25.33
N LYS D 114 -21.51 -30.38 -25.56
CA LYS D 114 -21.29 -29.84 -26.89
C LYS D 114 -19.85 -29.99 -27.35
N TYR D 115 -18.90 -29.96 -26.41
CA TYR D 115 -17.47 -29.98 -26.72
C TYR D 115 -17.03 -31.42 -26.84
N THR D 116 -16.83 -31.89 -28.07
CA THR D 116 -16.39 -33.25 -28.32
C THR D 116 -15.70 -33.31 -29.67
N PHE D 117 -15.10 -34.46 -29.95
CA PHE D 117 -14.31 -34.62 -31.18
C PHE D 117 -15.17 -34.49 -32.43
N ASP D 118 -16.42 -34.96 -32.36
CA ASP D 118 -17.31 -34.90 -33.51
C ASP D 118 -17.64 -33.46 -33.90
N THR D 119 -17.82 -32.59 -32.92
CA THR D 119 -18.17 -31.20 -33.18
C THR D 119 -16.96 -30.31 -33.40
N PHE D 120 -15.76 -30.87 -33.47
CA PHE D 120 -14.55 -30.09 -33.68
C PHE D 120 -14.17 -30.13 -35.15
N VAL D 121 -14.07 -28.97 -35.77
CA VAL D 121 -13.72 -28.87 -37.19
C VAL D 121 -12.21 -28.82 -37.32
N ILE D 122 -11.65 -29.82 -38.00
CA ILE D 122 -10.21 -29.91 -38.23
C ILE D 122 -9.85 -28.94 -39.34
N GLY D 123 -8.81 -28.16 -39.12
CA GLY D 123 -8.32 -27.25 -40.14
C GLY D 123 -6.82 -27.37 -40.27
N SER D 124 -6.18 -26.39 -40.92
CA SER D 124 -4.73 -26.38 -40.97
C SER D 124 -4.11 -25.72 -39.74
N GLY D 125 -4.90 -25.06 -38.92
CA GLY D 125 -4.43 -24.43 -37.71
C GLY D 125 -4.69 -25.21 -36.45
N ASN D 126 -5.41 -26.33 -36.54
CA ASN D 126 -5.68 -27.16 -35.37
C ASN D 126 -5.44 -28.63 -35.66
N ARG D 127 -4.86 -28.96 -36.83
CA ARG D 127 -4.66 -30.35 -37.17
C ARG D 127 -3.65 -31.01 -36.25
N PHE D 128 -2.55 -30.32 -35.94
CA PHE D 128 -1.51 -30.90 -35.10
C PHE D 128 -2.01 -31.10 -33.67
N ALA D 129 -2.68 -30.08 -33.13
CA ALA D 129 -3.23 -30.19 -31.78
C ALA D 129 -4.31 -31.26 -31.69
N HIS D 130 -5.17 -31.34 -32.70
CA HIS D 130 -6.20 -32.38 -32.69
C HIS D 130 -5.60 -33.76 -32.83
N ALA D 131 -4.56 -33.91 -33.64
CA ALA D 131 -3.89 -35.20 -33.77
C ALA D 131 -3.28 -35.63 -32.45
N ALA D 132 -2.57 -34.73 -31.78
CA ALA D 132 -1.99 -35.07 -30.48
C ALA D 132 -3.07 -35.40 -29.47
N SER D 133 -4.14 -34.60 -29.44
CA SER D 133 -5.23 -34.83 -28.48
C SER D 133 -5.91 -36.17 -28.71
N LEU D 134 -6.17 -36.51 -29.98
CA LEU D 134 -6.85 -37.78 -30.26
C LEU D 134 -5.94 -38.96 -29.98
N ALA D 135 -4.64 -38.83 -30.27
CA ALA D 135 -3.70 -39.90 -29.93
C ALA D 135 -3.64 -40.10 -28.42
N VAL D 136 -3.64 -39.00 -27.66
CA VAL D 136 -3.65 -39.08 -26.20
C VAL D 136 -4.93 -39.74 -25.71
N ALA D 137 -6.07 -39.38 -26.30
CA ALA D 137 -7.34 -39.97 -25.89
C ALA D 137 -7.36 -41.47 -26.17
N GLU D 138 -6.81 -41.88 -27.32
CA GLU D 138 -6.77 -43.30 -27.64
C GLU D 138 -5.82 -44.05 -26.70
N ALA D 139 -4.68 -43.46 -26.37
CA ALA D 139 -3.67 -44.10 -25.51
C ALA D 139 -3.30 -43.18 -24.37
N PRO D 140 -4.15 -43.07 -23.35
CA PRO D 140 -3.81 -42.22 -22.19
C PRO D 140 -2.57 -42.73 -21.47
N ALA D 141 -1.71 -41.78 -21.07
CA ALA D 141 -0.53 -42.04 -20.26
C ALA D 141 0.49 -42.93 -20.95
N LYS D 142 0.37 -43.11 -22.28
CA LYS D 142 1.25 -44.01 -23.00
C LYS D 142 1.86 -43.38 -24.24
N ALA D 143 1.23 -42.35 -24.80
CA ALA D 143 1.75 -41.71 -26.02
C ALA D 143 2.63 -40.51 -25.66
N TYR D 144 2.04 -39.51 -25.00
CA TYR D 144 2.75 -38.32 -24.53
C TYR D 144 2.10 -37.91 -23.22
N ASN D 145 2.77 -38.16 -22.10
CA ASN D 145 2.08 -37.93 -20.84
C ASN D 145 1.85 -36.43 -20.63
N PRO D 146 2.89 -35.59 -20.47
CA PRO D 146 2.61 -34.16 -20.30
C PRO D 146 2.33 -33.48 -21.63
N LEU D 147 1.09 -33.56 -22.10
CA LEU D 147 0.67 -32.88 -23.31
C LEU D 147 0.38 -31.42 -22.98
N PHE D 148 0.83 -30.51 -23.84
CA PHE D 148 0.75 -29.07 -23.58
C PHE D 148 0.24 -28.39 -24.84
N ILE D 149 -1.03 -28.00 -24.86
CA ILE D 149 -1.61 -27.24 -25.96
C ILE D 149 -1.63 -25.78 -25.58
N TYR D 150 -1.19 -24.92 -26.49
CA TYR D 150 -1.26 -23.48 -26.26
C TYR D 150 -1.65 -22.76 -27.55
N GLY D 151 -2.19 -21.57 -27.38
CA GLY D 151 -2.69 -20.82 -28.51
C GLY D 151 -3.35 -19.54 -28.05
N GLY D 152 -4.02 -18.89 -29.00
CA GLY D 152 -4.68 -17.62 -28.71
C GLY D 152 -6.00 -17.78 -27.98
N VAL D 153 -6.97 -16.94 -28.34
CA VAL D 153 -8.28 -16.90 -27.69
C VAL D 153 -9.34 -17.44 -28.64
N GLY D 154 -10.34 -18.09 -28.06
CA GLY D 154 -11.44 -18.59 -28.86
C GLY D 154 -11.02 -19.59 -29.92
N LEU D 155 -10.01 -20.40 -29.63
CA LEU D 155 -9.42 -21.29 -30.63
C LEU D 155 -9.76 -22.76 -30.42
N GLY D 156 -10.15 -23.17 -29.22
CA GLY D 156 -10.65 -24.51 -29.03
C GLY D 156 -9.84 -25.42 -28.14
N LYS D 157 -9.00 -24.86 -27.26
CA LYS D 157 -8.25 -25.69 -26.33
C LYS D 157 -9.15 -26.32 -25.29
N THR D 158 -10.10 -25.56 -24.75
CA THR D 158 -11.10 -26.15 -23.87
C THR D 158 -11.96 -27.18 -24.58
N HIS D 159 -12.36 -26.88 -25.82
CA HIS D 159 -13.09 -27.86 -26.63
C HIS D 159 -12.29 -29.14 -26.77
N LEU D 160 -10.98 -29.01 -27.00
CA LEU D 160 -10.14 -30.19 -27.21
C LEU D 160 -9.96 -30.99 -25.92
N MET D 161 -9.77 -30.32 -24.79
CA MET D 161 -9.60 -31.05 -23.55
C MET D 161 -10.90 -31.72 -23.10
N HIS D 162 -12.03 -31.05 -23.34
CA HIS D 162 -13.33 -31.69 -23.09
C HIS D 162 -13.53 -32.88 -24.01
N ALA D 163 -13.06 -32.78 -25.25
CA ALA D 163 -13.15 -33.92 -26.17
C ALA D 163 -12.32 -35.10 -25.67
N ILE D 164 -11.11 -34.82 -25.17
CA ILE D 164 -10.27 -35.87 -24.62
C ILE D 164 -10.97 -36.54 -23.44
N GLY D 165 -11.52 -35.72 -22.53
CA GLY D 165 -12.22 -36.27 -21.40
C GLY D 165 -13.42 -37.12 -21.80
N HIS D 166 -14.19 -36.64 -22.77
CA HIS D 166 -15.35 -37.38 -23.26
C HIS D 166 -14.92 -38.72 -23.83
N TYR D 167 -13.87 -38.72 -24.66
CA TYR D 167 -13.43 -39.97 -25.27
C TYR D 167 -12.97 -40.96 -24.23
N VAL D 168 -12.13 -40.52 -23.28
CA VAL D 168 -11.58 -41.47 -22.32
C VAL D 168 -12.64 -41.96 -21.35
N ILE D 169 -13.62 -41.12 -20.99
CA ILE D 169 -14.69 -41.57 -20.12
C ILE D 169 -15.62 -42.53 -20.84
N ASP D 170 -15.93 -42.25 -22.12
CA ASP D 170 -16.80 -43.15 -22.87
C ASP D 170 -16.15 -44.50 -23.10
N HIS D 171 -14.87 -44.51 -23.47
CA HIS D 171 -14.17 -45.75 -23.78
C HIS D 171 -13.62 -46.45 -22.54
N ASN D 172 -13.80 -45.87 -21.36
CA ASN D 172 -13.33 -46.43 -20.10
C ASN D 172 -14.14 -45.81 -18.96
N PRO D 173 -15.34 -46.32 -18.66
CA PRO D 173 -16.19 -45.67 -17.65
C PRO D 173 -15.54 -45.56 -16.28
N SER D 174 -14.72 -46.54 -15.89
CA SER D 174 -14.14 -46.54 -14.56
C SER D 174 -13.07 -45.45 -14.39
N ALA D 175 -12.52 -44.94 -15.48
CA ALA D 175 -11.40 -44.00 -15.40
C ALA D 175 -11.81 -42.73 -14.68
N LYS D 176 -11.03 -42.33 -13.68
CA LYS D 176 -11.29 -41.11 -12.93
C LYS D 176 -10.66 -39.93 -13.66
N VAL D 177 -11.48 -39.13 -14.32
CA VAL D 177 -11.02 -37.99 -15.10
C VAL D 177 -11.47 -36.71 -14.39
N VAL D 178 -10.52 -35.79 -14.21
CA VAL D 178 -10.82 -34.52 -13.55
C VAL D 178 -10.37 -33.39 -14.47
N TYR D 179 -11.31 -32.55 -14.87
CA TYR D 179 -11.01 -31.32 -15.59
C TYR D 179 -11.23 -30.13 -14.67
N LEU D 180 -10.29 -29.21 -14.65
CA LEU D 180 -10.43 -27.99 -13.87
C LEU D 180 -9.47 -26.94 -14.45
N SER D 181 -9.70 -25.70 -14.06
CA SER D 181 -8.84 -24.60 -14.47
C SER D 181 -7.84 -24.31 -13.37
N SER D 182 -6.72 -23.70 -13.74
CA SER D 182 -5.67 -23.41 -12.77
C SER D 182 -6.16 -22.43 -11.70
N GLU D 183 -7.12 -21.56 -12.03
CA GLU D 183 -7.71 -20.68 -11.04
C GLU D 183 -8.48 -21.49 -9.99
N LYS D 184 -9.27 -22.47 -10.45
CA LYS D 184 -9.96 -23.36 -9.53
C LYS D 184 -8.96 -24.16 -8.71
N PHE D 185 -7.85 -24.57 -9.31
CA PHE D 185 -6.81 -25.27 -8.59
C PHE D 185 -6.25 -24.42 -7.45
N THR D 186 -5.91 -23.16 -7.74
CA THR D 186 -5.39 -22.28 -6.69
C THR D 186 -6.42 -22.05 -5.60
N ASN D 187 -7.67 -21.83 -5.99
CA ASN D 187 -8.74 -21.62 -5.01
C ASN D 187 -8.85 -22.80 -4.08
N GLU D 188 -8.96 -24.02 -4.64
CA GLU D 188 -9.13 -25.21 -3.82
C GLU D 188 -7.91 -25.50 -2.97
N PHE D 189 -6.71 -25.25 -3.51
CA PHE D 189 -5.49 -25.46 -2.75
C PHE D 189 -5.43 -24.56 -1.54
N ILE D 190 -5.69 -23.26 -1.74
CA ILE D 190 -5.57 -22.30 -0.65
C ILE D 190 -6.68 -22.54 0.38
N ASN D 191 -7.88 -22.90 -0.10
CA ASN D 191 -8.95 -23.22 0.84
C ASN D 191 -8.63 -24.48 1.63
N SER D 192 -7.99 -25.48 1.01
CA SER D 192 -7.54 -26.65 1.75
C SER D 192 -6.52 -26.28 2.81
N ILE D 193 -5.59 -25.39 2.47
CA ILE D 193 -4.59 -24.96 3.45
C ILE D 193 -5.27 -24.27 4.62
N ARG D 194 -6.22 -23.37 4.34
CA ARG D 194 -6.82 -22.57 5.40
C ARG D 194 -7.80 -23.37 6.24
N ASP D 195 -8.51 -24.31 5.65
CA ASP D 195 -9.48 -25.14 6.35
C ASP D 195 -8.88 -26.37 6.98
N ASN D 196 -7.56 -26.59 6.82
CA ASN D 196 -6.86 -27.75 7.37
C ASN D 196 -7.42 -29.04 6.78
N LYS D 197 -7.46 -29.12 5.45
CA LYS D 197 -7.86 -30.31 4.72
C LYS D 197 -6.91 -30.55 3.55
N ALA D 198 -5.64 -30.21 3.74
CA ALA D 198 -4.65 -30.38 2.70
C ALA D 198 -4.48 -31.84 2.31
N VAL D 199 -4.50 -32.75 3.28
CA VAL D 199 -4.41 -34.18 2.96
C VAL D 199 -5.55 -34.60 2.06
N ASP D 200 -6.75 -34.08 2.32
CA ASP D 200 -7.90 -34.39 1.48
C ASP D 200 -7.71 -33.82 0.08
N PHE D 201 -7.12 -32.64 -0.03
CA PHE D 201 -6.80 -32.08 -1.33
C PHE D 201 -5.83 -32.97 -2.10
N ARG D 202 -4.79 -33.46 -1.42
CA ARG D 202 -3.82 -34.35 -2.05
C ARG D 202 -4.50 -35.64 -2.52
N ASN D 203 -5.37 -36.21 -1.69
CA ASN D 203 -6.08 -37.42 -2.10
C ASN D 203 -6.99 -37.14 -3.29
N ARG D 204 -7.63 -35.97 -3.31
CA ARG D 204 -8.54 -35.63 -4.39
C ARG D 204 -7.81 -35.53 -5.72
N TYR D 205 -6.64 -34.89 -5.74
CA TYR D 205 -6.04 -34.51 -7.01
C TYR D 205 -4.83 -35.32 -7.42
N ARG D 206 -4.17 -36.01 -6.49
CA ARG D 206 -2.99 -36.79 -6.85
C ARG D 206 -3.34 -38.18 -7.38
N ASN D 207 -4.55 -38.66 -7.12
CA ASN D 207 -4.97 -40.00 -7.50
C ASN D 207 -5.82 -40.03 -8.75
N VAL D 208 -5.87 -38.94 -9.50
CA VAL D 208 -6.70 -38.84 -10.69
C VAL D 208 -6.04 -39.61 -11.83
N ASP D 209 -6.85 -40.36 -12.59
CA ASP D 209 -6.32 -41.11 -13.71
C ASP D 209 -5.89 -40.18 -14.84
N VAL D 210 -6.73 -39.21 -15.20
CA VAL D 210 -6.40 -38.22 -16.21
C VAL D 210 -6.77 -36.84 -15.69
N LEU D 211 -5.79 -35.94 -15.61
CA LEU D 211 -5.99 -34.60 -15.11
C LEU D 211 -5.85 -33.59 -16.25
N LEU D 212 -6.95 -32.93 -16.57
CA LEU D 212 -7.01 -31.87 -17.57
C LEU D 212 -7.03 -30.54 -16.83
N ILE D 213 -6.01 -29.72 -17.04
CA ILE D 213 -5.87 -28.45 -16.32
C ILE D 213 -5.76 -27.33 -17.34
N ASP D 214 -6.55 -26.28 -17.12
CA ASP D 214 -6.78 -25.23 -18.09
C ASP D 214 -6.01 -23.97 -17.71
N ASP D 215 -5.41 -23.32 -18.71
CA ASP D 215 -4.85 -21.97 -18.57
C ASP D 215 -3.85 -21.89 -17.43
N ILE D 216 -2.72 -22.57 -17.62
CA ILE D 216 -1.71 -22.71 -16.59
C ILE D 216 -1.03 -21.37 -16.34
N GLN D 217 -1.20 -20.42 -17.27
CA GLN D 217 -0.55 -19.12 -17.13
C GLN D 217 -0.93 -18.41 -15.85
N PHE D 218 -2.12 -18.68 -15.32
CA PHE D 218 -2.56 -18.10 -14.06
C PHE D 218 -1.63 -18.41 -12.90
N LEU D 219 -0.85 -19.49 -12.97
CA LEU D 219 0.07 -19.81 -11.89
C LEU D 219 1.25 -18.85 -11.85
N ALA D 220 1.41 -17.99 -12.84
CA ALA D 220 2.48 -17.00 -12.79
C ALA D 220 2.30 -16.09 -11.59
N GLY D 221 3.35 -15.96 -10.77
CA GLY D 221 3.30 -15.13 -9.59
C GLY D 221 2.82 -15.80 -8.32
N LYS D 222 2.44 -17.08 -8.39
CA LYS D 222 1.98 -17.82 -7.22
C LYS D 222 2.95 -18.96 -6.95
N GLU D 223 3.94 -18.68 -6.08
CA GLU D 223 5.07 -19.58 -5.92
C GLU D 223 4.70 -20.84 -5.11
N GLN D 224 3.95 -20.70 -4.02
CA GLN D 224 3.51 -21.87 -3.27
C GLN D 224 2.59 -22.76 -4.09
N THR D 225 1.68 -22.16 -4.87
CA THR D 225 0.81 -22.96 -5.72
C THR D 225 1.57 -23.61 -6.85
N GLN D 226 2.58 -22.93 -7.40
CA GLN D 226 3.42 -23.56 -8.40
C GLN D 226 4.15 -24.76 -7.82
N GLU D 227 4.64 -24.63 -6.59
CA GLU D 227 5.30 -25.76 -5.92
C GLU D 227 4.31 -26.91 -5.71
N GLU D 228 3.10 -26.59 -5.29
CA GLU D 228 2.08 -27.63 -5.10
C GLU D 228 1.77 -28.36 -6.40
N PHE D 229 1.61 -27.61 -7.49
CA PHE D 229 1.34 -28.25 -8.78
C PHE D 229 2.56 -29.00 -9.29
N PHE D 230 3.77 -28.53 -8.97
CA PHE D 230 4.98 -29.28 -9.28
C PHE D 230 4.96 -30.65 -8.61
N HIS D 231 4.62 -30.69 -7.32
CA HIS D 231 4.54 -31.95 -6.59
C HIS D 231 3.43 -32.84 -7.14
N THR D 232 2.28 -32.26 -7.47
CA THR D 232 1.19 -33.03 -8.05
C THR D 232 1.58 -33.61 -9.40
N PHE D 233 2.26 -32.82 -10.23
CA PHE D 233 2.77 -33.30 -11.51
C PHE D 233 3.73 -34.47 -11.31
N ASN D 234 4.67 -34.33 -10.37
CA ASN D 234 5.63 -35.39 -10.13
C ASN D 234 4.94 -36.68 -9.69
N THR D 235 3.97 -36.56 -8.78
CA THR D 235 3.23 -37.74 -8.35
C THR D 235 2.48 -38.39 -9.51
N LEU D 236 1.74 -37.58 -10.28
CA LEU D 236 0.92 -38.11 -11.36
C LEU D 236 1.78 -38.72 -12.46
N HIS D 237 3.01 -38.23 -12.61
CA HIS D 237 3.91 -38.81 -13.60
C HIS D 237 4.59 -40.07 -13.09
N GLU D 238 4.95 -40.12 -11.81
CA GLU D 238 5.49 -41.33 -11.21
C GLU D 238 4.50 -42.47 -11.21
N GLU D 239 3.22 -42.19 -10.98
CA GLU D 239 2.19 -43.21 -10.91
C GLU D 239 1.66 -43.59 -12.29
N SER D 240 2.22 -43.01 -13.34
CA SER D 240 1.82 -43.26 -14.73
C SER D 240 0.35 -42.87 -14.96
N LYS D 241 0.07 -41.60 -14.72
CA LYS D 241 -1.22 -40.99 -15.02
C LYS D 241 -1.03 -39.92 -16.09
N GLN D 242 -2.13 -39.55 -16.76
CA GLN D 242 -2.06 -38.60 -17.85
C GLN D 242 -2.29 -37.18 -17.36
N ILE D 243 -1.52 -36.24 -17.91
CA ILE D 243 -1.59 -34.84 -17.56
C ILE D 243 -1.72 -34.03 -18.85
N VAL D 244 -2.84 -33.33 -19.00
CA VAL D 244 -3.07 -32.45 -20.14
C VAL D 244 -3.11 -31.02 -19.62
N ILE D 245 -2.34 -30.14 -20.24
CA ILE D 245 -2.15 -28.78 -19.75
C ILE D 245 -2.48 -27.81 -20.89
N SER D 246 -3.23 -26.77 -20.57
CA SER D 246 -3.58 -25.74 -21.54
C SER D 246 -2.97 -24.41 -21.12
N SER D 247 -2.64 -23.57 -22.09
CA SER D 247 -1.99 -22.30 -21.79
C SER D 247 -2.27 -21.28 -22.89
N ASP D 248 -2.02 -20.02 -22.56
CA ASP D 248 -2.10 -18.93 -23.53
C ASP D 248 -0.83 -18.85 -24.36
N ARG D 249 0.33 -19.01 -23.72
CA ARG D 249 1.63 -18.80 -24.32
C ARG D 249 2.56 -19.96 -23.97
N PRO D 250 3.63 -20.16 -24.75
CA PRO D 250 4.52 -21.30 -24.51
C PRO D 250 5.15 -21.24 -23.13
N PRO D 251 5.51 -22.39 -22.56
CA PRO D 251 6.04 -22.39 -21.19
C PRO D 251 7.32 -21.60 -21.02
N LYS D 252 8.09 -21.39 -22.09
CA LYS D 252 9.28 -20.58 -22.01
C LYS D 252 8.99 -19.08 -21.97
N GLU D 253 7.76 -18.68 -22.31
CA GLU D 253 7.38 -17.28 -22.35
C GLU D 253 6.73 -16.81 -21.05
N ILE D 254 6.10 -17.71 -20.32
CA ILE D 254 5.35 -17.38 -19.11
C ILE D 254 6.32 -16.81 -18.06
N PRO D 255 5.93 -15.74 -17.36
CA PRO D 255 6.80 -15.17 -16.33
C PRO D 255 6.66 -15.85 -14.98
N THR D 256 7.69 -15.67 -14.17
CA THR D 256 7.73 -16.16 -12.78
C THR D 256 7.42 -17.65 -12.69
N LEU D 257 7.98 -18.43 -13.59
CA LEU D 257 7.82 -19.88 -13.57
C LEU D 257 9.14 -20.54 -13.21
N GLU D 258 9.12 -21.42 -12.22
CA GLU D 258 10.33 -22.09 -11.80
C GLU D 258 10.86 -22.98 -12.91
N ASP D 259 12.19 -23.10 -12.98
CA ASP D 259 12.82 -23.86 -14.04
C ASP D 259 12.44 -25.33 -13.98
N ARG D 260 12.21 -25.87 -12.79
CA ARG D 260 11.76 -27.24 -12.66
C ARG D 260 10.43 -27.46 -13.37
N LEU D 261 9.46 -26.59 -13.08
CA LEU D 261 8.16 -26.68 -13.74
C LEU D 261 8.27 -26.45 -15.23
N ARG D 262 9.09 -25.49 -15.65
CA ARG D 262 9.23 -25.22 -17.08
C ARG D 262 9.80 -26.42 -17.82
N SER D 263 10.84 -27.04 -17.25
CA SER D 263 11.43 -28.22 -17.88
C SER D 263 10.46 -29.39 -17.91
N ARG D 264 9.67 -29.56 -16.83
CA ARG D 264 8.69 -30.65 -16.84
C ARG D 264 7.57 -30.39 -17.84
N PHE D 265 7.16 -29.14 -18.02
CA PHE D 265 6.22 -28.79 -19.08
C PHE D 265 6.78 -29.11 -20.45
N GLU D 266 8.07 -28.81 -20.68
CA GLU D 266 8.69 -29.01 -21.98
C GLU D 266 9.14 -30.45 -22.21
N TRP D 267 9.04 -31.31 -21.19
CA TRP D 267 9.42 -32.71 -21.35
C TRP D 267 8.56 -33.44 -22.37
N GLY D 268 7.26 -33.19 -22.40
CA GLY D 268 6.35 -33.92 -23.25
C GLY D 268 6.08 -33.24 -24.57
N LEU D 269 4.90 -33.52 -25.12
CA LEU D 269 4.54 -32.93 -26.40
C LEU D 269 3.99 -31.51 -26.21
N ILE D 270 4.41 -30.61 -27.09
CA ILE D 270 3.98 -29.23 -27.08
C ILE D 270 3.37 -28.90 -28.44
N THR D 271 2.14 -28.41 -28.42
CA THR D 271 1.40 -28.08 -29.63
C THR D 271 0.85 -26.67 -29.52
N ASP D 272 0.65 -26.04 -30.66
CA ASP D 272 0.08 -24.70 -30.73
C ASP D 272 -1.09 -24.66 -31.71
N ILE D 273 -1.96 -23.69 -31.50
CA ILE D 273 -3.19 -23.54 -32.29
C ILE D 273 -3.18 -22.15 -32.92
N THR D 274 -3.41 -22.09 -34.23
CA THR D 274 -3.43 -20.83 -34.93
C THR D 274 -4.85 -20.50 -35.41
N PRO D 275 -5.15 -19.21 -35.64
CA PRO D 275 -6.49 -18.82 -36.08
C PRO D 275 -6.90 -19.53 -37.36
N PRO D 276 -8.20 -19.82 -37.50
CA PRO D 276 -8.66 -20.59 -38.66
C PRO D 276 -8.49 -19.83 -39.97
N ASP D 277 -8.52 -20.59 -41.06
CA ASP D 277 -8.54 -20.00 -42.40
C ASP D 277 -9.98 -19.62 -42.74
N LEU D 278 -10.19 -19.10 -43.95
CA LEU D 278 -11.53 -18.68 -44.35
C LEU D 278 -12.43 -19.88 -44.60
N GLU D 279 -11.91 -20.91 -45.27
CA GLU D 279 -12.69 -22.12 -45.49
C GLU D 279 -13.00 -22.82 -44.17
N THR D 280 -12.02 -22.84 -43.26
CA THR D 280 -12.27 -23.39 -41.94
C THR D 280 -13.34 -22.59 -41.20
N ARG D 281 -13.32 -21.27 -41.32
CA ARG D 281 -14.33 -20.45 -40.66
C ARG D 281 -15.72 -20.73 -41.22
N ILE D 282 -15.82 -20.85 -42.54
CA ILE D 282 -17.10 -21.21 -43.16
C ILE D 282 -17.58 -22.57 -42.68
N ALA D 283 -16.66 -23.54 -42.58
CA ALA D 283 -17.04 -24.87 -42.13
C ALA D 283 -17.51 -24.87 -40.68
N ILE D 284 -16.80 -24.14 -39.83
CA ILE D 284 -17.23 -23.99 -38.43
C ILE D 284 -18.62 -23.37 -38.37
N LEU D 285 -18.86 -22.36 -39.19
CA LEU D 285 -20.13 -21.65 -39.14
C LEU D 285 -21.26 -22.53 -39.67
N ARG D 286 -20.97 -23.34 -40.70
CA ARG D 286 -21.94 -24.33 -41.17
C ARG D 286 -22.28 -25.34 -40.09
N LYS D 287 -21.27 -25.84 -39.39
CA LYS D 287 -21.52 -26.82 -38.33
C LYS D 287 -22.37 -26.21 -37.22
N LYS D 288 -22.08 -24.97 -36.85
CA LYS D 288 -22.87 -24.30 -35.81
C LYS D 288 -24.32 -24.12 -36.25
N ALA D 289 -24.53 -23.71 -37.51
CA ALA D 289 -25.89 -23.55 -38.01
C ALA D 289 -26.65 -24.88 -38.04
N LYS D 290 -26.00 -25.94 -38.54
CA LYS D 290 -26.68 -27.23 -38.59
C LYS D 290 -26.93 -27.79 -37.20
N ALA D 291 -26.07 -27.46 -36.23
CA ALA D 291 -26.33 -27.85 -34.85
C ALA D 291 -27.54 -27.10 -34.30
N GLU D 292 -27.64 -25.80 -34.60
CA GLU D 292 -28.80 -25.03 -34.16
C GLU D 292 -30.08 -25.56 -34.78
N GLY D 293 -30.00 -26.08 -36.00
CA GLY D 293 -31.17 -26.63 -36.66
C GLY D 293 -31.86 -25.62 -37.54
N LEU D 294 -31.10 -24.99 -38.43
CA LEU D 294 -31.61 -23.97 -39.33
C LEU D 294 -30.69 -23.88 -40.54
N ASP D 295 -31.20 -23.30 -41.61
CA ASP D 295 -30.46 -23.17 -42.87
C ASP D 295 -30.14 -21.71 -43.13
N ILE D 296 -28.86 -21.42 -43.35
CA ILE D 296 -28.39 -20.07 -43.66
C ILE D 296 -27.69 -20.12 -45.02
N PRO D 297 -27.97 -19.17 -45.91
CA PRO D 297 -27.37 -19.22 -47.26
C PRO D 297 -25.86 -19.13 -47.22
N ASN D 298 -25.24 -19.76 -48.22
CA ASN D 298 -23.78 -19.74 -48.34
C ASN D 298 -23.26 -18.33 -48.55
N GLU D 299 -24.07 -17.46 -49.17
CA GLU D 299 -23.67 -16.06 -49.29
C GLU D 299 -23.54 -15.41 -47.91
N VAL D 300 -24.48 -15.69 -47.01
CA VAL D 300 -24.40 -15.18 -45.65
C VAL D 300 -23.21 -15.77 -44.92
N MET D 301 -22.98 -17.08 -45.09
CA MET D 301 -21.84 -17.72 -44.46
C MET D 301 -20.53 -17.07 -44.90
N LEU D 302 -20.36 -16.89 -46.21
CA LEU D 302 -19.15 -16.28 -46.73
C LEU D 302 -19.02 -14.84 -46.26
N TYR D 303 -20.14 -14.10 -46.23
CA TYR D 303 -20.11 -12.73 -45.77
C TYR D 303 -19.58 -12.63 -44.35
N ILE D 304 -20.16 -13.41 -43.43
CA ILE D 304 -19.74 -13.33 -42.04
C ILE D 304 -18.30 -13.79 -41.87
N ALA D 305 -17.96 -14.94 -42.47
CA ALA D 305 -16.63 -15.50 -42.30
C ALA D 305 -15.56 -14.59 -42.90
N ASN D 306 -15.88 -13.90 -44.00
CA ASN D 306 -14.93 -12.98 -44.60
C ASN D 306 -14.82 -11.69 -43.80
N GLN D 307 -15.93 -11.24 -43.19
CA GLN D 307 -15.87 -10.06 -42.35
C GLN D 307 -15.03 -10.27 -41.10
N ILE D 308 -15.18 -11.41 -40.42
CA ILE D 308 -14.59 -11.58 -39.10
C ILE D 308 -13.49 -12.63 -39.17
N ASP D 309 -12.26 -12.23 -38.83
CA ASP D 309 -11.19 -13.16 -38.46
C ASP D 309 -10.59 -12.65 -37.16
N SER D 310 -11.27 -12.96 -36.05
CA SER D 310 -10.71 -12.75 -34.72
C SER D 310 -10.66 -14.04 -33.92
N ASN D 311 -11.80 -14.72 -33.77
CA ASN D 311 -11.91 -15.99 -33.05
C ASN D 311 -13.31 -16.53 -33.23
N ILE D 312 -13.46 -17.84 -33.03
CA ILE D 312 -14.74 -18.50 -33.23
C ILE D 312 -15.76 -18.04 -32.20
N ARG D 313 -15.28 -17.62 -31.02
CA ARG D 313 -16.18 -17.15 -29.98
C ARG D 313 -16.92 -15.89 -30.41
N GLU D 314 -16.36 -15.15 -31.37
CA GLU D 314 -17.04 -14.02 -31.97
C GLU D 314 -17.65 -14.36 -33.32
N LEU D 315 -17.14 -15.38 -34.02
CA LEU D 315 -17.84 -15.90 -35.19
C LEU D 315 -19.25 -16.31 -34.84
N GLU D 316 -19.40 -17.08 -33.75
CA GLU D 316 -20.74 -17.52 -33.34
C GLU D 316 -21.57 -16.36 -32.83
N GLY D 317 -20.93 -15.36 -32.22
CA GLY D 317 -21.65 -14.16 -31.84
C GLY D 317 -22.22 -13.43 -33.05
N ALA D 318 -21.43 -13.32 -34.11
CA ALA D 318 -21.93 -12.70 -35.34
C ALA D 318 -23.09 -13.50 -35.93
N LEU D 319 -22.96 -14.82 -35.98
CA LEU D 319 -24.05 -15.63 -36.55
C LEU D 319 -25.33 -15.51 -35.72
N ILE D 320 -25.20 -15.53 -34.38
CA ILE D 320 -26.38 -15.43 -33.54
C ILE D 320 -27.00 -14.05 -33.65
N ARG D 321 -26.18 -13.01 -33.80
CA ARG D 321 -26.72 -11.66 -33.99
C ARG D 321 -27.50 -11.57 -35.30
N VAL D 322 -26.96 -12.16 -36.37
CA VAL D 322 -27.67 -12.14 -37.66
C VAL D 322 -28.99 -12.87 -37.55
N VAL D 323 -28.98 -14.06 -36.95
CA VAL D 323 -30.20 -14.85 -36.84
C VAL D 323 -31.23 -14.14 -35.97
N ALA D 324 -30.78 -13.50 -34.90
CA ALA D 324 -31.70 -12.79 -34.01
C ALA D 324 -32.32 -11.58 -34.70
N TYR D 325 -31.51 -10.82 -35.43
CA TYR D 325 -32.04 -9.69 -36.17
C TYR D 325 -33.06 -10.14 -37.21
N SER D 326 -32.76 -11.24 -37.92
CA SER D 326 -33.71 -11.76 -38.89
C SER D 326 -35.00 -12.21 -38.22
N SER D 327 -34.90 -12.88 -37.07
CA SER D 327 -36.09 -13.34 -36.37
C SER D 327 -36.95 -12.18 -35.91
N LEU D 328 -36.33 -11.11 -35.41
CA LEU D 328 -37.08 -9.92 -35.02
C LEU D 328 -37.76 -9.28 -36.22
N ILE D 329 -37.00 -9.02 -37.29
CA ILE D 329 -37.52 -8.30 -38.44
C ILE D 329 -38.47 -9.14 -39.28
N ASN D 330 -38.55 -10.44 -39.01
CA ASN D 330 -39.47 -11.34 -39.72
C ASN D 330 -39.20 -11.35 -41.22
N LYS D 331 -37.91 -11.46 -41.56
CA LYS D 331 -37.50 -11.66 -42.95
C LYS D 331 -36.43 -12.73 -43.00
N ASP D 332 -36.32 -13.35 -44.18
CA ASP D 332 -35.34 -14.42 -44.38
C ASP D 332 -33.93 -13.85 -44.41
N ILE D 333 -32.96 -14.68 -44.02
CA ILE D 333 -31.58 -14.23 -43.94
C ILE D 333 -30.99 -14.16 -45.34
N ASN D 334 -30.40 -13.02 -45.67
CA ASN D 334 -29.63 -12.87 -46.90
C ASN D 334 -28.42 -12.00 -46.60
N ALA D 335 -27.59 -11.76 -47.62
CA ALA D 335 -26.37 -10.97 -47.40
C ALA D 335 -26.70 -9.54 -46.97
N ASP D 336 -27.72 -8.94 -47.58
CA ASP D 336 -28.10 -7.58 -47.20
C ASP D 336 -28.61 -7.54 -45.77
N LEU D 337 -29.40 -8.54 -45.36
CA LEU D 337 -29.88 -8.58 -43.98
C LEU D 337 -28.74 -8.81 -43.00
N ALA D 338 -27.76 -9.63 -43.37
CA ALA D 338 -26.58 -9.81 -42.53
C ALA D 338 -25.83 -8.49 -42.38
N ALA D 339 -25.70 -7.74 -43.46
CA ALA D 339 -25.06 -6.43 -43.39
C ALA D 339 -25.85 -5.48 -42.50
N GLU D 340 -27.18 -5.55 -42.57
CA GLU D 340 -28.02 -4.75 -41.68
C GLU D 340 -27.79 -5.13 -40.22
N ALA D 341 -27.71 -6.42 -39.93
CA ALA D 341 -27.56 -6.88 -38.56
C ALA D 341 -26.19 -6.57 -37.99
N LEU D 342 -25.13 -6.68 -38.79
CA LEU D 342 -23.76 -6.51 -38.32
C LEU D 342 -23.23 -5.11 -38.56
N LYS D 343 -24.09 -4.08 -38.53
CA LYS D 343 -23.61 -2.72 -38.70
C LYS D 343 -22.69 -2.30 -37.56
N ASP D 344 -23.06 -2.62 -36.32
CA ASP D 344 -22.34 -2.17 -35.15
C ASP D 344 -21.50 -3.28 -34.51
N ILE D 345 -21.44 -4.44 -35.13
CA ILE D 345 -20.62 -5.54 -34.64
C ILE D 345 -19.21 -5.48 -35.21
N ILE D 346 -19.09 -5.32 -36.53
CA ILE D 346 -17.80 -5.28 -37.18
C ILE D 346 -17.12 -3.93 -36.94
N PRO D 351 -8.85 -6.19 -39.06
CA PRO D 351 -8.53 -4.84 -38.57
C PRO D 351 -7.89 -3.97 -39.64
N LYS D 352 -8.25 -2.69 -39.66
CA LYS D 352 -7.77 -1.76 -40.67
C LYS D 352 -6.26 -1.61 -40.56
N VAL D 353 -5.53 -2.09 -41.57
CA VAL D 353 -4.08 -1.97 -41.59
C VAL D 353 -3.70 -0.52 -41.84
N ILE D 354 -2.77 0.00 -41.04
CA ILE D 354 -2.33 1.39 -41.16
C ILE D 354 -1.04 1.39 -41.97
N THR D 355 -1.08 2.06 -43.13
CA THR D 355 0.08 2.14 -44.01
C THR D 355 0.57 3.59 -44.09
N ILE D 356 1.73 3.76 -44.73
CA ILE D 356 2.35 5.09 -44.83
C ILE D 356 1.51 6.04 -45.67
N LYS D 357 0.92 5.55 -46.77
CA LYS D 357 0.09 6.42 -47.60
C LYS D 357 -1.12 6.93 -46.84
N GLU D 358 -1.80 6.06 -46.09
CA GLU D 358 -2.97 6.52 -45.35
C GLU D 358 -2.58 7.37 -44.15
N ILE D 359 -1.41 7.13 -43.56
CA ILE D 359 -0.92 8.03 -42.52
C ILE D 359 -0.67 9.42 -43.09
N GLN D 360 -0.07 9.48 -44.29
CA GLN D 360 0.16 10.76 -44.95
C GLN D 360 -1.15 11.45 -45.27
N ARG D 361 -2.16 10.71 -45.72
CA ARG D 361 -3.44 11.36 -45.99
C ARG D 361 -4.17 11.76 -44.73
N VAL D 362 -3.98 11.05 -43.62
CA VAL D 362 -4.56 11.48 -42.35
C VAL D 362 -3.94 12.80 -41.90
N VAL D 363 -2.61 12.91 -42.01
CA VAL D 363 -1.98 14.17 -41.62
C VAL D 363 -2.33 15.28 -42.62
N GLY D 364 -2.53 14.95 -43.90
CA GLY D 364 -2.97 15.91 -44.90
C GLY D 364 -4.45 16.20 -44.90
N GLN D 365 -5.20 15.53 -44.02
CA GLN D 365 -6.58 15.91 -43.72
C GLN D 365 -6.71 16.66 -42.40
N GLN D 366 -5.85 16.37 -41.43
CA GLN D 366 -5.89 17.10 -40.16
C GLN D 366 -5.13 18.42 -40.26
N PHE D 367 -3.83 18.36 -40.54
CA PHE D 367 -3.04 19.57 -40.78
C PHE D 367 -3.02 19.95 -42.26
N ASN D 368 -3.77 19.23 -43.08
CA ASN D 368 -4.10 19.56 -44.48
C ASN D 368 -2.92 20.18 -45.24
N ILE D 369 -1.80 19.49 -45.22
CA ILE D 369 -0.63 19.89 -46.02
C ILE D 369 -0.67 19.14 -47.34
N LYS D 370 -0.43 19.88 -48.42
CA LYS D 370 -0.57 19.32 -49.77
C LYS D 370 0.45 18.21 -50.01
N LEU D 371 0.07 17.28 -50.89
CA LEU D 371 0.78 16.02 -51.04
C LEU D 371 2.24 16.23 -51.42
N GLU D 372 2.50 17.16 -52.34
CA GLU D 372 3.85 17.40 -52.82
C GLU D 372 4.65 18.32 -51.91
N ASP D 373 4.05 18.85 -50.84
CA ASP D 373 4.80 19.71 -49.94
C ASP D 373 5.78 18.90 -49.10
N PHE D 374 5.41 17.67 -48.71
CA PHE D 374 6.32 16.83 -47.96
C PHE D 374 7.54 16.45 -48.80
N LYS D 375 7.33 16.19 -50.10
CA LYS D 375 8.42 15.85 -50.99
C LYS D 375 9.26 17.05 -51.38
N ALA D 376 8.85 18.27 -51.01
CA ALA D 376 9.59 19.46 -51.38
C ALA D 376 10.91 19.53 -50.61
N LYS D 377 11.88 20.24 -51.20
CA LYS D 377 13.19 20.42 -50.62
C LYS D 377 13.31 21.72 -49.82
N LYS D 378 12.19 22.32 -49.45
CA LYS D 378 12.21 23.57 -48.70
C LYS D 378 12.70 23.35 -47.28
N ARG D 379 13.24 24.41 -46.68
CA ARG D 379 13.77 24.35 -45.32
C ARG D 379 13.04 25.27 -44.35
N THR D 380 11.96 25.91 -44.76
CA THR D 380 11.20 26.76 -43.85
C THR D 380 10.52 25.92 -42.77
N LYS D 381 10.33 26.52 -41.60
CA LYS D 381 9.72 25.81 -40.48
C LYS D 381 8.29 25.40 -40.80
N SER D 382 7.52 26.29 -41.45
CA SER D 382 6.12 25.99 -41.75
C SER D 382 5.98 24.78 -42.66
N VAL D 383 6.81 24.70 -43.70
CA VAL D 383 6.82 23.54 -44.58
C VAL D 383 7.37 22.30 -43.87
N ALA D 384 8.42 22.48 -43.07
CA ALA D 384 9.12 21.33 -42.51
C ALA D 384 8.31 20.62 -41.44
N PHE D 385 7.70 21.37 -40.53
CA PHE D 385 7.09 20.77 -39.34
C PHE D 385 6.13 19.62 -39.65
N PRO D 386 5.18 19.75 -40.58
CA PRO D 386 4.32 18.59 -40.89
C PRO D 386 5.12 17.38 -41.37
N ARG D 387 6.20 17.62 -42.11
CA ARG D 387 7.02 16.50 -42.60
C ARG D 387 7.55 15.67 -41.45
N GLN D 388 8.20 16.30 -40.48
CA GLN D 388 8.75 15.51 -39.38
C GLN D 388 7.69 15.00 -38.41
N ILE D 389 6.58 15.70 -38.20
CA ILE D 389 5.56 15.12 -37.34
C ILE D 389 4.96 13.87 -37.98
N ALA D 390 4.71 13.90 -39.30
CA ALA D 390 4.20 12.72 -39.98
C ALA D 390 5.24 11.61 -40.02
N MET D 391 6.52 11.98 -40.18
CA MET D 391 7.58 10.97 -40.17
C MET D 391 7.66 10.27 -38.83
N TYR D 392 7.60 11.03 -37.73
CA TYR D 392 7.63 10.42 -36.41
C TYR D 392 6.38 9.56 -36.17
N LEU D 393 5.22 10.03 -36.63
CA LEU D 393 4.00 9.25 -36.51
C LEU D 393 4.14 7.91 -37.22
N SER D 394 4.61 7.92 -38.46
CA SER D 394 4.80 6.69 -39.20
C SER D 394 5.84 5.80 -38.51
N ARG D 395 6.95 6.39 -38.07
CA ARG D 395 8.02 5.60 -37.47
C ARG D 395 7.53 4.90 -36.20
N GLU D 396 6.68 5.56 -35.43
CA GLU D 396 6.13 4.92 -34.24
C GLU D 396 4.95 4.00 -34.55
N MET D 397 4.36 4.12 -35.74
CA MET D 397 3.18 3.30 -36.06
C MET D 397 3.32 2.69 -37.46
N THR D 398 4.51 2.19 -37.79
CA THR D 398 4.71 1.38 -38.99
C THR D 398 5.75 0.31 -38.70
N ASP D 399 5.70 -0.75 -39.49
CA ASP D 399 6.71 -1.80 -39.47
C ASP D 399 7.71 -1.68 -40.61
N SER D 400 7.57 -0.67 -41.47
CA SER D 400 8.45 -0.49 -42.61
C SER D 400 9.84 -0.04 -42.15
N SER D 401 10.83 -0.30 -42.99
CA SER D 401 12.20 0.08 -42.66
C SER D 401 12.39 1.59 -42.78
N LEU D 402 13.31 2.09 -41.96
CA LEU D 402 13.64 3.51 -42.00
C LEU D 402 14.13 3.97 -43.38
N PRO D 403 15.04 3.27 -44.06
CA PRO D 403 15.39 3.69 -45.43
C PRO D 403 14.21 3.70 -46.38
N LYS D 404 13.29 2.74 -46.27
CA LYS D 404 12.12 2.72 -47.14
C LYS D 404 11.24 3.94 -46.90
N ILE D 405 10.95 4.25 -45.63
CA ILE D 405 10.10 5.40 -45.35
C ILE D 405 10.80 6.68 -45.74
N GLY D 406 12.12 6.76 -45.58
CA GLY D 406 12.86 7.93 -46.01
C GLY D 406 12.82 8.13 -47.51
N GLU D 407 12.98 7.03 -48.26
CA GLU D 407 12.88 7.12 -49.72
C GLU D 407 11.48 7.54 -50.15
N GLU D 408 10.44 7.03 -49.46
CA GLU D 408 9.09 7.44 -49.78
C GLU D 408 8.87 8.92 -49.49
N PHE D 409 9.40 9.41 -48.38
CA PHE D 409 9.24 10.82 -47.99
C PHE D 409 10.27 11.68 -48.71
N GLY D 410 10.12 11.76 -50.03
CA GLY D 410 10.97 12.61 -50.84
C GLY D 410 12.37 12.10 -51.08
N GLY D 411 12.63 10.83 -50.83
CA GLY D 411 13.97 10.28 -51.04
C GLY D 411 15.02 10.89 -50.14
N ARG D 412 14.71 11.03 -48.85
CA ARG D 412 15.60 11.69 -47.92
C ARG D 412 16.51 10.68 -47.20
N ASP D 413 17.63 11.19 -46.70
CA ASP D 413 18.55 10.37 -45.93
C ASP D 413 17.97 10.05 -44.56
N HIS D 414 18.46 8.95 -43.98
CA HIS D 414 17.93 8.52 -42.69
C HIS D 414 18.41 9.41 -41.55
N THR D 415 19.55 10.09 -41.71
CA THR D 415 20.04 10.96 -40.65
C THR D 415 19.14 12.16 -40.44
N THR D 416 18.62 12.74 -41.52
CA THR D 416 17.69 13.86 -41.39
C THR D 416 16.42 13.44 -40.66
N VAL D 417 15.89 12.27 -41.01
CA VAL D 417 14.72 11.72 -40.30
C VAL D 417 15.06 11.51 -38.84
N ILE D 418 16.26 10.99 -38.56
CA ILE D 418 16.68 10.75 -37.18
C ILE D 418 16.65 12.04 -36.38
N HIS D 419 17.30 13.09 -36.91
CA HIS D 419 17.36 14.35 -36.18
C HIS D 419 15.99 14.98 -36.03
N ALA D 420 15.17 14.94 -37.09
CA ALA D 420 13.86 15.57 -37.04
C ALA D 420 12.96 14.89 -36.02
N HIS D 421 12.86 13.56 -36.06
CA HIS D 421 11.98 12.89 -35.11
C HIS D 421 12.55 12.93 -33.70
N GLU D 422 13.87 13.03 -33.54
CA GLU D 422 14.42 13.17 -32.19
C GLU D 422 14.07 14.54 -31.59
N LYS D 423 14.19 15.61 -32.39
CA LYS D 423 13.75 16.91 -31.89
C LYS D 423 12.24 16.91 -31.65
N ILE D 424 11.50 16.13 -32.44
CA ILE D 424 10.07 15.94 -32.17
C ILE D 424 9.87 15.31 -30.79
N SER D 425 10.68 14.30 -30.47
CA SER D 425 10.59 13.66 -29.16
C SER D 425 10.90 14.67 -28.04
N LYS D 426 11.93 15.48 -28.23
CA LYS D 426 12.25 16.50 -27.24
C LYS D 426 11.11 17.49 -27.04
N LEU D 427 10.50 17.95 -28.14
CA LEU D 427 9.42 18.93 -28.00
C LEU D 427 8.13 18.31 -27.48
N LEU D 428 7.94 17.00 -27.63
CA LEU D 428 6.77 16.36 -27.03
C LEU D 428 7.00 15.93 -25.59
N ALA D 429 8.25 15.84 -25.15
CA ALA D 429 8.54 15.50 -23.78
C ALA D 429 8.30 16.65 -22.80
N ASP D 430 8.08 17.87 -23.30
CA ASP D 430 7.92 19.03 -22.43
C ASP D 430 6.75 19.93 -22.80
N ASP D 431 6.18 19.83 -24.00
CA ASP D 431 5.10 20.70 -24.44
C ASP D 431 3.80 19.90 -24.53
N GLU D 432 2.70 20.51 -24.08
CA GLU D 432 1.44 19.79 -23.92
C GLU D 432 0.42 20.07 -25.02
N GLN D 433 0.40 21.27 -25.60
CA GLN D 433 -0.57 21.54 -26.66
C GLN D 433 -0.35 20.63 -27.85
N LEU D 434 0.90 20.48 -28.29
CA LEU D 434 1.18 19.49 -29.31
C LEU D 434 0.99 18.07 -28.81
N GLN D 435 0.98 17.86 -27.49
CA GLN D 435 0.65 16.54 -26.96
C GLN D 435 -0.81 16.20 -27.23
N GLN D 436 -1.74 17.13 -26.95
CA GLN D 436 -3.12 16.82 -27.33
C GLN D 436 -3.31 16.81 -28.84
N HIS D 437 -2.52 17.60 -29.57
CA HIS D 437 -2.58 17.54 -31.03
C HIS D 437 -2.20 16.13 -31.52
N VAL D 438 -1.12 15.58 -31.00
CA VAL D 438 -0.66 14.27 -31.47
C VAL D 438 -1.58 13.16 -30.98
N LYS D 439 -2.17 13.29 -29.78
CA LYS D 439 -3.12 12.27 -29.36
C LYS D 439 -4.38 12.30 -30.23
N GLU D 440 -4.83 13.50 -30.63
CA GLU D 440 -5.92 13.57 -31.60
C GLU D 440 -5.51 12.93 -32.93
N ILE D 441 -4.29 13.19 -33.38
CA ILE D 441 -3.82 12.62 -34.64
C ILE D 441 -3.87 11.09 -34.58
N LYS D 442 -3.35 10.52 -33.48
CA LYS D 442 -3.32 9.07 -33.37
C LYS D 442 -4.71 8.49 -33.14
N GLU D 443 -5.62 9.28 -32.56
CA GLU D 443 -6.99 8.80 -32.38
C GLU D 443 -7.74 8.74 -33.70
N GLN D 444 -7.59 9.77 -34.54
CA GLN D 444 -8.34 9.77 -35.80
C GLN D 444 -7.59 9.16 -36.98
N LEU D 445 -6.33 8.74 -36.82
CA LEU D 445 -5.72 8.00 -37.92
C LEU D 445 -6.20 6.55 -37.96
N LYS D 446 -6.49 5.96 -36.81
CA LYS D 446 -6.95 4.58 -36.74
C LYS D 446 -8.44 4.49 -37.04
N ASN E 109 8.39 -52.19 -8.74
CA ASN E 109 7.70 -51.57 -7.62
C ASN E 109 7.50 -50.07 -7.85
N MET E 110 8.02 -49.27 -6.93
CA MET E 110 7.94 -47.81 -7.02
C MET E 110 9.15 -47.22 -7.72
N LEU E 111 9.79 -47.98 -8.60
CA LEU E 111 10.93 -47.51 -9.39
C LEU E 111 10.52 -47.55 -10.86
N ASN E 112 10.84 -46.49 -11.59
CA ASN E 112 10.56 -46.46 -13.02
C ASN E 112 11.44 -47.49 -13.72
N PRO E 113 10.86 -48.39 -14.53
CA PRO E 113 11.68 -49.37 -15.25
C PRO E 113 12.61 -48.75 -16.27
N LYS E 114 12.33 -47.54 -16.75
CA LYS E 114 13.19 -46.94 -17.77
C LYS E 114 14.52 -46.49 -17.18
N TYR E 115 14.56 -46.22 -15.89
CA TYR E 115 15.78 -45.75 -15.23
C TYR E 115 16.58 -46.96 -14.78
N THR E 116 17.77 -47.15 -15.37
CA THR E 116 18.63 -48.27 -15.03
C THR E 116 20.05 -47.92 -15.44
N PHE E 117 21.02 -48.56 -14.78
CA PHE E 117 22.42 -48.32 -15.09
C PHE E 117 22.76 -48.61 -16.54
N ASP E 118 22.11 -49.60 -17.15
CA ASP E 118 22.37 -49.94 -18.54
C ASP E 118 21.79 -48.93 -19.52
N THR E 119 20.69 -48.29 -19.18
CA THR E 119 20.07 -47.27 -20.02
C THR E 119 20.56 -45.86 -19.68
N PHE E 120 21.64 -45.75 -18.92
CA PHE E 120 22.22 -44.46 -18.57
C PHE E 120 23.46 -44.20 -19.42
N VAL E 121 23.58 -42.98 -19.91
CA VAL E 121 24.69 -42.60 -20.78
C VAL E 121 25.78 -41.96 -19.93
N ILE E 122 27.00 -42.46 -20.08
CA ILE E 122 28.14 -41.95 -19.31
C ILE E 122 28.81 -40.84 -20.12
N GLY E 123 29.01 -39.70 -19.48
CA GLY E 123 29.66 -38.57 -20.11
C GLY E 123 30.68 -37.97 -19.16
N SER E 124 31.26 -36.84 -19.58
CA SER E 124 32.25 -36.18 -18.75
C SER E 124 31.61 -35.50 -17.55
N GLY E 125 30.38 -35.03 -17.66
CA GLY E 125 29.71 -34.35 -16.58
C GLY E 125 29.06 -35.23 -15.54
N ASN E 126 28.99 -36.54 -15.79
CA ASN E 126 28.34 -37.44 -14.86
C ASN E 126 29.15 -38.69 -14.58
N ARG E 127 30.40 -38.76 -15.03
CA ARG E 127 31.21 -39.95 -14.82
C ARG E 127 31.44 -40.22 -13.34
N PHE E 128 31.73 -39.17 -12.57
CA PHE E 128 32.03 -39.35 -11.15
C PHE E 128 30.79 -39.80 -10.38
N ALA E 129 29.67 -39.13 -10.60
CA ALA E 129 28.44 -39.49 -9.89
C ALA E 129 27.97 -40.88 -10.29
N HIS E 130 28.08 -41.22 -11.58
CA HIS E 130 27.73 -42.56 -12.02
C HIS E 130 28.62 -43.62 -11.37
N ALA E 131 29.94 -43.37 -11.33
CA ALA E 131 30.84 -44.34 -10.74
C ALA E 131 30.57 -44.52 -9.26
N ALA E 132 30.33 -43.41 -8.54
CA ALA E 132 30.02 -43.50 -7.13
C ALA E 132 28.73 -44.25 -6.89
N SER E 133 27.70 -43.98 -7.69
CA SER E 133 26.43 -44.68 -7.54
C SER E 133 26.59 -46.17 -7.82
N LEU E 134 27.38 -46.52 -8.84
CA LEU E 134 27.59 -47.92 -9.16
C LEU E 134 28.37 -48.63 -8.06
N ALA E 135 29.36 -47.95 -7.48
CA ALA E 135 30.10 -48.52 -6.36
C ALA E 135 29.22 -48.73 -5.15
N VAL E 136 28.30 -47.79 -4.89
CA VAL E 136 27.34 -47.97 -3.81
C VAL E 136 26.41 -49.15 -4.08
N ALA E 137 25.94 -49.28 -5.32
CA ALA E 137 25.09 -50.41 -5.67
C ALA E 137 25.80 -51.73 -5.51
N GLU E 138 27.08 -51.80 -5.89
CA GLU E 138 27.87 -53.02 -5.78
C GLU E 138 28.27 -53.33 -4.34
N ALA E 139 28.47 -52.30 -3.51
CA ALA E 139 28.88 -52.45 -2.11
C ALA E 139 28.00 -51.56 -1.26
N PRO E 140 26.77 -51.97 -0.93
CA PRO E 140 25.86 -51.10 -0.18
C PRO E 140 26.28 -50.98 1.28
N ALA E 141 26.33 -49.74 1.77
CA ALA E 141 26.67 -49.38 3.15
C ALA E 141 28.10 -49.68 3.51
N LYS E 142 28.96 -49.94 2.53
CA LYS E 142 30.37 -50.25 2.77
C LYS E 142 31.32 -49.21 2.19
N ALA E 143 31.11 -48.82 0.92
CA ALA E 143 31.99 -47.87 0.24
C ALA E 143 31.72 -46.44 0.64
N TYR E 144 30.48 -45.96 0.44
CA TYR E 144 30.08 -44.58 0.75
C TYR E 144 28.71 -44.68 1.44
N ASN E 145 28.71 -44.64 2.77
CA ASN E 145 27.44 -44.83 3.44
C ASN E 145 26.53 -43.63 3.23
N PRO E 146 26.97 -42.40 3.54
CA PRO E 146 26.21 -41.26 3.00
C PRO E 146 26.74 -40.86 1.64
N LEU E 147 25.89 -40.94 0.62
CA LEU E 147 26.24 -40.46 -0.71
C LEU E 147 25.29 -39.35 -1.11
N PHE E 148 25.86 -38.15 -1.33
CA PHE E 148 25.09 -36.95 -1.60
C PHE E 148 25.30 -36.58 -3.05
N ILE E 149 24.22 -36.37 -3.78
CA ILE E 149 24.26 -36.00 -5.19
C ILE E 149 23.67 -34.62 -5.32
N TYR E 150 24.33 -33.74 -6.07
CA TYR E 150 23.75 -32.44 -6.38
C TYR E 150 24.04 -32.09 -7.83
N GLY E 151 23.22 -31.21 -8.38
CA GLY E 151 23.40 -30.81 -9.76
C GLY E 151 22.22 -29.99 -10.24
N GLY E 152 22.21 -29.70 -11.53
CA GLY E 152 21.10 -29.00 -12.13
C GLY E 152 19.87 -29.87 -12.23
N VAL E 153 18.79 -29.29 -12.75
CA VAL E 153 17.54 -29.99 -12.90
C VAL E 153 17.48 -30.59 -14.30
N GLY E 154 16.92 -31.79 -14.40
CA GLY E 154 16.94 -32.52 -15.65
C GLY E 154 18.30 -33.08 -15.99
N LEU E 155 19.10 -33.41 -14.97
CA LEU E 155 20.48 -33.82 -15.18
C LEU E 155 20.77 -35.29 -14.88
N GLY E 156 19.83 -36.04 -14.33
CA GLY E 156 20.00 -37.48 -14.23
C GLY E 156 20.12 -38.06 -12.83
N LYS E 157 19.79 -37.28 -11.80
CA LYS E 157 19.95 -37.76 -10.42
C LYS E 157 18.92 -38.83 -10.07
N THR E 158 17.65 -38.58 -10.39
CA THR E 158 16.63 -39.58 -10.12
C THR E 158 16.85 -40.84 -10.94
N HIS E 159 17.29 -40.67 -12.19
CA HIS E 159 17.69 -41.82 -12.99
C HIS E 159 18.80 -42.61 -12.31
N LEU E 160 19.81 -41.89 -11.79
CA LEU E 160 20.95 -42.55 -11.15
C LEU E 160 20.52 -43.38 -9.95
N MET E 161 19.66 -42.81 -9.09
CA MET E 161 19.37 -43.56 -7.87
C MET E 161 18.22 -44.54 -8.05
N HIS E 162 17.39 -44.36 -9.06
CA HIS E 162 16.52 -45.46 -9.49
C HIS E 162 17.36 -46.62 -10.00
N ALA E 163 18.44 -46.31 -10.72
CA ALA E 163 19.36 -47.37 -11.13
C ALA E 163 20.00 -48.05 -9.93
N ILE E 164 20.37 -47.29 -8.91
CA ILE E 164 20.90 -47.89 -7.69
C ILE E 164 19.89 -48.85 -7.09
N GLY E 165 18.64 -48.41 -6.95
CA GLY E 165 17.62 -49.26 -6.37
C GLY E 165 17.39 -50.53 -7.18
N HIS E 166 17.36 -50.39 -8.50
CA HIS E 166 17.20 -51.54 -9.37
C HIS E 166 18.36 -52.52 -9.21
N TYR E 167 19.59 -52.00 -9.18
CA TYR E 167 20.75 -52.86 -9.01
C TYR E 167 20.68 -53.61 -7.69
N VAL E 168 20.36 -52.90 -6.61
CA VAL E 168 20.34 -53.53 -5.29
C VAL E 168 19.26 -54.59 -5.23
N ILE E 169 18.07 -54.30 -5.76
CA ILE E 169 17.00 -55.29 -5.74
C ILE E 169 17.36 -56.51 -6.58
N ASP E 170 17.91 -56.27 -7.78
CA ASP E 170 18.25 -57.38 -8.67
C ASP E 170 19.31 -58.29 -8.06
N HIS E 171 20.36 -57.70 -7.50
CA HIS E 171 21.45 -58.52 -6.98
C HIS E 171 21.12 -59.10 -5.60
N ASN E 172 20.19 -58.49 -4.87
CA ASN E 172 19.77 -58.97 -3.56
C ASN E 172 18.27 -58.79 -3.43
N PRO E 173 17.48 -59.87 -3.48
CA PRO E 173 16.02 -59.74 -3.42
C PRO E 173 15.47 -59.55 -2.03
N SER E 174 16.23 -59.84 -0.98
CA SER E 174 15.76 -59.68 0.38
C SER E 174 15.88 -58.24 0.88
N ALA E 175 16.59 -57.38 0.15
CA ALA E 175 16.81 -56.01 0.58
C ALA E 175 15.52 -55.21 0.51
N LYS E 176 15.35 -54.32 1.49
CA LYS E 176 14.21 -53.41 1.55
C LYS E 176 14.68 -52.03 1.12
N VAL E 177 14.68 -51.79 -0.19
CA VAL E 177 15.12 -50.54 -0.77
C VAL E 177 13.90 -49.64 -0.87
N VAL E 178 13.95 -48.48 -0.23
CA VAL E 178 12.86 -47.51 -0.27
C VAL E 178 13.36 -46.23 -0.94
N TYR E 179 12.60 -45.74 -1.90
CA TYR E 179 12.90 -44.50 -2.58
C TYR E 179 11.71 -43.56 -2.44
N LEU E 180 11.99 -42.27 -2.20
CA LEU E 180 10.93 -41.29 -2.10
C LEU E 180 11.52 -39.89 -2.24
N SER E 181 10.65 -38.89 -2.13
CA SER E 181 11.01 -37.49 -2.21
C SER E 181 10.79 -36.84 -0.85
N SER E 182 11.58 -35.81 -0.58
CA SER E 182 11.49 -35.14 0.72
C SER E 182 10.10 -34.55 0.94
N GLU E 183 9.40 -34.19 -0.13
CA GLU E 183 8.02 -33.75 0.00
C GLU E 183 7.15 -34.84 0.59
N LYS E 184 7.27 -36.06 0.04
CA LYS E 184 6.49 -37.18 0.57
C LYS E 184 6.96 -37.55 1.97
N PHE E 185 8.27 -37.43 2.24
CA PHE E 185 8.76 -37.67 3.59
C PHE E 185 8.08 -36.75 4.60
N THR E 186 8.04 -35.44 4.31
CA THR E 186 7.39 -34.51 5.22
C THR E 186 5.90 -34.77 5.33
N ASN E 187 5.24 -35.06 4.20
CA ASN E 187 3.80 -35.31 4.25
C ASN E 187 3.48 -36.51 5.13
N GLU E 188 4.22 -37.61 4.95
CA GLU E 188 4.00 -38.80 5.76
C GLU E 188 4.33 -38.54 7.22
N PHE E 189 5.43 -37.82 7.49
CA PHE E 189 5.82 -37.51 8.85
C PHE E 189 4.74 -36.73 9.58
N ILE E 190 4.23 -35.67 8.95
CA ILE E 190 3.24 -34.82 9.59
C ILE E 190 1.91 -35.56 9.73
N ASN E 191 1.51 -36.31 8.71
CA ASN E 191 0.26 -37.05 8.84
C ASN E 191 0.34 -38.12 9.93
N SER E 192 1.51 -38.75 10.08
CA SER E 192 1.70 -39.69 11.17
C SER E 192 1.58 -39.01 12.53
N ILE E 193 2.15 -37.81 12.65
CA ILE E 193 1.98 -37.06 13.91
C ILE E 193 0.51 -36.79 14.16
N ARG E 194 -0.21 -36.35 13.13
CA ARG E 194 -1.60 -35.93 13.33
C ARG E 194 -2.51 -37.10 13.63
N ASP E 195 -2.19 -38.30 13.12
CA ASP E 195 -3.03 -39.46 13.30
C ASP E 195 -2.45 -40.46 14.30
N ASN E 196 -1.49 -40.03 15.12
CA ASN E 196 -0.86 -40.90 16.12
C ASN E 196 -0.26 -42.15 15.48
N LYS E 197 0.32 -41.97 14.30
CA LYS E 197 0.97 -43.05 13.56
C LYS E 197 2.50 -42.87 13.57
N ALA E 198 3.02 -42.16 14.57
CA ALA E 198 4.43 -41.86 14.62
C ALA E 198 5.27 -43.13 14.76
N VAL E 199 4.82 -44.07 15.59
CA VAL E 199 5.55 -45.32 15.77
C VAL E 199 5.64 -46.06 14.45
N ASP E 200 4.55 -46.08 13.68
CA ASP E 200 4.55 -46.77 12.40
C ASP E 200 5.45 -46.06 11.39
N PHE E 201 5.47 -44.73 11.40
CA PHE E 201 6.39 -44.00 10.53
C PHE E 201 7.83 -44.36 10.85
N ARG E 202 8.18 -44.38 12.13
CA ARG E 202 9.53 -44.76 12.53
C ARG E 202 9.83 -46.19 12.13
N ASN E 203 8.86 -47.09 12.31
CA ASN E 203 9.07 -48.49 11.92
C ASN E 203 9.32 -48.63 10.43
N ARG E 204 8.55 -47.92 9.60
CA ARG E 204 8.76 -48.06 8.15
C ARG E 204 10.06 -47.42 7.68
N TYR E 205 10.54 -46.36 8.33
CA TYR E 205 11.66 -45.65 7.75
C TYR E 205 13.00 -45.90 8.42
N ARG E 206 13.03 -46.36 9.67
CA ARG E 206 14.27 -46.63 10.35
C ARG E 206 14.84 -48.01 10.01
N ASN E 207 14.05 -48.88 9.38
CA ASN E 207 14.47 -50.26 9.18
C ASN E 207 14.66 -50.64 7.72
N VAL E 208 14.83 -49.67 6.82
CA VAL E 208 15.06 -49.97 5.42
C VAL E 208 16.54 -50.27 5.19
N ASP E 209 16.81 -51.18 4.25
CA ASP E 209 18.19 -51.56 3.97
C ASP E 209 18.91 -50.48 3.17
N VAL E 210 18.20 -49.84 2.24
CA VAL E 210 18.72 -48.72 1.48
C VAL E 210 17.63 -47.65 1.40
N LEU E 211 18.02 -46.40 1.61
CA LEU E 211 17.10 -45.27 1.54
C LEU E 211 17.55 -44.30 0.45
N LEU E 212 16.61 -43.82 -0.34
CA LEU E 212 16.87 -42.92 -1.46
C LEU E 212 15.96 -41.70 -1.33
N ILE E 213 16.56 -40.50 -1.32
CA ILE E 213 15.83 -39.27 -1.04
C ILE E 213 16.02 -38.30 -2.21
N ASP E 214 14.91 -37.81 -2.75
CA ASP E 214 14.91 -36.72 -3.73
C ASP E 214 15.01 -35.36 -3.05
N ASP E 215 15.68 -34.43 -3.74
CA ASP E 215 15.54 -32.98 -3.53
C ASP E 215 15.41 -32.61 -2.06
N ILE E 216 16.44 -32.95 -1.28
CA ILE E 216 16.41 -32.70 0.15
C ILE E 216 16.39 -31.21 0.46
N GLN E 217 16.58 -30.36 -0.54
CA GLN E 217 16.35 -28.92 -0.41
C GLN E 217 14.98 -28.60 0.12
N PHE E 218 13.99 -29.46 -0.16
CA PHE E 218 12.65 -29.21 0.33
C PHE E 218 12.61 -29.13 1.85
N LEU E 219 13.56 -29.77 2.53
CA LEU E 219 13.57 -29.73 3.99
C LEU E 219 13.94 -28.35 4.52
N ALA E 220 14.54 -27.51 3.69
CA ALA E 220 14.94 -26.18 4.15
C ALA E 220 13.72 -25.36 4.54
N GLY E 221 13.80 -24.71 5.70
CA GLY E 221 12.69 -23.98 6.24
C GLY E 221 11.73 -24.80 7.08
N LYS E 222 11.97 -26.10 7.21
CA LYS E 222 11.17 -26.99 8.04
C LYS E 222 12.04 -27.52 9.16
N GLU E 223 11.69 -27.20 10.40
CA GLU E 223 12.53 -27.53 11.55
C GLU E 223 12.31 -28.95 12.04
N GLN E 224 11.06 -29.31 12.32
CA GLN E 224 10.79 -30.62 12.91
C GLN E 224 11.02 -31.76 11.91
N THR E 225 10.69 -31.54 10.64
CA THR E 225 11.00 -32.56 9.64
C THR E 225 12.50 -32.74 9.49
N GLN E 226 13.26 -31.64 9.57
CA GLN E 226 14.72 -31.75 9.54
C GLN E 226 15.23 -32.55 10.74
N GLU E 227 14.67 -32.31 11.92
CA GLU E 227 15.08 -33.09 13.10
C GLU E 227 14.74 -34.56 12.92
N GLU E 228 13.56 -34.86 12.38
CA GLU E 228 13.16 -36.25 12.24
C GLU E 228 14.01 -36.97 11.20
N PHE E 229 14.38 -36.26 10.13
CA PHE E 229 15.31 -36.84 9.16
C PHE E 229 16.71 -36.98 9.76
N PHE E 230 17.10 -36.06 10.64
CA PHE E 230 18.38 -36.19 11.31
C PHE E 230 18.43 -37.46 12.13
N HIS E 231 17.35 -37.75 12.86
CA HIS E 231 17.31 -38.96 13.66
C HIS E 231 17.22 -40.22 12.79
N THR E 232 16.48 -40.15 11.67
CA THR E 232 16.42 -41.28 10.74
C THR E 232 17.80 -41.56 10.15
N PHE E 233 18.50 -40.51 9.71
CA PHE E 233 19.87 -40.65 9.23
C PHE E 233 20.75 -41.29 10.29
N ASN E 234 20.66 -40.80 11.53
CA ASN E 234 21.50 -41.33 12.59
C ASN E 234 21.25 -42.81 12.81
N THR E 235 19.98 -43.21 12.90
CA THR E 235 19.67 -44.61 13.13
C THR E 235 20.15 -45.49 11.98
N LEU E 236 19.92 -45.04 10.73
CA LEU E 236 20.34 -45.84 9.58
C LEU E 236 21.85 -45.96 9.50
N HIS E 237 22.58 -44.87 9.76
CA HIS E 237 24.04 -44.91 9.71
C HIS E 237 24.60 -45.75 10.85
N GLU E 238 23.98 -45.70 12.03
CA GLU E 238 24.37 -46.56 13.13
C GLU E 238 24.13 -48.03 12.84
N GLU E 239 23.03 -48.37 12.19
CA GLU E 239 22.73 -49.75 11.81
C GLU E 239 23.52 -50.20 10.59
N SER E 240 24.47 -49.40 10.13
CA SER E 240 25.28 -49.70 8.94
C SER E 240 24.39 -49.96 7.72
N LYS E 241 23.39 -49.10 7.55
CA LYS E 241 22.51 -49.11 6.40
C LYS E 241 23.00 -48.06 5.41
N GLN E 242 22.40 -48.04 4.21
CA GLN E 242 22.83 -47.14 3.15
C GLN E 242 21.84 -46.01 2.97
N ILE E 243 22.36 -44.79 2.84
CA ILE E 243 21.56 -43.58 2.68
C ILE E 243 22.10 -42.86 1.45
N VAL E 244 21.21 -42.53 0.51
CA VAL E 244 21.57 -41.78 -0.69
C VAL E 244 20.66 -40.58 -0.79
N ILE E 245 21.25 -39.40 -0.97
CA ILE E 245 20.55 -38.13 -0.97
C ILE E 245 20.87 -37.39 -2.26
N SER E 246 19.85 -36.82 -2.89
CA SER E 246 20.06 -35.95 -4.03
C SER E 246 19.59 -34.55 -3.68
N SER E 247 20.07 -33.57 -4.43
CA SER E 247 19.80 -32.16 -4.17
C SER E 247 20.14 -31.39 -5.44
N ASP E 248 19.84 -30.10 -5.46
CA ASP E 248 20.31 -29.25 -6.55
C ASP E 248 21.41 -28.29 -6.10
N ARG E 249 21.67 -28.22 -4.81
CA ARG E 249 22.71 -27.42 -4.21
C ARG E 249 23.54 -28.26 -3.25
N PRO E 250 24.83 -27.98 -3.13
CA PRO E 250 25.65 -28.70 -2.14
C PRO E 250 25.20 -28.35 -0.73
N PRO E 251 25.46 -29.23 0.24
CA PRO E 251 24.93 -29.00 1.59
C PRO E 251 25.48 -27.76 2.26
N LYS E 252 26.60 -27.21 1.78
CA LYS E 252 27.15 -25.99 2.36
C LYS E 252 26.19 -24.82 2.17
N GLU E 253 25.50 -24.77 1.03
CA GLU E 253 24.65 -23.63 0.71
C GLU E 253 23.16 -23.96 0.73
N ILE E 254 22.73 -24.87 1.58
CA ILE E 254 21.31 -25.10 1.83
C ILE E 254 20.91 -24.22 3.01
N PRO E 255 20.03 -23.25 2.82
CA PRO E 255 19.68 -22.36 3.92
C PRO E 255 18.83 -23.06 4.97
N THR E 256 18.85 -22.50 6.18
CA THR E 256 18.07 -22.98 7.31
C THR E 256 18.34 -24.45 7.60
N LEU E 257 19.62 -24.83 7.51
CA LEU E 257 20.05 -26.19 7.81
C LEU E 257 20.94 -26.18 9.04
N GLU E 258 20.63 -27.07 9.99
CA GLU E 258 21.43 -27.18 11.20
C GLU E 258 22.82 -27.68 10.87
N ASP E 259 23.80 -27.28 11.69
CA ASP E 259 25.18 -27.69 11.43
C ASP E 259 25.38 -29.18 11.61
N ARG E 260 24.58 -29.83 12.46
CA ARG E 260 24.66 -31.28 12.59
C ARG E 260 24.28 -31.97 11.28
N LEU E 261 23.17 -31.55 10.66
CA LEU E 261 22.81 -32.08 9.35
C LEU E 261 23.83 -31.73 8.28
N ARG E 262 24.34 -30.49 8.29
CA ARG E 262 25.32 -30.10 7.29
C ARG E 262 26.60 -30.91 7.42
N SER E 263 27.00 -31.26 8.64
CA SER E 263 28.20 -32.06 8.83
C SER E 263 27.95 -33.52 8.49
N ARG E 264 26.73 -34.01 8.73
CA ARG E 264 26.39 -35.37 8.32
C ARG E 264 26.38 -35.51 6.81
N PHE E 265 25.90 -34.48 6.10
CA PHE E 265 25.85 -34.54 4.64
C PHE E 265 27.26 -34.61 4.04
N GLU E 266 28.20 -33.87 4.61
CA GLU E 266 29.57 -33.84 4.11
C GLU E 266 30.39 -35.02 4.61
N TRP E 267 29.81 -35.88 5.44
CA TRP E 267 30.56 -36.99 6.04
C TRP E 267 31.10 -37.94 4.98
N GLY E 268 30.30 -38.26 3.97
CA GLY E 268 30.67 -39.26 2.99
C GLY E 268 31.23 -38.67 1.71
N LEU E 269 30.67 -39.09 0.58
CA LEU E 269 31.09 -38.63 -0.73
C LEU E 269 30.03 -37.73 -1.34
N ILE E 270 30.45 -36.56 -1.81
CA ILE E 270 29.56 -35.60 -2.46
C ILE E 270 29.91 -35.53 -3.93
N THR E 271 28.94 -35.82 -4.78
CA THR E 271 29.12 -35.83 -6.23
C THR E 271 28.25 -34.77 -6.89
N ASP E 272 28.76 -34.24 -8.00
CA ASP E 272 28.11 -33.17 -8.73
C ASP E 272 27.81 -33.61 -10.16
N ILE E 273 26.69 -33.12 -10.69
CA ILE E 273 26.30 -33.32 -12.07
C ILE E 273 26.38 -31.96 -12.77
N THR E 274 26.90 -31.96 -14.00
CA THR E 274 27.00 -30.75 -14.80
C THR E 274 26.27 -30.97 -16.12
N PRO E 275 25.83 -29.90 -16.76
CA PRO E 275 25.10 -30.04 -18.03
C PRO E 275 25.93 -30.80 -19.05
N PRO E 276 25.29 -31.65 -19.85
CA PRO E 276 26.02 -32.50 -20.78
C PRO E 276 26.58 -31.71 -21.96
N ASP E 277 27.59 -32.30 -22.60
CA ASP E 277 28.15 -31.71 -23.81
C ASP E 277 27.55 -32.37 -25.05
N LEU E 278 28.06 -31.98 -26.22
CA LEU E 278 27.40 -32.35 -27.47
C LEU E 278 27.43 -33.85 -27.71
N GLU E 279 28.57 -34.49 -27.47
CA GLU E 279 28.70 -35.92 -27.76
C GLU E 279 27.73 -36.73 -26.91
N THR E 280 27.64 -36.43 -25.63
CA THR E 280 26.72 -37.19 -24.79
C THR E 280 25.27 -36.79 -25.02
N ARG E 281 25.02 -35.56 -25.49
CA ARG E 281 23.65 -35.23 -25.90
C ARG E 281 23.21 -36.08 -27.08
N ILE E 282 24.07 -36.20 -28.09
CA ILE E 282 23.75 -37.06 -29.23
C ILE E 282 23.63 -38.50 -28.78
N ALA E 283 24.47 -38.94 -27.84
CA ALA E 283 24.40 -40.32 -27.38
C ALA E 283 23.12 -40.59 -26.60
N ILE E 284 22.69 -39.64 -25.77
CA ILE E 284 21.43 -39.77 -25.05
C ILE E 284 20.27 -39.85 -26.02
N LEU E 285 20.26 -38.97 -27.02
CA LEU E 285 19.19 -39.02 -28.01
C LEU E 285 19.21 -40.32 -28.78
N ARG E 286 20.39 -40.83 -29.14
CA ARG E 286 20.50 -42.12 -29.80
C ARG E 286 19.93 -43.23 -28.94
N LYS E 287 20.25 -43.21 -27.64
CA LYS E 287 19.73 -44.24 -26.74
C LYS E 287 18.20 -44.19 -26.66
N LYS E 288 17.64 -42.99 -26.54
CA LYS E 288 16.19 -42.87 -26.48
C LYS E 288 15.55 -43.33 -27.78
N ALA E 289 16.13 -42.94 -28.92
CA ALA E 289 15.59 -43.33 -30.21
C ALA E 289 15.64 -44.84 -30.41
N LYS E 290 16.77 -45.48 -30.06
CA LYS E 290 16.88 -46.92 -30.18
C LYS E 290 15.95 -47.66 -29.24
N ALA E 291 15.74 -47.15 -28.02
CA ALA E 291 14.79 -47.79 -27.11
C ALA E 291 13.37 -47.66 -27.63
N GLU E 292 13.02 -46.50 -28.19
CA GLU E 292 11.66 -46.29 -28.70
C GLU E 292 11.41 -47.12 -29.96
N GLY E 293 12.42 -47.25 -30.82
CA GLY E 293 12.28 -48.01 -32.05
C GLY E 293 12.04 -47.17 -33.29
N LEU E 294 12.83 -46.12 -33.47
CA LEU E 294 12.73 -45.25 -34.63
C LEU E 294 14.10 -45.05 -35.24
N ASP E 295 14.15 -44.82 -36.56
CA ASP E 295 15.39 -44.55 -37.27
C ASP E 295 15.41 -43.10 -37.71
N ILE E 296 16.48 -42.38 -37.38
CA ILE E 296 16.56 -40.94 -37.57
C ILE E 296 17.97 -40.54 -38.00
N PRO E 297 18.11 -39.64 -38.97
CA PRO E 297 19.44 -39.31 -39.50
C PRO E 297 20.35 -38.62 -38.50
N ASN E 298 21.64 -38.84 -38.69
CA ASN E 298 22.65 -38.20 -37.84
C ASN E 298 22.57 -36.68 -37.95
N GLU E 299 22.24 -36.16 -39.14
CA GLU E 299 22.15 -34.71 -39.29
C GLU E 299 21.01 -34.14 -38.46
N VAL E 300 19.86 -34.80 -38.48
CA VAL E 300 18.75 -34.37 -37.62
C VAL E 300 19.16 -34.44 -36.17
N MET E 301 19.83 -35.54 -35.80
CA MET E 301 20.24 -35.73 -34.41
C MET E 301 21.15 -34.61 -33.95
N LEU E 302 22.17 -34.31 -34.74
CA LEU E 302 23.13 -33.26 -34.41
C LEU E 302 22.48 -31.90 -34.41
N TYR E 303 21.53 -31.66 -35.33
CA TYR E 303 20.81 -30.40 -35.34
C TYR E 303 20.06 -30.20 -34.02
N ILE E 304 19.31 -31.21 -33.59
CA ILE E 304 18.59 -31.07 -32.33
C ILE E 304 19.55 -30.85 -31.17
N ALA E 305 20.60 -31.68 -31.10
CA ALA E 305 21.53 -31.59 -29.99
C ALA E 305 22.25 -30.25 -29.94
N ASN E 306 22.49 -29.62 -31.10
CA ASN E 306 23.14 -28.31 -31.11
C ASN E 306 22.15 -27.21 -30.77
N GLN E 307 20.92 -27.33 -31.25
CA GLN E 307 19.98 -26.22 -31.13
C GLN E 307 19.39 -26.12 -29.73
N ILE E 308 19.15 -27.24 -29.07
CA ILE E 308 18.57 -27.21 -27.72
C ILE E 308 19.56 -27.84 -26.74
N ASP E 309 20.10 -27.01 -25.84
CA ASP E 309 20.96 -27.51 -24.76
C ASP E 309 20.83 -26.58 -23.55
N SER E 310 19.85 -26.89 -22.69
CA SER E 310 19.82 -26.36 -21.33
C SER E 310 19.78 -27.47 -20.30
N ASN E 311 18.87 -28.44 -20.47
CA ASN E 311 18.92 -29.70 -19.75
C ASN E 311 18.54 -30.79 -20.74
N ILE E 312 18.21 -31.97 -20.21
CA ILE E 312 17.96 -33.10 -21.08
C ILE E 312 16.47 -33.40 -21.27
N ARG E 313 15.62 -33.02 -20.32
CA ARG E 313 14.18 -33.16 -20.48
C ARG E 313 13.72 -32.49 -21.77
N GLU E 314 14.20 -31.28 -22.02
CA GLU E 314 13.85 -30.58 -23.23
C GLU E 314 14.45 -31.24 -24.45
N LEU E 315 15.55 -31.98 -24.29
CA LEU E 315 16.07 -32.77 -25.39
C LEU E 315 15.08 -33.86 -25.81
N GLU E 316 14.60 -34.66 -24.85
CA GLU E 316 13.59 -35.66 -25.20
C GLU E 316 12.32 -35.00 -25.72
N GLY E 317 11.93 -33.87 -25.14
CA GLY E 317 10.74 -33.18 -25.63
C GLY E 317 10.86 -32.77 -27.08
N ALA E 318 12.01 -32.20 -27.46
CA ALA E 318 12.21 -31.80 -28.85
C ALA E 318 12.22 -33.01 -29.77
N LEU E 319 12.89 -34.09 -29.36
CA LEU E 319 12.91 -35.27 -30.20
C LEU E 319 11.52 -35.83 -30.42
N ILE E 320 10.73 -35.95 -29.36
CA ILE E 320 9.40 -36.54 -29.52
C ILE E 320 8.50 -35.60 -30.32
N ARG E 321 8.66 -34.30 -30.15
CA ARG E 321 7.87 -33.35 -30.94
C ARG E 321 8.19 -33.48 -32.42
N VAL E 322 9.47 -33.58 -32.76
CA VAL E 322 9.82 -33.63 -34.19
C VAL E 322 9.37 -34.95 -34.80
N VAL E 323 9.51 -36.07 -34.08
CA VAL E 323 9.06 -37.33 -34.65
C VAL E 323 7.55 -37.36 -34.79
N ALA E 324 6.82 -36.76 -33.84
CA ALA E 324 5.37 -36.69 -33.96
C ALA E 324 4.95 -35.80 -35.12
N TYR E 325 5.64 -34.69 -35.32
CA TYR E 325 5.34 -33.82 -36.46
C TYR E 325 5.58 -34.53 -37.78
N SER E 326 6.68 -35.29 -37.86
CA SER E 326 6.93 -36.08 -39.06
C SER E 326 5.83 -37.13 -39.27
N SER E 327 5.38 -37.77 -38.19
CA SER E 327 4.33 -38.76 -38.30
C SER E 327 3.03 -38.14 -38.80
N LEU E 328 2.68 -36.95 -38.30
CA LEU E 328 1.48 -36.28 -38.78
C LEU E 328 1.60 -35.88 -40.25
N ILE E 329 2.70 -35.22 -40.62
CA ILE E 329 2.90 -34.82 -42.01
C ILE E 329 3.03 -36.04 -42.92
N ASN E 330 3.27 -37.22 -42.36
CA ASN E 330 3.40 -38.47 -43.12
C ASN E 330 4.59 -38.41 -44.08
N LYS E 331 5.76 -38.11 -43.53
CA LYS E 331 7.01 -38.17 -44.27
C LYS E 331 8.12 -38.52 -43.30
N ASP E 332 9.23 -39.05 -43.82
CA ASP E 332 10.36 -39.41 -42.98
C ASP E 332 11.08 -38.16 -42.48
N ILE E 333 11.79 -38.32 -41.37
CA ILE E 333 12.42 -37.18 -40.71
C ILE E 333 13.67 -36.76 -41.48
N ASN E 334 13.80 -35.46 -41.72
CA ASN E 334 14.99 -34.90 -42.32
C ASN E 334 15.39 -33.64 -41.54
N ALA E 335 16.54 -33.07 -41.90
CA ALA E 335 17.04 -31.90 -41.19
C ALA E 335 16.10 -30.71 -41.35
N ASP E 336 15.54 -30.53 -42.55
CA ASP E 336 14.56 -29.47 -42.75
C ASP E 336 13.29 -29.74 -41.92
N LEU E 337 12.88 -31.00 -41.82
CA LEU E 337 11.74 -31.34 -40.99
C LEU E 337 12.00 -30.98 -39.53
N ALA E 338 13.21 -31.29 -39.04
CA ALA E 338 13.57 -30.91 -37.68
C ALA E 338 13.55 -29.41 -37.50
N ALA E 339 14.08 -28.66 -38.48
CA ALA E 339 14.09 -27.21 -38.37
C ALA E 339 12.67 -26.65 -38.33
N GLU E 340 11.78 -27.17 -39.16
CA GLU E 340 10.43 -26.61 -39.23
C GLU E 340 9.62 -26.99 -37.99
N ALA E 341 9.78 -28.21 -37.49
CA ALA E 341 9.06 -28.62 -36.29
C ALA E 341 9.55 -27.84 -35.08
N LEU E 342 10.86 -27.66 -34.95
CA LEU E 342 11.46 -26.99 -33.79
C LEU E 342 11.71 -25.50 -34.06
N LYS E 343 10.64 -24.77 -34.39
CA LYS E 343 10.75 -23.34 -34.65
C LYS E 343 10.25 -22.50 -33.48
N ASP E 344 9.10 -22.85 -32.92
CA ASP E 344 8.57 -22.10 -31.78
C ASP E 344 9.37 -22.35 -30.51
N ILE E 345 10.28 -23.32 -30.52
CA ILE E 345 11.04 -23.66 -29.32
C ILE E 345 12.33 -22.84 -29.21
N ILE E 346 13.01 -22.60 -30.33
CA ILE E 346 14.29 -21.90 -30.31
C ILE E 346 14.07 -20.44 -29.94
N PRO E 351 20.37 -19.36 -25.63
CA PRO E 351 19.94 -18.02 -25.19
C PRO E 351 20.67 -16.90 -25.94
N LYS E 352 19.96 -15.82 -26.22
CA LYS E 352 20.51 -14.69 -26.96
C LYS E 352 21.50 -13.95 -26.09
N VAL E 353 22.79 -14.15 -26.35
CA VAL E 353 23.83 -13.44 -25.61
C VAL E 353 23.87 -12.00 -26.08
N ILE E 354 23.68 -11.06 -25.16
CA ILE E 354 23.66 -9.64 -25.50
C ILE E 354 25.08 -9.10 -25.42
N THR E 355 25.49 -8.38 -26.45
CA THR E 355 26.79 -7.74 -26.47
C THR E 355 26.65 -6.21 -26.32
N ILE E 356 27.79 -5.55 -26.15
CA ILE E 356 27.79 -4.10 -26.08
C ILE E 356 27.30 -3.50 -27.41
N LYS E 357 27.76 -4.05 -28.53
CA LYS E 357 27.26 -3.60 -29.82
C LYS E 357 25.78 -3.90 -29.98
N GLU E 358 25.31 -5.02 -29.41
CA GLU E 358 23.90 -5.38 -29.53
C GLU E 358 23.02 -4.41 -28.74
N ILE E 359 23.43 -4.06 -27.52
CA ILE E 359 22.63 -3.07 -26.78
C ILE E 359 22.75 -1.70 -27.44
N GLN E 360 23.91 -1.38 -28.03
CA GLN E 360 24.06 -0.13 -28.74
C GLN E 360 23.11 -0.05 -29.93
N ARG E 361 22.99 -1.13 -30.69
CA ARG E 361 22.03 -1.12 -31.80
C ARG E 361 20.58 -1.20 -31.32
N VAL E 362 20.31 -1.81 -30.17
CA VAL E 362 18.96 -1.77 -29.61
C VAL E 362 18.56 -0.33 -29.29
N VAL E 363 19.44 0.41 -28.62
CA VAL E 363 19.12 1.79 -28.30
C VAL E 363 19.10 2.66 -29.56
N GLY E 364 19.98 2.39 -30.53
CA GLY E 364 20.02 3.07 -31.81
C GLY E 364 18.99 2.58 -32.81
N GLN E 365 18.11 1.67 -32.40
CA GLN E 365 16.88 1.39 -33.13
C GLN E 365 15.63 1.88 -32.41
N GLN E 366 15.63 1.87 -31.07
CA GLN E 366 14.48 2.37 -30.32
C GLN E 366 14.46 3.90 -30.31
N PHE E 367 15.50 4.51 -29.73
CA PHE E 367 15.65 5.95 -29.84
C PHE E 367 16.47 6.36 -31.06
N ASN E 368 16.91 5.37 -31.85
CA ASN E 368 17.59 5.49 -33.15
C ASN E 368 18.47 6.73 -33.27
N ILE E 369 19.43 6.86 -32.35
CA ILE E 369 20.55 7.77 -32.54
C ILE E 369 21.47 7.23 -33.62
N LYS E 370 22.05 8.15 -34.41
CA LYS E 370 23.03 7.73 -35.40
C LYS E 370 24.26 7.15 -34.71
N LEU E 371 24.98 6.29 -35.44
CA LEU E 371 26.00 5.45 -34.83
C LEU E 371 27.13 6.28 -34.22
N GLU E 372 27.58 7.32 -34.91
CA GLU E 372 28.75 8.06 -34.46
C GLU E 372 28.41 9.20 -33.49
N ASP E 373 27.13 9.42 -33.19
CA ASP E 373 26.77 10.52 -32.29
C ASP E 373 27.17 10.22 -30.85
N PHE E 374 27.13 8.96 -30.43
CA PHE E 374 27.57 8.62 -29.08
C PHE E 374 29.05 8.92 -28.89
N LYS E 375 29.86 8.65 -29.92
CA LYS E 375 31.30 8.90 -29.83
C LYS E 375 31.63 10.38 -29.88
N ALA E 376 30.69 11.22 -30.28
CA ALA E 376 30.94 12.66 -30.37
C ALA E 376 31.06 13.28 -28.99
N LYS E 377 31.75 14.42 -28.93
CA LYS E 377 32.01 15.14 -27.69
C LYS E 377 31.01 16.25 -27.43
N LYS E 378 29.80 16.14 -27.98
CA LYS E 378 28.79 17.17 -27.80
C LYS E 378 28.23 17.14 -26.38
N ARG E 379 28.12 18.31 -25.77
CA ARG E 379 27.61 18.44 -24.41
C ARG E 379 26.15 18.88 -24.36
N THR E 380 25.49 19.01 -25.50
CA THR E 380 24.09 19.40 -25.52
C THR E 380 23.23 18.28 -24.93
N LYS E 381 22.10 18.68 -24.34
CA LYS E 381 21.20 17.72 -23.70
C LYS E 381 20.63 16.73 -24.71
N SER E 382 20.25 17.22 -25.89
CA SER E 382 19.63 16.36 -26.89
C SER E 382 20.57 15.23 -27.31
N VAL E 383 21.82 15.54 -27.57
CA VAL E 383 22.82 14.53 -27.89
C VAL E 383 23.15 13.66 -26.68
N ALA E 384 23.21 14.29 -25.49
CA ALA E 384 23.72 13.60 -24.31
C ALA E 384 22.76 12.54 -23.80
N PHE E 385 21.47 12.86 -23.72
CA PHE E 385 20.51 12.00 -23.03
C PHE E 385 20.55 10.55 -23.48
N PRO E 386 20.50 10.22 -24.78
CA PRO E 386 20.63 8.81 -25.16
C PRO E 386 21.94 8.20 -24.73
N ARG E 387 23.02 8.99 -24.71
CA ARG E 387 24.32 8.46 -24.30
C ARG E 387 24.26 7.96 -22.85
N GLN E 388 23.72 8.76 -21.93
CA GLN E 388 23.67 8.29 -20.55
C GLN E 388 22.60 7.23 -20.31
N ILE E 389 21.47 7.26 -21.04
CA ILE E 389 20.51 6.18 -20.83
C ILE E 389 21.10 4.84 -21.29
N ALA E 390 21.79 4.84 -22.44
CA ALA E 390 22.47 3.64 -22.89
C ALA E 390 23.60 3.25 -21.96
N MET E 391 24.29 4.23 -21.38
CA MET E 391 25.35 3.95 -20.43
C MET E 391 24.82 3.24 -19.20
N TYR E 392 23.73 3.75 -18.64
CA TYR E 392 23.12 3.09 -17.48
C TYR E 392 22.62 1.70 -17.83
N LEU E 393 21.99 1.55 -19.00
CA LEU E 393 21.52 0.23 -19.41
C LEU E 393 22.67 -0.76 -19.53
N SER E 394 23.75 -0.36 -20.19
CA SER E 394 24.90 -1.25 -20.36
C SER E 394 25.55 -1.58 -19.02
N ARG E 395 25.67 -0.58 -18.14
CA ARG E 395 26.27 -0.83 -16.84
C ARG E 395 25.45 -1.81 -16.02
N GLU E 396 24.13 -1.65 -16.04
CA GLU E 396 23.29 -2.53 -15.23
C GLU E 396 23.09 -3.90 -15.85
N MET E 397 23.28 -4.05 -17.16
CA MET E 397 22.87 -5.26 -17.85
C MET E 397 24.02 -6.10 -18.38
N THR E 398 25.19 -5.52 -18.63
CA THR E 398 26.32 -6.23 -19.20
C THR E 398 27.40 -6.46 -18.15
N ASP E 399 28.16 -7.54 -18.33
CA ASP E 399 29.22 -7.92 -17.40
C ASP E 399 30.57 -7.30 -17.75
N SER E 400 30.65 -6.50 -18.82
CA SER E 400 31.91 -5.88 -19.18
C SER E 400 32.33 -4.86 -18.13
N SER E 401 33.64 -4.70 -17.97
CA SER E 401 34.16 -3.81 -16.93
C SER E 401 33.86 -2.35 -17.26
N LEU E 402 33.88 -1.52 -16.23
CA LEU E 402 33.59 -0.10 -16.40
C LEU E 402 34.60 0.62 -17.30
N PRO E 403 35.92 0.47 -17.13
CA PRO E 403 36.85 1.10 -18.08
C PRO E 403 36.66 0.58 -19.49
N LYS E 404 36.37 -0.72 -19.64
CA LYS E 404 36.14 -1.28 -20.97
C LYS E 404 34.92 -0.64 -21.64
N ILE E 405 33.82 -0.51 -20.91
CA ILE E 405 32.60 0.08 -21.45
C ILE E 405 32.85 1.53 -21.82
N GLY E 406 33.53 2.27 -20.94
CA GLY E 406 33.91 3.63 -21.28
C GLY E 406 34.77 3.67 -22.53
N GLU E 407 35.63 2.68 -22.72
CA GLU E 407 36.52 2.65 -23.89
C GLU E 407 35.71 2.49 -25.17
N GLU E 408 34.82 1.49 -25.23
CA GLU E 408 34.05 1.34 -26.47
C GLU E 408 33.10 2.51 -26.70
N PHE E 409 32.54 3.06 -25.63
CA PHE E 409 31.57 4.15 -25.76
C PHE E 409 32.29 5.50 -25.65
N GLY E 410 33.03 5.82 -26.71
CA GLY E 410 33.69 7.10 -26.85
C GLY E 410 35.03 7.23 -26.16
N GLY E 411 35.54 6.16 -25.55
CA GLY E 411 36.80 6.27 -24.82
C GLY E 411 36.72 7.20 -23.64
N ARG E 412 35.57 7.25 -22.97
CA ARG E 412 35.34 8.19 -21.89
C ARG E 412 35.77 7.61 -20.55
N ASP E 413 36.13 8.51 -19.63
CA ASP E 413 36.57 8.12 -18.30
C ASP E 413 35.40 7.56 -17.50
N HIS E 414 35.73 6.75 -16.49
CA HIS E 414 34.69 6.14 -15.67
C HIS E 414 33.91 7.16 -14.85
N THR E 415 34.48 8.34 -14.59
CA THR E 415 33.77 9.35 -13.83
C THR E 415 32.51 9.82 -14.55
N THR E 416 32.60 10.04 -15.86
CA THR E 416 31.44 10.47 -16.63
C THR E 416 30.35 9.41 -16.61
N VAL E 417 30.73 8.14 -16.79
CA VAL E 417 29.77 7.05 -16.76
C VAL E 417 29.10 6.99 -15.39
N ILE E 418 29.90 7.10 -14.33
CA ILE E 418 29.36 7.01 -12.98
C ILE E 418 28.34 8.12 -12.73
N HIS E 419 28.72 9.36 -13.03
CA HIS E 419 27.82 10.48 -12.79
C HIS E 419 26.56 10.37 -13.64
N ALA E 420 26.72 9.99 -14.91
CA ALA E 420 25.58 9.89 -15.81
C ALA E 420 24.58 8.85 -15.33
N HIS E 421 25.05 7.65 -15.02
CA HIS E 421 24.11 6.61 -14.61
C HIS E 421 23.56 6.86 -13.20
N GLU E 422 24.32 7.52 -12.33
CA GLU E 422 23.78 7.89 -11.02
C GLU E 422 22.63 8.88 -11.17
N LYS E 423 22.81 9.91 -11.99
CA LYS E 423 21.72 10.87 -12.18
C LYS E 423 20.56 10.24 -12.94
N ILE E 424 20.85 9.26 -13.80
CA ILE E 424 19.78 8.51 -14.47
C ILE E 424 18.95 7.74 -13.45
N SER E 425 19.61 7.10 -12.49
CA SER E 425 18.89 6.40 -11.43
C SER E 425 18.06 7.39 -10.60
N LYS E 426 18.63 8.56 -10.31
CA LYS E 426 17.91 9.56 -9.53
C LYS E 426 16.66 10.04 -10.26
N LEU E 427 16.76 10.27 -11.57
CA LEU E 427 15.60 10.72 -12.33
C LEU E 427 14.59 9.60 -12.59
N LEU E 428 15.03 8.34 -12.59
CA LEU E 428 14.08 7.24 -12.74
C LEU E 428 13.47 6.80 -11.40
N ALA E 429 13.98 7.31 -10.28
CA ALA E 429 13.40 6.97 -8.99
C ALA E 429 12.15 7.79 -8.69
N ASP E 430 11.87 8.84 -9.46
CA ASP E 430 10.73 9.71 -9.17
C ASP E 430 9.86 9.97 -10.40
N ASP E 431 10.43 9.86 -11.59
CA ASP E 431 9.71 10.15 -12.83
C ASP E 431 9.31 8.84 -13.51
N GLU E 432 8.07 8.79 -13.98
CA GLU E 432 7.49 7.54 -14.44
C GLU E 432 7.34 7.43 -15.96
N GLN E 433 7.28 8.54 -16.70
CA GLN E 433 7.19 8.44 -18.14
C GLN E 433 8.44 7.79 -18.73
N LEU E 434 9.61 8.24 -18.31
CA LEU E 434 10.83 7.54 -18.68
C LEU E 434 10.90 6.16 -18.05
N GLN E 435 10.15 5.91 -16.97
CA GLN E 435 10.07 4.55 -16.44
C GLN E 435 9.37 3.61 -17.42
N GLN E 436 8.24 4.02 -17.98
CA GLN E 436 7.63 3.15 -18.99
C GLN E 436 8.48 3.10 -20.25
N HIS E 437 9.18 4.19 -20.58
CA HIS E 437 10.12 4.15 -21.70
C HIS E 437 11.19 3.08 -21.49
N VAL E 438 11.80 3.06 -20.30
CA VAL E 438 12.90 2.12 -20.04
C VAL E 438 12.38 0.70 -19.89
N LYS E 439 11.17 0.51 -19.36
CA LYS E 439 10.64 -0.84 -19.32
C LYS E 439 10.31 -1.35 -20.71
N GLU E 440 9.86 -0.48 -21.60
CA GLU E 440 9.73 -0.88 -23.01
C GLU E 440 11.08 -1.20 -23.62
N ILE E 441 12.11 -0.41 -23.28
CA ILE E 441 13.45 -0.69 -23.78
C ILE E 441 13.88 -2.09 -23.39
N LYS E 442 13.74 -2.42 -22.10
CA LYS E 442 14.13 -3.74 -21.63
C LYS E 442 13.15 -4.82 -22.05
N GLU E 443 11.96 -4.47 -22.53
CA GLU E 443 11.06 -5.49 -23.06
C GLU E 443 11.38 -5.85 -24.51
N GLN E 444 11.57 -4.86 -25.38
CA GLN E 444 11.90 -5.17 -26.78
C GLN E 444 13.38 -5.40 -27.03
N LEU E 445 14.28 -5.20 -26.06
CA LEU E 445 15.65 -5.61 -26.31
C LEU E 445 15.81 -7.12 -26.26
N LYS E 446 14.97 -7.82 -25.51
CA LYS E 446 15.07 -9.26 -25.37
C LYS E 446 14.13 -9.99 -26.32
N ASN F 109 26.73 -55.92 18.75
CA ASN F 109 25.75 -55.30 19.62
C ASN F 109 25.35 -53.92 19.10
N MET F 110 25.38 -52.94 20.00
CA MET F 110 25.02 -51.57 19.68
C MET F 110 26.21 -50.61 19.79
N LEU F 111 27.43 -51.13 19.62
CA LEU F 111 28.61 -50.28 19.57
C LEU F 111 29.21 -50.31 18.17
N ASN F 112 30.28 -49.55 18.01
CA ASN F 112 30.92 -49.36 16.71
C ASN F 112 32.33 -49.90 16.75
N PRO F 113 32.67 -50.89 15.90
CA PRO F 113 34.04 -51.40 15.89
C PRO F 113 35.08 -50.34 15.55
N LYS F 114 34.72 -49.36 14.71
CA LYS F 114 35.68 -48.33 14.32
C LYS F 114 35.99 -47.39 15.49
N TYR F 115 34.97 -46.99 16.23
CA TYR F 115 35.15 -46.05 17.34
C TYR F 115 35.71 -46.78 18.55
N THR F 116 36.99 -46.63 18.80
CA THR F 116 37.62 -47.24 19.96
C THR F 116 38.89 -46.47 20.31
N PHE F 117 39.34 -46.67 21.56
CA PHE F 117 40.50 -45.95 22.07
C PHE F 117 41.70 -46.10 21.15
N ASP F 118 41.93 -47.31 20.63
CA ASP F 118 43.09 -47.54 19.77
C ASP F 118 43.04 -46.65 18.54
N THR F 119 41.86 -46.46 17.96
CA THR F 119 41.71 -45.60 16.79
C THR F 119 41.45 -44.16 17.18
N PHE F 120 41.90 -43.75 18.36
CA PHE F 120 41.69 -42.39 18.85
C PHE F 120 43.03 -41.68 18.97
N VAL F 121 43.02 -40.38 18.71
CA VAL F 121 44.23 -39.56 18.71
C VAL F 121 44.13 -38.54 19.84
N ILE F 122 45.18 -38.49 20.65
CA ILE F 122 45.24 -37.59 21.81
C ILE F 122 45.49 -36.17 21.32
N GLY F 123 44.44 -35.35 21.30
CA GLY F 123 44.52 -33.99 20.79
C GLY F 123 44.85 -33.01 21.89
N SER F 124 45.36 -31.85 21.49
CA SER F 124 45.67 -30.77 22.43
C SER F 124 44.45 -30.09 22.96
N GLY F 125 43.29 -30.34 22.35
CA GLY F 125 42.05 -29.78 22.84
C GLY F 125 41.18 -30.85 23.47
N ASN F 126 41.56 -32.11 23.29
CA ASN F 126 40.78 -33.24 23.75
C ASN F 126 41.53 -34.06 24.81
N ARG F 127 42.65 -33.54 25.30
CA ARG F 127 43.46 -34.31 26.24
C ARG F 127 42.72 -34.53 27.56
N PHE F 128 42.07 -33.50 28.07
CA PHE F 128 41.38 -33.62 29.36
C PHE F 128 40.23 -34.62 29.25
N ALA F 129 39.40 -34.49 28.21
CA ALA F 129 38.29 -35.41 28.02
C ALA F 129 38.77 -36.84 27.78
N HIS F 130 39.82 -37.02 26.98
CA HIS F 130 40.35 -38.36 26.75
C HIS F 130 40.87 -38.99 28.04
N ALA F 131 41.60 -38.21 28.84
CA ALA F 131 42.12 -38.75 30.10
C ALA F 131 40.99 -39.10 31.06
N ALA F 132 39.99 -38.23 31.18
CA ALA F 132 38.86 -38.52 32.04
C ALA F 132 38.12 -39.77 31.59
N SER F 133 37.90 -39.90 30.28
CA SER F 133 37.22 -41.07 29.75
C SER F 133 38.03 -42.34 29.95
N LEU F 134 39.35 -42.27 29.79
CA LEU F 134 40.19 -43.43 30.02
C LEU F 134 40.14 -43.87 31.47
N ALA F 135 40.19 -42.89 32.39
CA ALA F 135 40.08 -43.22 33.81
C ALA F 135 38.73 -43.83 34.14
N VAL F 136 37.65 -43.32 33.55
CA VAL F 136 36.33 -43.89 33.74
C VAL F 136 36.27 -45.32 33.24
N ALA F 137 36.86 -45.57 32.06
CA ALA F 137 36.88 -46.92 31.52
C ALA F 137 37.66 -47.87 32.42
N GLU F 138 38.80 -47.43 32.94
CA GLU F 138 39.60 -48.29 33.81
C GLU F 138 38.88 -48.59 35.12
N ALA F 139 38.28 -47.58 35.74
CA ALA F 139 37.65 -47.72 37.06
C ALA F 139 36.21 -47.21 36.99
N PRO F 140 35.31 -47.97 36.38
CA PRO F 140 33.93 -47.51 36.26
C PRO F 140 33.26 -47.39 37.62
N ALA F 141 32.39 -46.39 37.74
CA ALA F 141 31.57 -46.11 38.91
C ALA F 141 32.39 -45.81 40.17
N LYS F 142 33.71 -45.68 40.04
CA LYS F 142 34.58 -45.45 41.19
C LYS F 142 35.39 -44.17 41.10
N ALA F 143 35.59 -43.61 39.92
CA ALA F 143 36.43 -42.42 39.77
C ALA F 143 35.64 -41.18 39.42
N TYR F 144 34.85 -41.21 38.34
CA TYR F 144 34.02 -40.10 37.89
C TYR F 144 32.70 -40.72 37.44
N ASN F 145 31.71 -40.73 38.35
CA ASN F 145 30.53 -41.55 38.07
C ASN F 145 29.62 -40.94 37.02
N PRO F 146 29.09 -39.71 37.20
CA PRO F 146 28.10 -39.21 36.24
C PRO F 146 28.71 -38.53 35.02
N LEU F 147 29.98 -38.82 34.73
CA LEU F 147 30.82 -38.01 33.85
C LEU F 147 30.08 -37.48 32.63
N PHE F 148 30.29 -36.19 32.34
CA PHE F 148 29.48 -35.43 31.38
C PHE F 148 30.44 -34.77 30.39
N ILE F 149 30.40 -35.24 29.15
CA ILE F 149 31.23 -34.72 28.07
C ILE F 149 30.38 -33.80 27.21
N TYR F 150 30.89 -32.60 26.96
CA TYR F 150 30.18 -31.64 26.11
C TYR F 150 31.18 -30.94 25.21
N GLY F 151 30.69 -30.39 24.11
CA GLY F 151 31.57 -29.73 23.16
C GLY F 151 30.88 -29.37 21.86
N GLY F 152 31.67 -29.19 20.80
CA GLY F 152 31.16 -28.80 19.50
C GLY F 152 30.46 -29.94 18.79
N VAL F 153 30.60 -29.96 17.47
CA VAL F 153 29.98 -30.96 16.61
C VAL F 153 31.07 -31.67 15.82
N GLY F 154 30.99 -33.00 15.76
CA GLY F 154 32.01 -33.78 15.08
C GLY F 154 33.36 -33.76 15.77
N LEU F 155 33.38 -33.72 17.10
CA LEU F 155 34.63 -33.60 17.85
C LEU F 155 35.04 -34.88 18.56
N GLY F 156 34.19 -35.91 18.58
CA GLY F 156 34.58 -37.18 19.14
C GLY F 156 33.86 -37.56 20.41
N LYS F 157 32.71 -36.95 20.68
CA LYS F 157 31.96 -37.30 21.88
C LYS F 157 31.46 -38.74 21.81
N THR F 158 30.77 -39.09 20.72
CA THR F 158 30.28 -40.46 20.56
C THR F 158 31.44 -41.42 20.37
N HIS F 159 32.55 -40.95 19.79
CA HIS F 159 33.74 -41.77 19.69
C HIS F 159 34.24 -42.15 21.08
N LEU F 160 34.27 -41.20 22.01
CA LEU F 160 34.70 -41.49 23.37
C LEU F 160 33.71 -42.38 24.09
N MET F 161 32.42 -42.16 23.88
CA MET F 161 31.42 -43.03 24.50
C MET F 161 31.59 -44.48 24.04
N HIS F 162 31.73 -44.68 22.73
CA HIS F 162 31.92 -46.03 22.22
C HIS F 162 33.24 -46.63 22.66
N ALA F 163 34.29 -45.81 22.77
CA ALA F 163 35.55 -46.32 23.29
C ALA F 163 35.41 -46.80 24.71
N ILE F 164 34.69 -46.05 25.55
CA ILE F 164 34.49 -46.45 26.93
C ILE F 164 33.70 -47.75 26.99
N GLY F 165 32.65 -47.86 26.16
CA GLY F 165 31.89 -49.10 26.13
C GLY F 165 32.72 -50.30 25.72
N HIS F 166 33.55 -50.13 24.68
CA HIS F 166 34.41 -51.22 24.24
C HIS F 166 35.41 -51.61 25.32
N TYR F 167 36.02 -50.62 25.97
CA TYR F 167 36.99 -50.91 27.03
C TYR F 167 36.35 -51.67 28.18
N VAL F 168 35.18 -51.21 28.63
CA VAL F 168 34.52 -51.84 29.76
C VAL F 168 34.07 -53.26 29.41
N ILE F 169 33.54 -53.44 28.20
CA ILE F 169 33.10 -54.78 27.79
C ILE F 169 34.30 -55.73 27.67
N ASP F 170 35.41 -55.25 27.12
CA ASP F 170 36.60 -56.09 26.99
C ASP F 170 37.16 -56.47 28.36
N HIS F 171 37.22 -55.51 29.29
CA HIS F 171 37.80 -55.80 30.59
C HIS F 171 36.80 -56.41 31.57
N ASN F 172 35.54 -56.58 31.16
CA ASN F 172 34.54 -57.24 32.00
C ASN F 172 33.44 -57.81 31.12
N PRO F 173 33.54 -59.07 30.70
CA PRO F 173 32.48 -59.64 29.86
C PRO F 173 31.14 -59.74 30.56
N SER F 174 31.11 -59.68 31.88
CA SER F 174 29.85 -59.71 32.63
C SER F 174 29.23 -58.34 32.82
N ALA F 175 29.90 -57.27 32.39
CA ALA F 175 29.35 -55.93 32.54
C ALA F 175 28.30 -55.66 31.48
N LYS F 176 27.15 -55.15 31.91
CA LYS F 176 26.03 -54.86 31.02
C LYS F 176 26.05 -53.38 30.66
N VAL F 177 26.48 -53.07 29.45
CA VAL F 177 26.62 -51.69 28.98
C VAL F 177 25.56 -51.44 27.92
N VAL F 178 24.83 -50.35 28.06
CA VAL F 178 23.82 -49.92 27.09
C VAL F 178 24.19 -48.55 26.58
N TYR F 179 24.23 -48.39 25.26
CA TYR F 179 24.45 -47.11 24.62
C TYR F 179 23.17 -46.71 23.90
N LEU F 180 22.72 -45.48 24.11
CA LEU F 180 21.56 -44.97 23.42
C LEU F 180 21.67 -43.46 23.33
N SER F 181 20.86 -42.88 22.45
CA SER F 181 20.70 -41.44 22.38
C SER F 181 19.43 -41.05 23.12
N SER F 182 19.33 -39.76 23.48
CA SER F 182 18.16 -39.30 24.20
C SER F 182 16.90 -39.38 23.36
N GLU F 183 17.03 -39.28 22.03
CA GLU F 183 15.87 -39.49 21.17
C GLU F 183 15.37 -40.93 21.26
N LYS F 184 16.27 -41.90 21.26
CA LYS F 184 15.89 -43.27 21.54
C LYS F 184 15.25 -43.40 22.91
N PHE F 185 15.79 -42.69 23.90
CA PHE F 185 15.20 -42.73 25.23
C PHE F 185 13.75 -42.29 25.20
N THR F 186 13.46 -41.15 24.56
CA THR F 186 12.09 -40.69 24.47
C THR F 186 11.22 -41.68 23.71
N ASN F 187 11.73 -42.21 22.60
CA ASN F 187 10.95 -43.14 21.79
C ASN F 187 10.53 -44.35 22.62
N GLU F 188 11.50 -45.02 23.26
CA GLU F 188 11.19 -46.19 24.05
C GLU F 188 10.31 -45.84 25.24
N PHE F 189 10.56 -44.69 25.86
CA PHE F 189 9.81 -44.30 27.05
C PHE F 189 8.33 -44.10 26.71
N ILE F 190 8.05 -43.29 25.70
CA ILE F 190 6.66 -43.02 25.35
C ILE F 190 5.99 -44.26 24.78
N ASN F 191 6.73 -45.09 24.04
CA ASN F 191 6.15 -46.32 23.53
C ASN F 191 5.76 -47.26 24.68
N SER F 192 6.61 -47.38 25.70
CA SER F 192 6.26 -48.19 26.85
C SER F 192 5.07 -47.60 27.61
N ILE F 193 5.00 -46.27 27.69
CA ILE F 193 3.86 -45.63 28.34
C ILE F 193 2.57 -46.00 27.61
N ARG F 194 2.58 -45.92 26.29
CA ARG F 194 1.37 -46.21 25.51
C ARG F 194 1.01 -47.69 25.54
N ASP F 195 2.01 -48.57 25.52
CA ASP F 195 1.77 -50.00 25.43
C ASP F 195 1.54 -50.64 26.79
N ASN F 196 1.51 -49.87 27.87
CA ASN F 196 1.34 -50.41 29.22
C ASN F 196 2.42 -51.45 29.52
N LYS F 197 3.63 -51.17 29.05
CA LYS F 197 4.78 -52.03 29.29
C LYS F 197 5.93 -51.16 29.81
N ALA F 198 5.63 -50.30 30.78
CA ALA F 198 6.64 -49.44 31.37
C ALA F 198 7.59 -50.21 32.27
N VAL F 199 7.14 -51.31 32.87
CA VAL F 199 8.01 -52.08 33.73
C VAL F 199 9.17 -52.67 32.94
N ASP F 200 8.95 -53.02 31.67
CA ASP F 200 10.06 -53.52 30.85
C ASP F 200 11.09 -52.43 30.57
N PHE F 201 10.63 -51.20 30.32
CA PHE F 201 11.57 -50.10 30.12
C PHE F 201 12.38 -49.85 31.39
N ARG F 202 11.71 -49.88 32.54
CA ARG F 202 12.42 -49.69 33.80
C ARG F 202 13.43 -50.80 34.04
N ASN F 203 13.04 -52.06 33.79
CA ASN F 203 13.97 -53.16 33.97
C ASN F 203 15.13 -53.08 32.99
N ARG F 204 14.89 -52.55 31.79
CA ARG F 204 15.94 -52.47 30.79
C ARG F 204 16.96 -51.39 31.13
N TYR F 205 16.53 -50.24 31.64
CA TYR F 205 17.45 -49.13 31.77
C TYR F 205 17.89 -48.85 33.22
N ARG F 206 17.08 -49.19 34.21
CA ARG F 206 17.50 -49.05 35.60
C ARG F 206 18.48 -50.13 36.03
N ASN F 207 18.65 -51.19 35.24
CA ASN F 207 19.39 -52.37 35.65
C ASN F 207 20.59 -52.64 34.74
N VAL F 208 21.37 -51.60 34.44
CA VAL F 208 22.57 -51.74 33.64
C VAL F 208 23.78 -51.43 34.51
N ASP F 209 24.97 -51.61 33.93
CA ASP F 209 26.21 -51.36 34.65
C ASP F 209 26.81 -50.02 34.25
N VAL F 210 26.95 -49.78 32.95
CA VAL F 210 27.40 -48.51 32.40
C VAL F 210 26.32 -48.02 31.44
N LEU F 211 25.86 -46.79 31.63
CA LEU F 211 24.85 -46.19 30.76
C LEU F 211 25.50 -45.03 30.03
N LEU F 212 25.63 -45.18 28.71
CA LEU F 212 26.17 -44.15 27.85
C LEU F 212 25.02 -43.51 27.08
N ILE F 213 24.73 -42.24 27.37
CA ILE F 213 23.60 -41.57 26.74
C ILE F 213 24.10 -40.36 25.97
N ASP F 214 23.61 -40.21 24.75
CA ASP F 214 24.15 -39.25 23.80
C ASP F 214 23.15 -38.11 23.60
N ASP F 215 23.67 -36.88 23.53
CA ASP F 215 22.89 -35.70 23.18
C ASP F 215 21.69 -35.53 24.11
N ILE F 216 22.00 -35.27 25.38
CA ILE F 216 20.96 -35.07 26.38
C ILE F 216 20.18 -33.79 26.12
N GLN F 217 20.75 -32.88 25.33
CA GLN F 217 20.10 -31.61 25.04
C GLN F 217 18.80 -31.78 24.26
N PHE F 218 18.54 -32.97 23.72
CA PHE F 218 17.26 -33.21 23.06
C PHE F 218 16.12 -33.26 24.06
N LEU F 219 16.42 -33.53 25.33
CA LEU F 219 15.36 -33.60 26.35
C LEU F 219 14.86 -32.24 26.76
N ALA F 220 15.32 -31.17 26.12
CA ALA F 220 14.84 -29.83 26.43
C ALA F 220 13.40 -29.66 25.93
N GLY F 221 12.47 -29.56 26.86
CA GLY F 221 11.06 -29.42 26.54
C GLY F 221 10.21 -30.64 26.79
N LYS F 222 10.81 -31.75 27.20
CA LYS F 222 10.07 -32.97 27.51
C LYS F 222 10.03 -33.11 29.03
N GLU F 223 8.93 -32.66 29.64
CA GLU F 223 8.84 -32.69 31.10
C GLU F 223 8.77 -34.12 31.62
N GLN F 224 7.87 -34.94 31.09
CA GLN F 224 7.70 -36.30 31.55
C GLN F 224 8.96 -37.13 31.29
N THR F 225 9.54 -36.98 30.10
CA THR F 225 10.78 -37.70 29.79
C THR F 225 11.95 -37.24 30.64
N GLN F 226 12.04 -35.93 30.90
CA GLN F 226 13.09 -35.41 31.76
C GLN F 226 12.99 -35.99 33.16
N GLU F 227 11.76 -36.06 33.69
CA GLU F 227 11.63 -36.59 35.05
C GLU F 227 11.89 -38.10 35.07
N GLU F 228 11.53 -38.80 33.99
CA GLU F 228 11.85 -40.22 33.92
C GLU F 228 13.34 -40.45 33.89
N PHE F 229 14.06 -39.65 33.10
CA PHE F 229 15.52 -39.78 33.10
C PHE F 229 16.12 -39.36 34.44
N PHE F 230 15.48 -38.42 35.14
CA PHE F 230 15.94 -38.07 36.48
C PHE F 230 15.84 -39.27 37.41
N HIS F 231 14.73 -40.00 37.33
CA HIS F 231 14.58 -41.21 38.14
C HIS F 231 15.60 -42.27 37.75
N THR F 232 15.85 -42.43 36.45
CA THR F 232 16.85 -43.39 36.00
C THR F 232 18.24 -43.01 36.50
N PHE F 233 18.58 -41.72 36.41
CA PHE F 233 19.84 -41.22 36.97
C PHE F 233 19.95 -41.57 38.44
N ASN F 234 18.88 -41.29 39.20
CA ASN F 234 18.92 -41.53 40.64
C ASN F 234 19.13 -43.01 40.94
N THR F 235 18.41 -43.88 40.23
CA THR F 235 18.52 -45.30 40.52
C THR F 235 19.90 -45.84 40.18
N LEU F 236 20.44 -45.47 39.01
CA LEU F 236 21.78 -45.94 38.67
C LEU F 236 22.83 -45.39 39.62
N HIS F 237 22.70 -44.13 40.03
CA HIS F 237 23.70 -43.59 40.95
C HIS F 237 23.63 -44.27 42.31
N GLU F 238 22.43 -44.40 42.89
CA GLU F 238 22.34 -45.01 44.20
C GLU F 238 22.67 -46.49 44.18
N GLU F 239 22.56 -47.15 43.02
CA GLU F 239 23.02 -48.52 42.88
C GLU F 239 24.49 -48.59 42.47
N SER F 240 25.17 -47.44 42.45
CA SER F 240 26.60 -47.35 42.14
C SER F 240 26.90 -47.88 40.73
N LYS F 241 26.32 -47.22 39.74
CA LYS F 241 26.54 -47.52 38.34
C LYS F 241 27.16 -46.32 37.66
N GLN F 242 27.89 -46.58 36.58
CA GLN F 242 28.59 -45.53 35.85
C GLN F 242 27.67 -44.92 34.81
N ILE F 243 27.60 -43.58 34.82
CA ILE F 243 26.75 -42.83 33.92
C ILE F 243 27.61 -41.86 33.12
N VAL F 244 27.58 -41.99 31.80
CA VAL F 244 28.27 -41.07 30.92
C VAL F 244 27.23 -40.37 30.06
N ILE F 245 27.30 -39.05 30.02
CA ILE F 245 26.33 -38.22 29.33
C ILE F 245 27.08 -37.38 28.29
N SER F 246 26.47 -37.19 27.11
CA SER F 246 27.05 -36.35 26.08
C SER F 246 26.12 -35.18 25.80
N SER F 247 26.70 -34.04 25.44
CA SER F 247 25.92 -32.87 25.09
C SER F 247 26.75 -31.95 24.22
N ASP F 248 26.10 -30.91 23.71
CA ASP F 248 26.77 -29.88 22.93
C ASP F 248 26.91 -28.57 23.69
N ARG F 249 25.99 -28.28 24.62
CA ARG F 249 26.00 -27.09 25.44
C ARG F 249 26.24 -27.48 26.90
N PRO F 250 26.90 -26.62 27.67
CA PRO F 250 27.16 -26.92 29.08
C PRO F 250 25.85 -27.09 29.84
N PRO F 251 25.86 -27.87 30.92
CA PRO F 251 24.60 -28.15 31.63
C PRO F 251 23.90 -26.92 32.15
N LYS F 252 24.64 -25.84 32.43
CA LYS F 252 24.04 -24.65 33.01
C LYS F 252 22.99 -24.05 32.08
N GLU F 253 23.28 -23.99 30.79
CA GLU F 253 22.48 -23.25 29.83
C GLU F 253 21.87 -24.18 28.79
N ILE F 254 21.44 -25.36 29.23
CA ILE F 254 20.53 -26.16 28.42
C ILE F 254 19.14 -25.59 28.66
N PRO F 255 18.45 -25.12 27.62
CA PRO F 255 17.14 -24.49 27.83
C PRO F 255 16.14 -25.49 28.40
N THR F 256 15.36 -25.02 29.38
CA THR F 256 14.27 -25.80 29.98
C THR F 256 14.77 -27.12 30.56
N LEU F 257 15.64 -27.00 31.55
CA LEU F 257 15.97 -28.11 32.44
C LEU F 257 15.45 -27.79 33.83
N GLU F 258 14.92 -28.80 34.51
CA GLU F 258 14.62 -28.62 35.92
C GLU F 258 15.92 -28.47 36.70
N ASP F 259 15.87 -27.61 37.72
CA ASP F 259 17.07 -27.28 38.46
C ASP F 259 17.70 -28.52 39.10
N ARG F 260 16.88 -29.47 39.54
CA ARG F 260 17.42 -30.65 40.19
C ARG F 260 18.26 -31.47 39.23
N LEU F 261 17.76 -31.70 38.01
CA LEU F 261 18.52 -32.47 37.03
C LEU F 261 19.73 -31.70 36.54
N ARG F 262 19.58 -30.39 36.35
CA ARG F 262 20.74 -29.56 36.03
C ARG F 262 21.83 -29.73 37.07
N SER F 263 21.47 -29.65 38.36
CA SER F 263 22.46 -29.82 39.43
C SER F 263 23.05 -31.21 39.44
N ARG F 264 22.22 -32.23 39.18
CA ARG F 264 22.75 -33.59 39.06
C ARG F 264 23.80 -33.70 37.97
N PHE F 265 23.69 -32.88 36.93
CA PHE F 265 24.67 -32.94 35.85
C PHE F 265 26.06 -32.49 36.30
N GLU F 266 26.14 -31.51 37.21
CA GLU F 266 27.44 -31.04 37.71
C GLU F 266 27.93 -31.83 38.92
N TRP F 267 27.19 -32.86 39.33
CA TRP F 267 27.55 -33.58 40.55
C TRP F 267 28.92 -34.23 40.43
N GLY F 268 29.30 -34.64 39.22
CA GLY F 268 30.58 -35.30 39.03
C GLY F 268 31.61 -34.46 38.29
N LEU F 269 31.92 -34.84 37.06
CA LEU F 269 32.97 -34.21 36.27
C LEU F 269 32.41 -33.75 34.95
N ILE F 270 32.75 -32.52 34.56
CA ILE F 270 32.36 -31.94 33.27
C ILE F 270 33.62 -31.80 32.43
N THR F 271 33.63 -32.42 31.26
CA THR F 271 34.77 -32.35 30.36
C THR F 271 34.32 -31.73 29.05
N ASP F 272 35.08 -30.74 28.58
CA ASP F 272 34.78 -30.05 27.33
C ASP F 272 35.68 -30.58 26.23
N ILE F 273 35.20 -30.46 25.00
CA ILE F 273 35.99 -30.76 23.80
C ILE F 273 35.93 -29.56 22.89
N THR F 274 37.08 -29.19 22.33
CA THR F 274 37.22 -28.01 21.48
C THR F 274 37.85 -28.45 20.16
N PRO F 275 37.62 -27.70 19.08
CA PRO F 275 38.17 -28.08 17.78
C PRO F 275 39.67 -28.27 17.83
N PRO F 276 40.20 -29.25 17.12
CA PRO F 276 41.62 -29.57 17.20
C PRO F 276 42.49 -28.50 16.55
N ASP F 277 43.79 -28.77 16.53
CA ASP F 277 44.76 -27.89 15.89
C ASP F 277 45.26 -28.54 14.61
N LEU F 278 46.24 -27.89 13.95
CA LEU F 278 46.76 -28.41 12.69
C LEU F 278 47.42 -29.77 12.88
N GLU F 279 48.26 -29.89 13.90
CA GLU F 279 48.99 -31.14 14.11
C GLU F 279 48.08 -32.30 14.46
N THR F 280 47.08 -32.07 15.32
CA THR F 280 46.16 -33.15 15.65
C THR F 280 45.23 -33.47 14.49
N ARG F 281 44.87 -32.47 13.67
CA ARG F 281 44.13 -32.76 12.45
C ARG F 281 44.93 -33.65 11.52
N ILE F 282 46.22 -33.34 11.35
CA ILE F 282 47.08 -34.17 10.52
C ILE F 282 47.21 -35.57 11.12
N ALA F 283 47.25 -35.65 12.44
CA ALA F 283 47.36 -36.95 13.10
C ALA F 283 46.13 -37.81 12.85
N ILE F 284 44.93 -37.23 13.01
CA ILE F 284 43.71 -37.99 12.74
C ILE F 284 43.60 -38.32 11.25
N LEU F 285 44.09 -37.45 10.37
CA LEU F 285 44.15 -37.76 8.95
C LEU F 285 45.04 -38.98 8.70
N ARG F 286 46.21 -39.01 9.34
CA ARG F 286 47.10 -40.16 9.20
C ARG F 286 46.46 -41.43 9.73
N LYS F 287 45.76 -41.33 10.86
CA LYS F 287 45.12 -42.51 11.42
C LYS F 287 44.05 -43.06 10.48
N LYS F 288 43.22 -42.16 9.91
CA LYS F 288 42.22 -42.62 8.96
C LYS F 288 42.85 -43.20 7.71
N ALA F 289 43.90 -42.57 7.19
CA ALA F 289 44.57 -43.06 6.00
C ALA F 289 45.16 -44.45 6.22
N LYS F 290 45.82 -44.66 7.35
CA LYS F 290 46.41 -45.97 7.64
C LYS F 290 45.35 -47.01 7.93
N ALA F 291 44.23 -46.62 8.56
CA ALA F 291 43.13 -47.56 8.76
C ALA F 291 42.53 -47.99 7.44
N GLU F 292 42.39 -47.06 6.49
CA GLU F 292 41.95 -47.44 5.16
C GLU F 292 42.97 -48.34 4.46
N GLY F 293 44.26 -48.02 4.61
CA GLY F 293 45.30 -48.85 4.07
C GLY F 293 45.81 -48.43 2.70
N LEU F 294 46.19 -47.15 2.56
CA LEU F 294 46.72 -46.67 1.30
C LEU F 294 47.76 -45.59 1.59
N ASP F 295 48.59 -45.32 0.59
CA ASP F 295 49.69 -44.37 0.72
C ASP F 295 49.24 -43.00 0.24
N ILE F 296 49.54 -41.97 1.03
CA ILE F 296 49.27 -40.58 0.67
C ILE F 296 50.49 -39.74 0.99
N PRO F 297 50.94 -38.87 0.08
CA PRO F 297 52.08 -38.00 0.39
C PRO F 297 51.75 -37.01 1.51
N ASN F 298 52.79 -36.58 2.21
CA ASN F 298 52.60 -35.80 3.43
C ASN F 298 52.11 -34.39 3.13
N GLU F 299 52.60 -33.78 2.05
CA GLU F 299 52.29 -32.37 1.79
C GLU F 299 50.83 -32.17 1.44
N VAL F 300 50.25 -33.12 0.69
CA VAL F 300 48.84 -32.97 0.30
C VAL F 300 47.94 -33.13 1.51
N MET F 301 48.29 -34.04 2.42
CA MET F 301 47.53 -34.18 3.66
C MET F 301 47.68 -32.95 4.54
N LEU F 302 48.88 -32.36 4.57
CA LEU F 302 49.07 -31.09 5.28
C LEU F 302 48.17 -30.00 4.71
N TYR F 303 48.09 -29.90 3.39
CA TYR F 303 47.22 -28.93 2.74
C TYR F 303 45.76 -29.18 3.13
N ILE F 304 45.30 -30.44 2.99
CA ILE F 304 43.93 -30.80 3.29
C ILE F 304 43.58 -30.42 4.73
N ALA F 305 44.48 -30.71 5.67
CA ALA F 305 44.25 -30.29 7.05
C ALA F 305 44.28 -28.78 7.19
N ASN F 306 45.06 -28.11 6.34
CA ASN F 306 45.18 -26.66 6.46
C ASN F 306 43.88 -25.95 6.12
N GLN F 307 43.25 -26.27 4.99
CA GLN F 307 42.10 -25.45 4.64
C GLN F 307 40.79 -25.90 5.28
N ILE F 308 40.77 -27.00 6.02
CA ILE F 308 39.54 -27.47 6.65
C ILE F 308 39.79 -27.65 8.14
N ASP F 309 38.96 -27.00 8.97
CA ASP F 309 39.04 -27.20 10.42
C ASP F 309 37.67 -26.94 11.05
N SER F 310 36.87 -28.00 11.19
CA SER F 310 35.70 -27.93 12.05
C SER F 310 35.49 -29.20 12.86
N ASN F 311 35.96 -30.33 12.32
CA ASN F 311 35.61 -31.67 12.80
C ASN F 311 36.37 -32.66 11.91
N ILE F 312 36.32 -33.94 12.27
CA ILE F 312 36.81 -34.99 11.36
C ILE F 312 35.66 -35.62 10.57
N ARG F 313 34.57 -34.88 10.44
CA ARG F 313 33.54 -35.15 9.44
C ARG F 313 33.86 -34.54 8.07
N GLU F 314 34.14 -33.24 8.03
CA GLU F 314 34.50 -32.60 6.78
C GLU F 314 35.89 -33.01 6.30
N LEU F 315 36.82 -33.22 7.24
CA LEU F 315 38.17 -33.64 6.86
C LEU F 315 38.17 -34.99 6.16
N GLU F 316 37.55 -35.98 6.78
CA GLU F 316 37.41 -37.30 6.20
C GLU F 316 36.50 -37.31 5.00
N GLY F 317 35.50 -36.43 4.93
CA GLY F 317 34.77 -36.26 3.68
C GLY F 317 35.68 -35.82 2.56
N ALA F 318 36.58 -34.87 2.84
CA ALA F 318 37.52 -34.41 1.82
C ALA F 318 38.52 -35.50 1.47
N LEU F 319 38.95 -36.28 2.44
CA LEU F 319 39.86 -37.38 2.16
C LEU F 319 39.21 -38.44 1.28
N ILE F 320 37.95 -38.77 1.58
CA ILE F 320 37.19 -39.69 0.74
C ILE F 320 37.04 -39.10 -0.66
N ARG F 321 36.76 -37.80 -0.74
CA ARG F 321 36.60 -37.16 -2.04
C ARG F 321 37.89 -37.24 -2.85
N VAL F 322 39.03 -37.00 -2.22
CA VAL F 322 40.31 -37.02 -2.93
C VAL F 322 40.65 -38.44 -3.39
N VAL F 323 40.48 -39.43 -2.52
CA VAL F 323 40.83 -40.79 -2.91
C VAL F 323 39.86 -41.30 -3.97
N ALA F 324 38.59 -40.91 -3.91
CA ALA F 324 37.63 -41.31 -4.93
C ALA F 324 37.93 -40.65 -6.26
N TYR F 325 38.34 -39.37 -6.24
CA TYR F 325 38.78 -38.69 -7.46
C TYR F 325 39.98 -39.41 -8.06
N SER F 326 40.95 -39.77 -7.22
CA SER F 326 42.13 -40.49 -7.71
C SER F 326 41.75 -41.83 -8.30
N SER F 327 40.85 -42.57 -7.64
CA SER F 327 40.43 -43.87 -8.14
C SER F 327 39.71 -43.75 -9.47
N LEU F 328 38.84 -42.73 -9.59
CA LEU F 328 38.14 -42.51 -10.86
C LEU F 328 39.10 -42.16 -11.98
N ILE F 329 40.08 -41.29 -11.71
CA ILE F 329 40.97 -40.83 -12.76
C ILE F 329 42.08 -41.85 -13.04
N ASN F 330 42.23 -42.85 -12.15
CA ASN F 330 43.24 -43.91 -12.25
C ASN F 330 44.63 -43.36 -11.94
N LYS F 331 44.73 -42.04 -11.80
CA LYS F 331 45.99 -41.41 -11.45
C LYS F 331 46.15 -41.34 -9.94
N ASP F 332 47.41 -41.28 -9.50
CA ASP F 332 47.74 -41.26 -8.09
C ASP F 332 47.52 -39.88 -7.49
N ILE F 333 47.62 -39.81 -6.17
CA ILE F 333 47.32 -38.60 -5.42
C ILE F 333 48.57 -37.73 -5.35
N ASN F 334 48.41 -36.44 -5.67
CA ASN F 334 49.44 -35.45 -5.38
C ASN F 334 48.76 -34.17 -4.89
N ALA F 335 49.52 -33.09 -4.73
CA ALA F 335 48.93 -31.84 -4.26
C ALA F 335 47.92 -31.29 -5.26
N ASP F 336 48.27 -31.33 -6.55
CA ASP F 336 47.42 -30.74 -7.58
C ASP F 336 46.09 -31.50 -7.69
N LEU F 337 46.11 -32.82 -7.52
CA LEU F 337 44.88 -33.59 -7.64
C LEU F 337 43.88 -33.21 -6.56
N ALA F 338 44.35 -33.09 -5.32
CA ALA F 338 43.45 -32.67 -4.24
C ALA F 338 43.03 -31.22 -4.41
N ALA F 339 43.93 -30.36 -4.90
CA ALA F 339 43.55 -28.98 -5.17
C ALA F 339 42.41 -28.92 -6.17
N GLU F 340 42.48 -29.74 -7.22
CA GLU F 340 41.39 -29.83 -8.18
C GLU F 340 40.14 -30.45 -7.57
N ALA F 341 40.31 -31.39 -6.65
CA ALA F 341 39.18 -32.12 -6.10
C ALA F 341 38.42 -31.32 -5.05
N LEU F 342 39.02 -30.26 -4.49
CA LEU F 342 38.35 -29.44 -3.49
C LEU F 342 38.12 -28.00 -3.98
N LYS F 343 37.59 -27.85 -5.19
CA LYS F 343 37.17 -26.52 -5.64
C LYS F 343 35.78 -26.18 -5.11
N ASP F 344 34.84 -27.13 -5.16
CA ASP F 344 33.46 -26.86 -4.83
C ASP F 344 33.11 -27.12 -3.37
N ILE F 345 34.08 -27.51 -2.55
CA ILE F 345 33.82 -27.88 -1.16
C ILE F 345 34.04 -26.68 -0.26
N ILE F 346 35.19 -26.02 -0.41
CA ILE F 346 35.50 -24.83 0.37
C ILE F 346 35.00 -23.59 -0.35
N PRO F 351 36.34 -17.89 6.34
CA PRO F 351 35.43 -17.03 5.57
C PRO F 351 36.01 -15.64 5.32
N LYS F 352 35.32 -14.84 4.53
CA LYS F 352 35.75 -13.48 4.22
C LYS F 352 35.47 -12.59 5.43
N VAL F 353 36.54 -12.12 6.08
CA VAL F 353 36.38 -11.24 7.23
C VAL F 353 35.87 -9.89 6.74
N ILE F 354 34.69 -9.50 7.23
CA ILE F 354 34.04 -8.28 6.77
C ILE F 354 34.66 -7.09 7.52
N THR F 355 35.21 -6.14 6.77
CA THR F 355 35.78 -4.92 7.33
C THR F 355 35.04 -3.70 6.81
N ILE F 356 35.45 -2.53 7.28
CA ILE F 356 34.85 -1.28 6.82
C ILE F 356 35.26 -0.99 5.38
N LYS F 357 36.52 -1.29 5.03
CA LYS F 357 37.02 -0.93 3.71
C LYS F 357 36.33 -1.75 2.61
N GLU F 358 36.09 -3.03 2.85
CA GLU F 358 35.42 -3.82 1.82
C GLU F 358 33.94 -3.48 1.72
N ILE F 359 33.31 -3.08 2.82
CA ILE F 359 31.95 -2.56 2.75
C ILE F 359 31.92 -1.28 1.92
N GLN F 360 32.92 -0.41 2.13
CA GLN F 360 33.02 0.81 1.34
C GLN F 360 33.23 0.49 -0.13
N ARG F 361 34.03 -0.53 -0.43
CA ARG F 361 34.20 -0.94 -1.83
C ARG F 361 32.94 -1.56 -2.41
N VAL F 362 32.16 -2.29 -1.62
CA VAL F 362 30.90 -2.83 -2.11
C VAL F 362 29.94 -1.70 -2.46
N VAL F 363 29.84 -0.69 -1.58
CA VAL F 363 28.94 0.43 -1.89
C VAL F 363 29.49 1.28 -3.03
N GLY F 364 30.82 1.38 -3.18
CA GLY F 364 31.45 2.06 -4.28
C GLY F 364 31.59 1.25 -5.54
N GLN F 365 31.09 0.02 -5.53
CA GLN F 365 30.86 -0.74 -6.75
C GLN F 365 29.39 -0.82 -7.14
N GLN F 366 28.48 -0.82 -6.15
CA GLN F 366 27.05 -0.84 -6.45
C GLN F 366 26.55 0.57 -6.78
N PHE F 367 26.63 1.49 -5.82
CA PHE F 367 26.30 2.89 -6.08
C PHE F 367 27.50 3.68 -6.56
N ASN F 368 28.68 3.06 -6.59
CA ASN F 368 29.92 3.55 -7.20
C ASN F 368 30.10 5.07 -7.05
N ILE F 369 30.16 5.50 -5.80
CA ILE F 369 30.58 6.84 -5.44
C ILE F 369 32.09 6.84 -5.28
N LYS F 370 32.71 8.00 -5.56
CA LYS F 370 34.16 8.10 -5.54
C LYS F 370 34.71 7.87 -4.13
N LEU F 371 35.99 7.47 -4.07
CA LEU F 371 36.64 7.18 -2.80
C LEU F 371 36.73 8.42 -1.93
N GLU F 372 37.20 9.53 -2.49
CA GLU F 372 37.35 10.77 -1.73
C GLU F 372 36.08 11.61 -1.70
N ASP F 373 35.02 11.18 -2.39
CA ASP F 373 33.75 11.92 -2.35
C ASP F 373 33.14 11.88 -0.95
N PHE F 374 33.23 10.73 -0.28
CA PHE F 374 32.68 10.61 1.07
C PHE F 374 33.41 11.52 2.05
N LYS F 375 34.74 11.63 1.91
CA LYS F 375 35.54 12.38 2.86
C LYS F 375 35.29 13.88 2.78
N ALA F 376 34.63 14.36 1.74
CA ALA F 376 34.38 15.78 1.59
C ALA F 376 33.24 16.22 2.52
N LYS F 377 33.15 17.54 2.72
CA LYS F 377 32.20 18.14 3.65
C LYS F 377 31.03 18.81 2.95
N LYS F 378 30.61 18.30 1.79
CA LYS F 378 29.47 18.85 1.09
C LYS F 378 28.19 18.14 1.53
N ARG F 379 27.13 18.92 1.74
CA ARG F 379 25.90 18.43 2.35
C ARG F 379 24.77 18.24 1.34
N THR F 380 25.07 18.21 0.04
CA THR F 380 24.05 17.92 -0.95
C THR F 380 23.50 16.50 -0.76
N LYS F 381 22.21 16.34 -1.02
CA LYS F 381 21.56 15.06 -0.78
C LYS F 381 22.12 13.96 -1.67
N SER F 382 22.38 14.28 -2.94
CA SER F 382 22.86 13.29 -3.89
C SER F 382 24.17 12.66 -3.44
N VAL F 383 25.03 13.43 -2.80
CA VAL F 383 26.30 12.93 -2.28
C VAL F 383 26.13 12.35 -0.88
N ALA F 384 25.21 12.92 -0.10
CA ALA F 384 25.05 12.53 1.30
C ALA F 384 24.46 11.12 1.42
N PHE F 385 23.46 10.80 0.60
CA PHE F 385 22.75 9.52 0.73
C PHE F 385 23.68 8.31 0.75
N PRO F 386 24.63 8.16 -0.17
CA PRO F 386 25.57 7.02 -0.06
C PRO F 386 26.34 7.03 1.24
N ARG F 387 26.71 8.22 1.73
CA ARG F 387 27.47 8.30 2.97
C ARG F 387 26.72 7.68 4.14
N GLN F 388 25.47 8.09 4.35
CA GLN F 388 24.74 7.56 5.49
C GLN F 388 24.31 6.11 5.27
N ILE F 389 24.03 5.69 4.03
CA ILE F 389 23.65 4.29 3.85
C ILE F 389 24.86 3.38 4.12
N ALA F 390 26.05 3.79 3.67
CA ALA F 390 27.25 3.01 3.98
C ALA F 390 27.57 3.07 5.47
N MET F 391 27.31 4.22 6.11
CA MET F 391 27.51 4.32 7.55
C MET F 391 26.62 3.33 8.30
N TYR F 392 25.34 3.25 7.92
CA TYR F 392 24.44 2.31 8.55
C TYR F 392 24.86 0.88 8.28
N LEU F 393 25.30 0.58 7.06
CA LEU F 393 25.77 -0.76 6.75
C LEU F 393 26.95 -1.14 7.63
N SER F 394 27.93 -0.24 7.76
CA SER F 394 29.10 -0.52 8.58
C SER F 394 28.71 -0.69 10.05
N ARG F 395 27.83 0.17 10.55
CA ARG F 395 27.40 0.07 11.94
C ARG F 395 26.65 -1.24 12.18
N GLU F 396 25.89 -1.71 11.18
CA GLU F 396 25.11 -2.93 11.34
C GLU F 396 25.96 -4.19 11.24
N MET F 397 27.00 -4.20 10.43
CA MET F 397 27.76 -5.43 10.21
C MET F 397 29.27 -5.19 10.28
N THR F 398 29.71 -4.36 11.22
CA THR F 398 31.12 -4.30 11.59
C THR F 398 31.21 -4.25 13.12
N ASP F 399 32.33 -4.74 13.64
CA ASP F 399 32.59 -4.73 15.07
C ASP F 399 33.36 -3.49 15.51
N SER F 400 33.75 -2.63 14.57
CA SER F 400 34.53 -1.45 14.90
C SER F 400 33.71 -0.46 15.72
N SER F 401 34.40 0.28 16.59
CA SER F 401 33.74 1.26 17.44
C SER F 401 33.20 2.41 16.62
N LEU F 402 32.17 3.07 17.15
CA LEU F 402 31.57 4.21 16.48
C LEU F 402 32.57 5.34 16.24
N PRO F 403 33.37 5.79 17.21
CA PRO F 403 34.37 6.82 16.89
C PRO F 403 35.38 6.39 15.84
N LYS F 404 35.78 5.12 15.86
CA LYS F 404 36.73 4.64 14.85
C LYS F 404 36.12 4.67 13.47
N ILE F 405 34.86 4.25 13.35
CA ILE F 405 34.17 4.28 12.06
C ILE F 405 34.02 5.72 11.57
N GLY F 406 33.65 6.63 12.48
CA GLY F 406 33.54 8.03 12.10
C GLY F 406 34.86 8.62 11.65
N GLU F 407 35.95 8.27 12.34
CA GLU F 407 37.27 8.73 11.93
C GLU F 407 37.67 8.15 10.58
N GLU F 408 37.29 6.89 10.32
CA GLU F 408 37.54 6.29 9.00
C GLU F 408 36.80 7.04 7.92
N PHE F 409 35.54 7.41 8.17
CA PHE F 409 34.74 8.14 7.19
C PHE F 409 34.81 9.65 7.46
N GLY F 410 35.95 10.22 7.10
CA GLY F 410 36.13 11.65 7.11
C GLY F 410 36.24 12.30 8.48
N GLY F 411 36.47 11.51 9.53
CA GLY F 411 36.59 12.06 10.86
C GLY F 411 35.33 12.75 11.34
N ARG F 412 34.18 12.19 11.00
CA ARG F 412 32.89 12.79 11.33
C ARG F 412 32.48 12.43 12.76
N ASP F 413 31.52 13.19 13.27
CA ASP F 413 31.14 13.09 14.67
C ASP F 413 30.20 11.92 14.91
N HIS F 414 30.34 11.33 16.11
CA HIS F 414 29.47 10.23 16.49
C HIS F 414 28.01 10.69 16.56
N THR F 415 27.75 11.95 16.90
CA THR F 415 26.38 12.45 16.90
C THR F 415 25.80 12.48 15.48
N THR F 416 26.61 12.92 14.51
CA THR F 416 26.15 12.90 13.12
C THR F 416 25.89 11.47 12.66
N VAL F 417 26.78 10.53 13.03
CA VAL F 417 26.56 9.12 12.69
C VAL F 417 25.28 8.61 13.32
N ILE F 418 25.02 9.01 14.58
CA ILE F 418 23.84 8.56 15.30
C ILE F 418 22.58 9.04 14.59
N HIS F 419 22.53 10.33 14.25
CA HIS F 419 21.40 10.87 13.50
C HIS F 419 21.24 10.13 12.17
N ALA F 420 22.36 9.84 11.51
CA ALA F 420 22.31 9.17 10.22
C ALA F 420 21.64 7.81 10.33
N HIS F 421 22.05 6.98 11.28
CA HIS F 421 21.51 5.63 11.29
C HIS F 421 20.09 5.62 11.85
N GLU F 422 19.76 6.55 12.75
CA GLU F 422 18.36 6.66 13.17
C GLU F 422 17.46 6.99 11.99
N LYS F 423 17.86 7.98 11.16
CA LYS F 423 16.99 8.33 10.04
C LYS F 423 16.98 7.23 8.99
N ILE F 424 18.10 6.50 8.84
CA ILE F 424 18.12 5.38 7.91
C ILE F 424 17.16 4.30 8.36
N SER F 425 17.14 3.99 9.66
CA SER F 425 16.17 3.02 10.18
C SER F 425 14.75 3.51 9.98
N LYS F 426 14.51 4.81 10.21
CA LYS F 426 13.18 5.37 10.02
C LYS F 426 12.71 5.20 8.58
N LEU F 427 13.58 5.50 7.61
CA LEU F 427 13.20 5.37 6.21
C LEU F 427 13.07 3.92 5.75
N LEU F 428 13.91 3.00 6.26
CA LEU F 428 13.80 1.61 5.87
C LEU F 428 12.65 0.90 6.57
N ALA F 429 12.10 1.48 7.64
CA ALA F 429 10.95 0.88 8.29
C ALA F 429 9.68 0.98 7.47
N ASP F 430 9.62 1.91 6.52
CA ASP F 430 8.40 2.13 5.75
C ASP F 430 8.59 2.20 4.24
N ASP F 431 9.80 2.40 3.73
CA ASP F 431 10.01 2.46 2.30
C ASP F 431 10.57 1.13 1.79
N GLU F 432 10.00 0.63 0.69
CA GLU F 432 10.28 -0.71 0.22
C GLU F 432 11.27 -0.78 -0.94
N GLN F 433 11.31 0.23 -1.82
CA GLN F 433 12.27 0.19 -2.92
C GLN F 433 13.69 0.16 -2.39
N LEU F 434 14.01 1.05 -1.45
CA LEU F 434 15.29 0.98 -0.78
C LEU F 434 15.42 -0.29 0.06
N GLN F 435 14.31 -0.92 0.44
CA GLN F 435 14.41 -2.20 1.14
C GLN F 435 14.97 -3.28 0.23
N GLN F 436 14.46 -3.40 -1.01
CA GLN F 436 15.08 -4.37 -1.90
C GLN F 436 16.48 -3.94 -2.31
N HIS F 437 16.72 -2.63 -2.40
CA HIS F 437 18.08 -2.16 -2.69
C HIS F 437 19.05 -2.61 -1.60
N VAL F 438 18.66 -2.47 -0.33
CA VAL F 438 19.56 -2.80 0.77
C VAL F 438 19.67 -4.30 0.96
N LYS F 439 18.63 -5.06 0.63
CA LYS F 439 18.77 -6.51 0.66
C LYS F 439 19.72 -6.98 -0.44
N GLU F 440 19.69 -6.32 -1.60
CA GLU F 440 20.70 -6.60 -2.62
C GLU F 440 22.09 -6.23 -2.12
N ILE F 441 22.21 -5.09 -1.44
CA ILE F 441 23.51 -4.66 -0.92
C ILE F 441 24.07 -5.72 0.01
N LYS F 442 23.25 -6.18 0.97
CA LYS F 442 23.72 -7.20 1.90
C LYS F 442 23.87 -8.57 1.24
N GLU F 443 23.22 -8.82 0.11
CA GLU F 443 23.42 -10.09 -0.59
C GLU F 443 24.75 -10.11 -1.34
N GLN F 444 25.08 -9.06 -2.10
CA GLN F 444 26.33 -9.08 -2.86
C GLN F 444 27.53 -8.50 -2.11
N LEU F 445 27.37 -8.00 -0.88
CA LEU F 445 28.58 -7.65 -0.14
C LEU F 445 29.29 -8.88 0.41
N LYS F 446 28.54 -9.95 0.70
CA LYS F 446 29.11 -11.16 1.26
C LYS F 446 29.50 -12.15 0.17
N ASN G 109 23.60 -51.94 53.38
CA ASN G 109 22.43 -52.35 52.61
C ASN G 109 22.14 -51.34 51.50
N MET G 110 20.92 -50.80 51.52
CA MET G 110 20.48 -49.81 50.56
C MET G 110 20.75 -48.39 51.03
N LEU G 111 21.76 -48.20 51.88
CA LEU G 111 22.16 -46.89 52.36
C LEU G 111 23.58 -46.62 51.88
N ASN G 112 23.82 -45.43 51.37
CA ASN G 112 25.16 -45.04 50.95
C ASN G 112 26.07 -44.97 52.17
N PRO G 113 27.22 -45.65 52.16
CA PRO G 113 28.13 -45.56 53.30
C PRO G 113 28.73 -44.18 53.52
N LYS G 114 28.76 -43.34 52.48
CA LYS G 114 29.35 -42.02 52.63
C LYS G 114 28.48 -41.10 53.47
N TYR G 115 27.18 -41.36 53.51
CA TYR G 115 26.24 -40.52 54.25
C TYR G 115 26.17 -41.02 55.69
N THR G 116 26.62 -40.21 56.63
CA THR G 116 26.61 -40.58 58.05
C THR G 116 26.66 -39.31 58.87
N PHE G 117 26.16 -39.40 60.11
CA PHE G 117 26.17 -38.25 61.01
C PHE G 117 27.57 -37.71 61.25
N ASP G 118 28.58 -38.58 61.28
CA ASP G 118 29.95 -38.14 61.51
C ASP G 118 30.56 -37.45 60.31
N THR G 119 30.15 -37.81 59.09
CA THR G 119 30.63 -37.17 57.87
C THR G 119 29.74 -36.02 57.44
N PHE G 120 28.86 -35.54 58.30
CA PHE G 120 27.99 -34.42 57.99
C PHE G 120 28.51 -33.17 58.68
N VAL G 121 28.50 -32.05 57.95
CA VAL G 121 29.02 -30.79 58.47
C VAL G 121 27.85 -29.99 59.03
N ILE G 122 28.00 -29.52 60.26
CA ILE G 122 26.97 -28.75 60.93
C ILE G 122 27.20 -27.27 60.67
N GLY G 123 26.17 -26.58 60.20
CA GLY G 123 26.25 -25.16 59.93
C GLY G 123 25.02 -24.46 60.47
N SER G 124 24.93 -23.17 60.16
CA SER G 124 23.79 -22.39 60.63
C SER G 124 22.51 -22.76 59.89
N GLY G 125 22.61 -23.15 58.62
CA GLY G 125 21.45 -23.49 57.83
C GLY G 125 20.90 -24.88 58.00
N ASN G 126 21.62 -25.74 58.72
CA ASN G 126 21.18 -27.11 58.91
C ASN G 126 21.28 -27.58 60.35
N ARG G 127 21.55 -26.69 61.30
CA ARG G 127 21.68 -27.11 62.69
C ARG G 127 20.39 -27.69 63.23
N PHE G 128 19.25 -27.05 62.91
CA PHE G 128 17.98 -27.52 63.45
C PHE G 128 17.60 -28.87 62.87
N ALA G 129 17.70 -29.03 61.55
CA ALA G 129 17.35 -30.29 60.93
C ALA G 129 18.29 -31.40 61.37
N HIS G 130 19.58 -31.10 61.48
CA HIS G 130 20.52 -32.10 61.98
C HIS G 130 20.20 -32.52 63.41
N ALA G 131 19.89 -31.55 64.28
CA ALA G 131 19.59 -31.87 65.66
C ALA G 131 18.33 -32.72 65.75
N ALA G 132 17.31 -32.36 64.99
CA ALA G 132 16.06 -33.13 64.99
C ALA G 132 16.29 -34.54 64.49
N SER G 133 17.07 -34.69 63.41
CA SER G 133 17.36 -36.01 62.89
C SER G 133 18.14 -36.85 63.89
N LEU G 134 19.10 -36.22 64.58
CA LEU G 134 19.88 -36.96 65.57
C LEU G 134 19.02 -37.37 66.75
N ALA G 135 18.10 -36.50 67.17
CA ALA G 135 17.19 -36.84 68.25
C ALA G 135 16.27 -37.98 67.86
N VAL G 136 15.82 -37.99 66.61
CA VAL G 136 15.01 -39.10 66.11
C VAL G 136 15.82 -40.39 66.10
N ALA G 137 17.07 -40.33 65.63
CA ALA G 137 17.90 -41.52 65.63
C ALA G 137 18.15 -42.05 67.03
N GLU G 138 18.38 -41.17 68.00
CA GLU G 138 18.61 -41.58 69.39
C GLU G 138 17.35 -42.07 70.08
N ALA G 139 16.18 -41.53 69.72
CA ALA G 139 14.89 -41.90 70.31
C ALA G 139 13.88 -42.13 69.19
N PRO G 140 13.90 -43.29 68.55
CA PRO G 140 13.01 -43.53 67.40
C PRO G 140 11.57 -43.72 67.84
N ALA G 141 10.66 -43.01 67.18
CA ALA G 141 9.22 -43.06 67.40
C ALA G 141 8.80 -42.51 68.77
N LYS G 142 9.68 -41.80 69.46
CA LYS G 142 9.39 -41.23 70.76
C LYS G 142 9.43 -39.71 70.77
N ALA G 143 10.47 -39.10 70.21
CA ALA G 143 10.62 -37.66 70.21
C ALA G 143 9.78 -36.96 69.16
N TYR G 144 9.95 -37.33 67.88
CA TYR G 144 9.21 -36.73 66.77
C TYR G 144 8.79 -37.89 65.86
N ASN G 145 7.54 -38.34 66.01
CA ASN G 145 7.17 -39.52 65.24
C ASN G 145 7.04 -39.17 63.77
N PRO G 146 6.25 -38.15 63.37
CA PRO G 146 6.42 -37.63 62.02
C PRO G 146 7.46 -36.52 61.99
N LEU G 147 8.54 -36.73 61.26
CA LEU G 147 9.55 -35.70 61.05
C LEU G 147 9.62 -35.36 59.58
N PHE G 148 9.32 -34.11 59.25
CA PHE G 148 9.21 -33.64 57.87
C PHE G 148 10.39 -32.71 57.62
N ILE G 149 11.14 -32.98 56.54
CA ILE G 149 12.29 -32.18 56.16
C ILE G 149 11.98 -31.54 54.82
N TYR G 150 12.26 -30.24 54.70
CA TYR G 150 12.14 -29.58 53.41
C TYR G 150 13.32 -28.63 53.22
N GLY G 151 13.61 -28.31 51.96
CA GLY G 151 14.71 -27.42 51.67
C GLY G 151 15.00 -27.41 50.19
N GLY G 152 16.09 -26.74 49.82
CA GLY G 152 16.53 -26.71 48.45
C GLY G 152 17.11 -28.04 48.03
N VAL G 153 17.51 -28.11 46.77
CA VAL G 153 18.08 -29.33 46.20
C VAL G 153 19.59 -29.26 46.33
N GLY G 154 20.19 -30.41 46.63
CA GLY G 154 21.61 -30.45 46.92
C GLY G 154 21.95 -29.87 48.28
N LEU G 155 21.03 -29.97 49.24
CA LEU G 155 21.19 -29.33 50.54
C LEU G 155 21.42 -30.28 51.71
N GLY G 156 21.31 -31.60 51.52
CA GLY G 156 21.72 -32.52 52.56
C GLY G 156 20.63 -33.37 53.19
N LYS G 157 19.44 -33.41 52.60
CA LYS G 157 18.33 -34.14 53.19
C LYS G 157 18.53 -35.65 53.11
N THR G 158 18.90 -36.15 51.93
CA THR G 158 19.16 -37.58 51.79
C THR G 158 20.35 -38.01 52.63
N HIS G 159 21.38 -37.17 52.70
CA HIS G 159 22.49 -37.43 53.61
C HIS G 159 21.99 -37.53 55.05
N LEU G 160 21.13 -36.61 55.46
CA LEU G 160 20.63 -36.59 56.83
C LEU G 160 19.88 -37.87 57.17
N MET G 161 18.99 -38.33 56.28
CA MET G 161 18.18 -39.47 56.68
C MET G 161 18.87 -40.80 56.38
N HIS G 162 19.84 -40.82 55.47
CA HIS G 162 20.75 -41.96 55.43
C HIS G 162 21.53 -42.07 56.72
N ALA G 163 21.95 -40.92 57.28
CA ALA G 163 22.59 -40.93 58.58
C ALA G 163 21.65 -41.46 59.65
N ILE G 164 20.38 -41.07 59.61
CA ILE G 164 19.41 -41.60 60.56
C ILE G 164 19.33 -43.12 60.45
N GLY G 165 19.22 -43.63 59.22
CA GLY G 165 19.13 -45.07 59.04
C GLY G 165 20.37 -45.79 59.53
N HIS G 166 21.55 -45.23 59.25
CA HIS G 166 22.79 -45.83 59.72
C HIS G 166 22.85 -45.84 61.24
N TYR G 167 22.47 -44.73 61.88
CA TYR G 167 22.46 -44.67 63.33
C TYR G 167 21.53 -45.72 63.92
N VAL G 168 20.32 -45.82 63.38
CA VAL G 168 19.34 -46.75 63.93
C VAL G 168 19.81 -48.19 63.76
N ILE G 169 20.36 -48.52 62.59
CA ILE G 169 20.85 -49.89 62.37
C ILE G 169 22.03 -50.19 63.29
N ASP G 170 22.97 -49.25 63.42
CA ASP G 170 24.16 -49.49 64.22
C ASP G 170 23.78 -49.68 65.69
N HIS G 171 22.91 -48.83 66.22
CA HIS G 171 22.58 -48.92 67.65
C HIS G 171 21.57 -50.03 67.93
N ASN G 172 20.80 -50.45 66.93
CA ASN G 172 19.83 -51.52 67.08
C ASN G 172 19.83 -52.38 65.82
N PRO G 173 20.38 -53.60 65.88
CA PRO G 173 20.48 -54.42 64.67
C PRO G 173 19.19 -55.15 64.31
N SER G 174 18.25 -55.27 65.23
CA SER G 174 16.99 -55.93 64.95
C SER G 174 15.98 -55.05 64.22
N ALA G 175 16.25 -53.75 64.14
CA ALA G 175 15.32 -52.82 63.52
C ALA G 175 15.26 -53.03 62.01
N LYS G 176 14.06 -52.86 61.46
CA LYS G 176 13.82 -52.98 60.02
C LYS G 176 13.65 -51.56 59.47
N VAL G 177 14.76 -50.92 59.16
CA VAL G 177 14.77 -49.55 58.64
C VAL G 177 14.70 -49.66 57.13
N VAL G 178 13.68 -49.04 56.54
CA VAL G 178 13.51 -49.03 55.09
C VAL G 178 13.58 -47.59 54.61
N TYR G 179 14.39 -47.36 53.58
CA TYR G 179 14.52 -46.06 52.94
C TYR G 179 14.20 -46.20 51.47
N LEU G 180 13.48 -45.22 50.93
CA LEU G 180 13.15 -45.22 49.50
C LEU G 180 12.70 -43.83 49.09
N SER G 181 12.35 -43.72 47.81
CA SER G 181 11.85 -42.49 47.21
C SER G 181 10.40 -42.67 46.83
N SER G 182 9.66 -41.56 46.83
CA SER G 182 8.23 -41.63 46.52
C SER G 182 7.99 -42.16 45.12
N GLU G 183 8.94 -41.95 44.21
CA GLU G 183 8.84 -42.55 42.88
C GLU G 183 8.82 -44.06 42.96
N LYS G 184 9.75 -44.64 43.72
CA LYS G 184 9.77 -46.08 43.90
C LYS G 184 8.56 -46.57 44.68
N PHE G 185 8.10 -45.78 45.65
CA PHE G 185 6.88 -46.14 46.36
C PHE G 185 5.70 -46.27 45.40
N THR G 186 5.50 -45.29 44.53
CA THR G 186 4.40 -45.37 43.57
C THR G 186 4.60 -46.52 42.58
N ASN G 187 5.82 -46.72 42.10
CA ASN G 187 6.06 -47.79 41.15
C ASN G 187 5.73 -49.15 41.76
N GLU G 188 6.20 -49.39 42.98
CA GLU G 188 5.93 -50.66 43.66
C GLU G 188 4.44 -50.81 43.95
N PHE G 189 3.79 -49.73 44.38
CA PHE G 189 2.37 -49.78 44.69
C PHE G 189 1.55 -50.16 43.46
N ILE G 190 1.81 -49.50 42.34
CA ILE G 190 1.05 -49.76 41.13
C ILE G 190 1.36 -51.14 40.57
N ASN G 191 2.62 -51.55 40.59
CA ASN G 191 2.96 -52.88 40.10
C ASN G 191 2.33 -53.96 40.97
N SER G 192 2.26 -53.74 42.28
CA SER G 192 1.58 -54.68 43.16
C SER G 192 0.09 -54.77 42.82
N ILE G 193 -0.54 -53.64 42.55
CA ILE G 193 -1.94 -53.67 42.12
C ILE G 193 -2.09 -54.49 40.85
N ARG G 194 -1.20 -54.25 39.88
CA ARG G 194 -1.35 -54.88 38.57
C ARG G 194 -1.07 -56.39 38.63
N ASP G 195 -0.21 -56.83 39.54
CA ASP G 195 0.16 -58.23 39.63
C ASP G 195 -0.46 -58.93 40.84
N ASN G 196 -1.50 -58.34 41.43
CA ASN G 196 -2.19 -58.91 42.59
C ASN G 196 -1.23 -59.18 43.73
N LYS G 197 -0.28 -58.26 43.92
CA LYS G 197 0.71 -58.34 44.99
C LYS G 197 0.43 -57.28 46.06
N ALA G 198 -0.82 -56.83 46.16
CA ALA G 198 -1.16 -55.77 47.08
C ALA G 198 -0.93 -56.18 48.52
N VAL G 199 -1.30 -57.42 48.87
CA VAL G 199 -1.10 -57.90 50.23
C VAL G 199 0.38 -57.88 50.59
N ASP G 200 1.24 -58.28 49.65
CA ASP G 200 2.67 -58.29 49.91
C ASP G 200 3.22 -56.87 50.03
N PHE G 201 2.71 -55.94 49.22
CA PHE G 201 3.12 -54.55 49.36
C PHE G 201 2.78 -54.02 50.76
N ARG G 202 1.55 -54.29 51.20
CA ARG G 202 1.16 -53.87 52.54
C ARG G 202 2.01 -54.53 53.61
N ASN G 203 2.30 -55.82 53.44
CA ASN G 203 3.14 -56.52 54.40
C ASN G 203 4.54 -55.92 54.49
N ARG G 204 5.15 -55.59 53.34
CA ARG G 204 6.49 -55.04 53.38
C ARG G 204 6.52 -53.62 53.93
N TYR G 205 5.47 -52.82 53.74
CA TYR G 205 5.60 -51.42 54.10
C TYR G 205 4.89 -51.01 55.38
N ARG G 206 3.91 -51.77 55.85
CA ARG G 206 3.22 -51.44 57.08
C ARG G 206 3.95 -51.92 58.33
N ASN G 207 4.97 -52.78 58.16
CA ASN G 207 5.60 -53.41 59.31
C ASN G 207 7.06 -53.02 59.49
N VAL G 208 7.50 -51.91 58.91
CA VAL G 208 8.88 -51.47 59.09
C VAL G 208 9.01 -50.68 60.38
N ASP G 209 10.16 -50.80 61.03
CA ASP G 209 10.37 -50.11 62.29
C ASP G 209 10.63 -48.62 62.08
N VAL G 210 11.34 -48.28 61.01
CA VAL G 210 11.57 -46.89 60.61
C VAL G 210 11.39 -46.78 59.11
N LEU G 211 10.67 -45.76 58.65
CA LEU G 211 10.44 -45.52 57.24
C LEU G 211 11.03 -44.17 56.85
N LEU G 212 11.71 -44.12 55.70
CA LEU G 212 12.37 -42.92 55.21
C LEU G 212 11.94 -42.68 53.77
N ILE G 213 11.41 -41.49 53.50
CA ILE G 213 10.80 -41.18 52.20
C ILE G 213 11.49 -39.96 51.59
N ASP G 214 11.95 -40.11 50.36
CA ASP G 214 12.46 -38.99 49.55
C ASP G 214 11.32 -38.24 48.88
N ASP G 215 11.52 -36.92 48.73
CA ASP G 215 10.81 -36.07 47.76
C ASP G 215 9.34 -36.43 47.63
N ILE G 216 8.61 -36.32 48.75
CA ILE G 216 7.21 -36.69 48.76
C ILE G 216 6.37 -35.78 47.86
N GLN G 217 6.97 -34.70 47.35
CA GLN G 217 6.34 -33.90 46.31
C GLN G 217 5.92 -34.72 45.11
N PHE G 218 6.62 -35.81 44.84
CA PHE G 218 6.26 -36.66 43.71
C PHE G 218 4.83 -37.16 43.84
N LEU G 219 4.31 -37.28 45.06
CA LEU G 219 2.95 -37.78 45.25
C LEU G 219 1.91 -36.79 44.75
N ALA G 220 2.28 -35.52 44.58
CA ALA G 220 1.33 -34.53 44.13
C ALA G 220 0.83 -34.87 42.73
N GLY G 221 -0.49 -34.77 42.55
CA GLY G 221 -1.11 -35.16 41.30
C GLY G 221 -1.46 -36.62 41.19
N LYS G 222 -1.13 -37.42 42.19
CA LYS G 222 -1.46 -38.84 42.23
C LYS G 222 -2.41 -39.08 43.39
N GLU G 223 -3.62 -39.54 43.09
CA GLU G 223 -4.68 -39.67 44.09
C GLU G 223 -4.57 -40.98 44.87
N GLN G 224 -4.53 -42.11 44.16
CA GLN G 224 -4.56 -43.39 44.83
C GLN G 224 -3.26 -43.67 45.57
N THR G 225 -2.11 -43.26 45.02
CA THR G 225 -0.86 -43.42 45.76
C THR G 225 -0.86 -42.55 47.01
N GLN G 226 -1.44 -41.35 46.94
CA GLN G 226 -1.57 -40.52 48.12
C GLN G 226 -2.44 -41.19 49.18
N GLU G 227 -3.55 -41.80 48.75
CA GLU G 227 -4.39 -42.52 49.70
C GLU G 227 -3.65 -43.70 50.33
N GLU G 228 -2.88 -44.44 49.53
CA GLU G 228 -2.19 -45.61 50.05
C GLU G 228 -1.08 -45.19 51.01
N PHE G 229 -0.40 -44.08 50.73
CA PHE G 229 0.57 -43.54 51.67
C PHE G 229 -0.11 -43.00 52.92
N PHE G 230 -1.30 -42.44 52.77
CA PHE G 230 -2.05 -41.98 53.95
C PHE G 230 -2.35 -43.15 54.88
N HIS G 231 -2.76 -44.28 54.32
CA HIS G 231 -3.04 -45.44 55.14
C HIS G 231 -1.78 -46.05 55.73
N THR G 232 -0.68 -46.04 54.96
CA THR G 232 0.60 -46.53 55.49
C THR G 232 1.07 -45.66 56.66
N PHE G 233 1.00 -44.33 56.49
CA PHE G 233 1.30 -43.41 57.57
C PHE G 233 0.44 -43.69 58.79
N ASN G 234 -0.86 -43.88 58.59
CA ASN G 234 -1.76 -44.11 59.71
C ASN G 234 -1.38 -45.37 60.46
N THR G 235 -1.14 -46.46 59.73
CA THR G 235 -0.80 -47.72 60.38
C THR G 235 0.52 -47.61 61.14
N LEU G 236 1.53 -46.99 60.53
CA LEU G 236 2.82 -46.86 61.18
C LEU G 236 2.74 -45.98 62.43
N HIS G 237 2.02 -44.86 62.34
CA HIS G 237 1.88 -43.98 63.50
C HIS G 237 1.07 -44.63 64.61
N GLU G 238 0.04 -45.40 64.25
CA GLU G 238 -0.71 -46.17 65.23
C GLU G 238 0.12 -47.24 65.91
N GLU G 239 1.00 -47.92 65.18
CA GLU G 239 1.89 -48.92 65.75
C GLU G 239 3.08 -48.30 66.47
N SER G 240 3.09 -46.98 66.66
CA SER G 240 4.18 -46.25 67.31
C SER G 240 5.52 -46.54 66.62
N LYS G 241 5.48 -46.50 65.28
CA LYS G 241 6.67 -46.63 64.46
C LYS G 241 7.13 -45.23 64.04
N GLN G 242 8.30 -45.15 63.41
CA GLN G 242 8.90 -43.86 63.06
C GLN G 242 8.77 -43.63 61.56
N ILE G 243 8.38 -42.41 61.19
CA ILE G 243 8.19 -42.00 59.81
C ILE G 243 8.99 -40.72 59.61
N VAL G 244 9.84 -40.69 58.60
CA VAL G 244 10.63 -39.52 58.25
C VAL G 244 10.41 -39.20 56.78
N ILE G 245 10.06 -37.94 56.50
CA ILE G 245 9.68 -37.50 55.17
C ILE G 245 10.55 -36.32 54.79
N SER G 246 11.06 -36.32 53.55
CA SER G 246 11.77 -35.17 53.03
C SER G 246 10.99 -34.60 51.84
N SER G 247 11.26 -33.35 51.51
CA SER G 247 10.53 -32.63 50.47
C SER G 247 11.37 -31.42 50.09
N ASP G 248 10.97 -30.71 49.05
CA ASP G 248 11.59 -29.42 48.75
C ASP G 248 10.68 -28.24 49.07
N ARG G 249 9.43 -28.50 49.40
CA ARG G 249 8.44 -27.52 49.79
C ARG G 249 7.75 -27.95 51.08
N PRO G 250 7.37 -27.00 51.93
CA PRO G 250 6.62 -27.36 53.14
C PRO G 250 5.25 -27.92 52.77
N PRO G 251 4.65 -28.72 53.64
CA PRO G 251 3.38 -29.38 53.27
C PRO G 251 2.24 -28.42 53.02
N LYS G 252 2.33 -27.17 53.49
CA LYS G 252 1.28 -26.20 53.23
C LYS G 252 1.15 -25.91 51.74
N GLU G 253 2.27 -25.88 51.03
CA GLU G 253 2.26 -25.49 49.62
C GLU G 253 2.57 -26.64 48.67
N ILE G 254 2.18 -27.87 49.01
CA ILE G 254 2.23 -29.00 48.09
C ILE G 254 0.86 -29.06 47.40
N PRO G 255 0.81 -28.85 46.09
CA PRO G 255 -0.50 -28.85 45.40
C PRO G 255 -1.10 -30.25 45.34
N THR G 256 -2.42 -30.28 45.16
CA THR G 256 -3.18 -31.52 45.00
C THR G 256 -2.94 -32.49 46.17
N LEU G 257 -2.88 -31.93 47.37
CA LEU G 257 -2.72 -32.72 48.59
C LEU G 257 -3.98 -32.61 49.44
N GLU G 258 -4.48 -33.76 49.88
CA GLU G 258 -5.66 -33.80 50.72
C GLU G 258 -5.36 -33.17 52.08
N ASP G 259 -6.39 -32.59 52.69
CA ASP G 259 -6.19 -31.93 53.98
C ASP G 259 -5.82 -32.91 55.07
N ARG G 260 -6.27 -34.16 54.97
CA ARG G 260 -5.85 -35.16 55.95
C ARG G 260 -4.34 -35.39 55.90
N LEU G 261 -3.79 -35.56 54.70
CA LEU G 261 -2.33 -35.68 54.57
C LEU G 261 -1.62 -34.40 55.00
N ARG G 262 -2.15 -33.24 54.63
CA ARG G 262 -1.50 -31.99 55.01
C ARG G 262 -1.49 -31.82 56.52
N SER G 263 -2.55 -32.26 57.22
CA SER G 263 -2.59 -32.14 58.66
C SER G 263 -1.71 -33.18 59.33
N ARG G 264 -1.58 -34.37 58.71
CA ARG G 264 -0.67 -35.37 59.24
C ARG G 264 0.79 -34.92 59.12
N PHE G 265 1.12 -34.24 58.01
CA PHE G 265 2.50 -33.78 57.82
C PHE G 265 2.89 -32.74 58.86
N GLU G 266 1.96 -31.85 59.21
CA GLU G 266 2.23 -30.81 60.19
C GLU G 266 2.09 -31.30 61.63
N TRP G 267 1.72 -32.57 61.82
CA TRP G 267 1.48 -33.09 63.16
C TRP G 267 2.73 -33.02 64.03
N GLY G 268 3.89 -33.37 63.47
CA GLY G 268 5.11 -33.48 64.23
C GLY G 268 6.00 -32.25 64.15
N LEU G 269 7.26 -32.48 63.81
CA LEU G 269 8.25 -31.42 63.68
C LEU G 269 8.61 -31.22 62.21
N ILE G 270 8.58 -29.98 61.75
CA ILE G 270 8.92 -29.62 60.38
C ILE G 270 10.22 -28.82 60.42
N THR G 271 11.24 -29.30 59.73
CA THR G 271 12.54 -28.68 59.68
C THR G 271 12.88 -28.23 58.27
N ASP G 272 13.63 -27.14 58.18
CA ASP G 272 14.01 -26.53 56.92
C ASP G 272 15.52 -26.50 56.77
N ILE G 273 15.97 -26.66 55.52
CA ILE G 273 17.38 -26.53 55.16
C ILE G 273 17.51 -25.28 54.30
N THR G 274 18.56 -24.51 54.52
CA THR G 274 18.85 -23.31 53.75
C THR G 274 20.23 -23.44 53.14
N PRO G 275 20.50 -22.72 52.05
CA PRO G 275 21.81 -22.80 51.41
C PRO G 275 22.92 -22.45 52.38
N PRO G 276 24.05 -23.14 52.30
CA PRO G 276 25.13 -22.95 53.26
C PRO G 276 25.85 -21.61 53.06
N ASP G 277 26.52 -21.16 54.11
CA ASP G 277 27.34 -19.96 54.02
C ASP G 277 28.80 -20.33 53.80
N LEU G 278 29.67 -19.32 53.79
CA LEU G 278 31.05 -19.52 53.34
C LEU G 278 31.81 -20.46 54.26
N GLU G 279 31.68 -20.29 55.57
CA GLU G 279 32.45 -21.10 56.51
C GLU G 279 32.10 -22.58 56.37
N THR G 280 30.82 -22.90 56.30
CA THR G 280 30.44 -24.30 56.17
C THR G 280 30.71 -24.82 54.76
N ARG G 281 30.72 -23.97 53.74
CA ARG G 281 31.15 -24.43 52.42
C ARG G 281 32.61 -24.86 52.46
N ILE G 282 33.47 -24.04 53.04
CA ILE G 282 34.87 -24.41 53.18
C ILE G 282 35.02 -25.66 54.04
N ALA G 283 34.20 -25.80 55.08
CA ALA G 283 34.29 -26.96 55.94
C ALA G 283 33.84 -28.23 55.23
N ILE G 284 32.78 -28.14 54.41
CA ILE G 284 32.33 -29.27 53.62
C ILE G 284 33.42 -29.69 52.64
N LEU G 285 34.01 -28.72 51.95
CA LEU G 285 35.08 -29.05 51.03
C LEU G 285 36.28 -29.66 51.74
N ARG G 286 36.62 -29.14 52.91
CA ARG G 286 37.70 -29.74 53.70
C ARG G 286 37.38 -31.18 54.07
N LYS G 287 36.14 -31.44 54.48
CA LYS G 287 35.76 -32.81 54.83
C LYS G 287 35.87 -33.74 53.63
N LYS G 288 35.39 -33.30 52.47
CA LYS G 288 35.48 -34.14 51.27
C LYS G 288 36.94 -34.37 50.90
N ALA G 289 37.77 -33.33 50.95
CA ALA G 289 39.17 -33.46 50.60
C ALA G 289 39.90 -34.41 51.54
N LYS G 290 39.66 -34.29 52.85
CA LYS G 290 40.29 -35.17 53.82
C LYS G 290 39.82 -36.61 53.68
N ALA G 291 38.54 -36.83 53.37
CA ALA G 291 38.06 -38.19 53.14
C ALA G 291 38.68 -38.79 51.89
N GLU G 292 38.82 -37.99 50.83
CA GLU G 292 39.38 -38.50 49.59
C GLU G 292 40.88 -38.77 49.73
N GLY G 293 41.58 -37.92 50.48
CA GLY G 293 43.01 -38.08 50.68
C GLY G 293 43.88 -37.20 49.80
N LEU G 294 43.55 -35.91 49.73
CA LEU G 294 44.33 -34.94 48.96
C LEU G 294 44.63 -33.73 49.82
N ASP G 295 45.75 -33.06 49.54
CA ASP G 295 46.14 -31.84 50.25
C ASP G 295 46.02 -30.65 49.30
N ILE G 296 45.30 -29.63 49.73
CA ILE G 296 44.93 -28.50 48.88
C ILE G 296 45.00 -27.19 49.67
N PRO G 297 45.54 -26.12 49.10
CA PRO G 297 45.74 -24.88 49.85
C PRO G 297 44.42 -24.21 50.25
N ASN G 298 44.52 -23.48 51.37
CA ASN G 298 43.37 -22.73 51.87
C ASN G 298 42.93 -21.68 50.87
N GLU G 299 43.87 -21.10 50.12
CA GLU G 299 43.50 -20.09 49.14
C GLU G 299 42.68 -20.69 48.01
N VAL G 300 43.07 -21.86 47.52
CA VAL G 300 42.28 -22.56 46.51
C VAL G 300 40.91 -22.89 47.07
N MET G 301 40.88 -23.36 48.32
CA MET G 301 39.62 -23.76 48.93
C MET G 301 38.66 -22.58 49.02
N LEU G 302 39.15 -21.45 49.52
CA LEU G 302 38.33 -20.26 49.66
C LEU G 302 37.91 -19.71 48.30
N TYR G 303 38.81 -19.80 47.31
CA TYR G 303 38.44 -19.37 45.96
C TYR G 303 37.26 -20.17 45.44
N ILE G 304 37.33 -21.49 45.54
CA ILE G 304 36.22 -22.31 45.05
C ILE G 304 34.95 -21.98 45.83
N ALA G 305 35.04 -21.93 47.16
CA ALA G 305 33.86 -21.70 47.98
C ALA G 305 33.23 -20.34 47.72
N ASN G 306 34.03 -19.34 47.37
CA ASN G 306 33.48 -18.02 47.06
C ASN G 306 32.89 -17.99 45.65
N GLN G 307 33.55 -18.65 44.71
CA GLN G 307 33.14 -18.51 43.31
C GLN G 307 31.90 -19.32 42.99
N ILE G 308 31.73 -20.49 43.58
CA ILE G 308 30.56 -21.32 43.30
C ILE G 308 29.76 -21.50 44.58
N ASP G 309 28.55 -20.93 44.61
CA ASP G 309 27.64 -21.14 45.72
C ASP G 309 26.19 -21.02 45.21
N SER G 310 25.64 -22.14 44.76
CA SER G 310 24.20 -22.29 44.59
C SER G 310 23.67 -23.47 45.38
N ASN G 311 24.29 -24.64 45.26
CA ASN G 311 24.08 -25.76 46.16
C ASN G 311 25.45 -26.39 46.42
N ILE G 312 25.44 -27.60 46.96
CA ILE G 312 26.70 -28.23 47.34
C ILE G 312 27.18 -29.29 46.35
N ARG G 313 26.26 -29.90 45.58
CA ARG G 313 26.67 -30.82 44.53
C ARG G 313 27.67 -30.17 43.60
N GLU G 314 27.38 -28.94 43.19
CA GLU G 314 28.29 -28.23 42.30
C GLU G 314 29.58 -27.87 43.02
N LEU G 315 29.55 -27.77 44.35
CA LEU G 315 30.79 -27.59 45.10
C LEU G 315 31.71 -28.80 44.95
N GLU G 316 31.18 -30.01 45.20
CA GLU G 316 32.00 -31.20 44.99
C GLU G 316 32.41 -31.33 43.53
N GLY G 317 31.51 -31.01 42.60
CA GLY G 317 31.86 -31.07 41.19
C GLY G 317 33.04 -30.19 40.84
N ALA G 318 33.02 -28.94 41.32
CA ALA G 318 34.13 -28.03 41.04
C ALA G 318 35.42 -28.52 41.67
N LEU G 319 35.35 -29.01 42.91
CA LEU G 319 36.55 -29.51 43.55
C LEU G 319 37.15 -30.68 42.78
N ILE G 320 36.32 -31.65 42.39
CA ILE G 320 36.86 -32.81 41.70
C ILE G 320 37.37 -32.42 40.32
N ARG G 321 36.71 -31.48 39.65
CA ARG G 321 37.20 -31.02 38.35
C ARG G 321 38.56 -30.37 38.48
N VAL G 322 38.75 -29.52 39.49
CA VAL G 322 40.03 -28.81 39.61
C VAL G 322 41.14 -29.79 39.99
N VAL G 323 40.86 -30.74 40.87
CA VAL G 323 41.92 -31.69 41.24
C VAL G 323 42.26 -32.60 40.05
N ALA G 324 41.26 -32.98 39.26
CA ALA G 324 41.53 -33.78 38.06
C ALA G 324 42.34 -32.99 37.03
N TYR G 325 42.02 -31.72 36.86
CA TYR G 325 42.78 -30.88 35.94
C TYR G 325 44.22 -30.75 36.38
N SER G 326 44.44 -30.57 37.69
CA SER G 326 45.80 -30.54 38.22
C SER G 326 46.52 -31.85 37.98
N SER G 327 45.82 -32.97 38.17
CA SER G 327 46.44 -34.28 37.96
C SER G 327 46.84 -34.46 36.50
N LEU G 328 45.99 -34.02 35.57
CA LEU G 328 46.35 -34.13 34.15
C LEU G 328 47.53 -33.24 33.81
N ILE G 329 47.48 -31.97 34.20
CA ILE G 329 48.59 -31.06 33.92
C ILE G 329 49.86 -31.48 34.65
N ASN G 330 49.74 -32.37 35.64
CA ASN G 330 50.88 -32.87 36.41
C ASN G 330 51.59 -31.75 37.16
N LYS G 331 50.81 -31.01 37.95
CA LYS G 331 51.36 -30.01 38.86
C LYS G 331 50.44 -29.93 40.07
N ASP G 332 50.97 -29.43 41.19
CA ASP G 332 50.18 -29.29 42.40
C ASP G 332 49.16 -28.15 42.25
N ILE G 333 48.10 -28.23 43.06
CA ILE G 333 46.99 -27.29 42.94
C ILE G 333 47.38 -25.95 43.53
N ASN G 334 47.11 -24.88 42.80
CA ASN G 334 47.29 -23.52 43.29
C ASN G 334 46.06 -22.70 42.92
N ALA G 335 46.03 -21.45 43.42
CA ALA G 335 44.89 -20.59 43.18
C ALA G 335 44.72 -20.29 41.70
N ASP G 336 45.83 -20.06 40.99
CA ASP G 336 45.76 -19.87 39.54
C ASP G 336 45.26 -21.13 38.85
N LEU G 337 45.68 -22.30 39.32
CA LEU G 337 45.19 -23.55 38.75
C LEU G 337 43.69 -23.67 38.93
N ALA G 338 43.19 -23.31 40.13
CA ALA G 338 41.75 -23.32 40.36
C ALA G 338 41.04 -22.35 39.44
N ALA G 339 41.60 -21.16 39.25
CA ALA G 339 40.96 -20.18 38.38
C ALA G 339 40.89 -20.68 36.94
N GLU G 340 41.98 -21.29 36.45
CA GLU G 340 42.00 -21.71 35.06
C GLU G 340 41.12 -22.93 34.82
N ALA G 341 41.09 -23.86 35.78
CA ALA G 341 40.23 -25.02 35.64
C ALA G 341 38.75 -24.64 35.70
N LEU G 342 38.40 -23.74 36.61
CA LEU G 342 37.01 -23.33 36.82
C LEU G 342 36.69 -22.05 36.06
N LYS G 343 36.86 -22.08 34.74
CA LYS G 343 36.56 -20.92 33.91
C LYS G 343 35.24 -21.06 33.16
N ASP G 344 34.99 -22.23 32.55
CA ASP G 344 33.75 -22.45 31.84
C ASP G 344 32.56 -22.60 32.78
N ILE G 345 32.81 -22.71 34.08
CA ILE G 345 31.72 -22.91 35.04
C ILE G 345 31.16 -21.59 35.55
N ILE G 346 32.00 -20.59 35.79
CA ILE G 346 31.56 -19.32 36.34
C ILE G 346 30.72 -18.56 35.32
N PRO G 351 24.72 -12.89 44.29
CA PRO G 351 24.10 -12.36 43.07
C PRO G 351 24.02 -10.83 43.07
N LYS G 352 23.69 -10.25 41.92
CA LYS G 352 23.57 -8.80 41.78
C LYS G 352 22.22 -8.36 42.32
N VAL G 353 22.22 -7.75 43.51
CA VAL G 353 20.98 -7.30 44.13
C VAL G 353 20.48 -6.06 43.40
N ILE G 354 19.24 -6.11 42.92
CA ILE G 354 18.67 -5.01 42.14
C ILE G 354 18.28 -3.89 43.09
N THR G 355 18.80 -2.69 42.86
CA THR G 355 18.58 -1.53 43.70
C THR G 355 18.11 -0.34 42.87
N ILE G 356 17.73 0.72 43.58
CA ILE G 356 17.17 1.91 42.95
C ILE G 356 18.18 2.56 42.02
N LYS G 357 19.44 2.68 42.45
CA LYS G 357 20.43 3.37 41.64
C LYS G 357 20.77 2.59 40.38
N GLU G 358 20.88 1.26 40.48
CA GLU G 358 21.18 0.49 39.28
C GLU G 358 20.01 0.51 38.31
N ILE G 359 18.78 0.42 38.83
CA ILE G 359 17.62 0.61 37.95
C ILE G 359 17.65 1.99 37.31
N GLN G 360 18.08 3.00 38.06
CA GLN G 360 18.12 4.37 37.57
C GLN G 360 19.07 4.51 36.39
N ARG G 361 20.30 3.97 36.52
CA ARG G 361 21.16 4.15 35.35
C ARG G 361 20.89 3.11 34.27
N VAL G 362 20.15 2.04 34.57
CA VAL G 362 19.61 1.21 33.49
C VAL G 362 18.67 2.03 32.61
N VAL G 363 17.73 2.73 33.25
CA VAL G 363 16.77 3.52 32.47
C VAL G 363 17.43 4.76 31.87
N GLY G 364 18.49 5.28 32.49
CA GLY G 364 19.23 6.40 31.94
C GLY G 364 20.29 6.03 30.92
N GLN G 365 20.56 4.74 30.74
CA GLN G 365 21.42 4.28 29.67
C GLN G 365 20.68 3.68 28.49
N GLN G 366 19.50 3.09 28.72
CA GLN G 366 18.72 2.58 27.60
C GLN G 366 18.03 3.71 26.84
N PHE G 367 17.39 4.63 27.56
CA PHE G 367 16.73 5.77 26.96
C PHE G 367 17.52 7.06 27.10
N ASN G 368 18.80 6.95 27.49
CA ASN G 368 19.77 8.05 27.58
C ASN G 368 19.14 9.37 28.06
N ILE G 369 18.52 9.29 29.23
CA ILE G 369 17.95 10.46 29.91
C ILE G 369 18.95 10.94 30.96
N LYS G 370 19.03 12.27 31.11
CA LYS G 370 19.97 12.86 32.05
C LYS G 370 19.65 12.45 33.48
N LEU G 371 20.69 12.44 34.32
CA LEU G 371 20.54 11.98 35.70
C LEU G 371 19.61 12.89 36.49
N GLU G 372 19.78 14.20 36.37
CA GLU G 372 19.01 15.16 37.14
C GLU G 372 17.69 15.53 36.49
N ASP G 373 17.42 15.05 35.27
CA ASP G 373 16.14 15.31 34.64
C ASP G 373 15.01 14.58 35.35
N PHE G 374 15.30 13.41 35.94
CA PHE G 374 14.28 12.69 36.69
C PHE G 374 13.83 13.48 37.91
N LYS G 375 14.76 14.14 38.59
CA LYS G 375 14.44 14.94 39.76
C LYS G 375 13.76 16.26 39.41
N ALA G 376 13.72 16.62 38.13
CA ALA G 376 13.09 17.88 37.73
C ALA G 376 11.57 17.78 37.88
N LYS G 377 10.95 18.95 38.09
CA LYS G 377 9.51 19.05 38.27
C LYS G 377 8.77 19.27 36.95
N LYS G 378 9.38 18.88 35.83
CA LYS G 378 8.75 19.10 34.53
C LYS G 378 7.58 18.14 34.34
N ARG G 379 6.48 18.67 33.82
CA ARG G 379 5.27 17.89 33.58
C ARG G 379 5.09 17.51 32.11
N THR G 380 6.08 17.78 31.26
CA THR G 380 5.98 17.39 29.86
C THR G 380 6.03 15.88 29.73
N LYS G 381 5.49 15.38 28.62
CA LYS G 381 5.44 13.94 28.41
C LYS G 381 6.84 13.34 28.25
N SER G 382 7.68 13.98 27.43
CA SER G 382 9.00 13.42 27.12
C SER G 382 9.91 13.41 28.34
N VAL G 383 9.56 14.13 29.40
CA VAL G 383 10.32 14.12 30.65
C VAL G 383 9.67 13.21 31.69
N ALA G 384 8.34 13.24 31.77
CA ALA G 384 7.65 12.48 32.80
C ALA G 384 7.65 10.99 32.49
N PHE G 385 7.56 10.62 31.21
CA PHE G 385 7.51 9.20 30.85
C PHE G 385 8.74 8.42 31.32
N PRO G 386 9.99 8.88 31.08
CA PRO G 386 11.13 8.13 31.64
C PRO G 386 11.09 8.03 33.15
N ARG G 387 10.70 9.11 33.85
CA ARG G 387 10.65 9.08 35.30
C ARG G 387 9.64 8.06 35.79
N GLN G 388 8.45 8.04 35.19
CA GLN G 388 7.40 7.14 35.65
C GLN G 388 7.69 5.69 35.29
N ILE G 389 8.28 5.42 34.13
CA ILE G 389 8.64 4.03 33.82
C ILE G 389 9.77 3.57 34.74
N ALA G 390 10.72 4.46 35.05
CA ALA G 390 11.80 4.10 35.97
C ALA G 390 11.25 3.81 37.36
N MET G 391 10.30 4.62 37.82
CA MET G 391 9.73 4.41 39.15
C MET G 391 8.87 3.15 39.19
N TYR G 392 8.19 2.81 38.09
CA TYR G 392 7.47 1.55 38.03
C TYR G 392 8.43 0.37 38.10
N LEU G 393 9.55 0.46 37.38
CA LEU G 393 10.55 -0.59 37.44
C LEU G 393 11.11 -0.72 38.86
N SER G 394 11.38 0.40 39.51
CA SER G 394 11.87 0.36 40.89
C SER G 394 10.86 -0.27 41.82
N ARG G 395 9.58 0.11 41.68
CA ARG G 395 8.54 -0.43 42.54
C ARG G 395 8.39 -1.93 42.36
N GLU G 396 8.46 -2.42 41.12
CA GLU G 396 8.23 -3.83 40.84
C GLU G 396 9.50 -4.68 40.88
N MET G 397 10.68 -4.07 41.10
CA MET G 397 11.88 -4.89 41.24
C MET G 397 12.78 -4.41 42.38
N THR G 398 12.22 -3.72 43.37
CA THR G 398 12.98 -3.37 44.57
C THR G 398 12.13 -3.65 45.80
N ASP G 399 12.81 -3.86 46.92
CA ASP G 399 12.15 -4.05 48.21
C ASP G 399 12.03 -2.76 49.02
N SER G 400 12.41 -1.62 48.44
CA SER G 400 12.31 -0.35 49.14
C SER G 400 10.85 0.07 49.29
N SER G 401 10.58 0.79 50.37
CA SER G 401 9.22 1.25 50.65
C SER G 401 8.81 2.36 49.69
N LEU G 402 7.49 2.48 49.49
CA LEU G 402 6.96 3.47 48.56
C LEU G 402 7.28 4.90 48.96
N PRO G 403 7.09 5.34 50.21
CA PRO G 403 7.52 6.70 50.56
C PRO G 403 9.01 6.92 50.35
N LYS G 404 9.83 5.91 50.63
CA LYS G 404 11.27 6.02 50.41
C LYS G 404 11.58 6.23 48.93
N ILE G 405 10.94 5.44 48.07
CA ILE G 405 11.18 5.55 46.62
C ILE G 405 10.72 6.92 46.12
N GLY G 406 9.57 7.38 46.59
CA GLY G 406 9.16 8.74 46.29
C GLY G 406 10.14 9.77 46.76
N GLU G 407 10.78 9.52 47.91
CA GLU G 407 11.77 10.47 48.45
C GLU G 407 12.98 10.57 47.54
N GLU G 408 13.55 9.43 47.13
CA GLU G 408 14.71 9.51 46.21
C GLU G 408 14.30 10.10 44.86
N PHE G 409 13.12 9.72 44.36
CA PHE G 409 12.67 10.20 43.04
C PHE G 409 12.04 11.58 43.18
N GLY G 410 12.91 12.56 43.48
CA GLY G 410 12.50 13.94 43.56
C GLY G 410 11.74 14.34 44.80
N GLY G 411 11.66 13.46 45.80
CA GLY G 411 10.89 13.77 47.00
C GLY G 411 9.42 13.94 46.73
N ARG G 412 8.88 13.19 45.78
CA ARG G 412 7.49 13.33 45.36
C ARG G 412 6.57 12.57 46.31
N ASP G 413 5.29 12.90 46.26
CA ASP G 413 4.30 12.24 47.09
C ASP G 413 3.99 10.85 46.54
N HIS G 414 3.57 9.96 47.44
CA HIS G 414 3.29 8.58 47.05
C HIS G 414 2.04 8.48 46.17
N THR G 415 1.13 9.46 46.26
CA THR G 415 -0.10 9.40 45.48
C THR G 415 0.19 9.51 43.98
N THR G 416 1.11 10.41 43.61
CA THR G 416 1.49 10.53 42.21
C THR G 416 2.10 9.24 41.69
N VAL G 417 2.96 8.62 42.49
CA VAL G 417 3.56 7.35 42.11
C VAL G 417 2.47 6.29 41.92
N ILE G 418 1.52 6.23 42.86
CA ILE G 418 0.46 5.23 42.79
C ILE G 418 -0.34 5.41 41.50
N HIS G 419 -0.80 6.64 41.24
CA HIS G 419 -1.65 6.87 40.08
C HIS G 419 -0.91 6.61 38.78
N ALA G 420 0.33 7.11 38.67
CA ALA G 420 1.05 6.96 37.42
C ALA G 420 1.46 5.51 37.17
N HIS G 421 1.81 4.75 38.22
CA HIS G 421 2.15 3.35 37.97
C HIS G 421 0.89 2.52 37.70
N GLU G 422 -0.25 2.92 38.27
CA GLU G 422 -1.51 2.26 37.90
C GLU G 422 -1.82 2.48 36.43
N LYS G 423 -1.65 3.70 35.93
CA LYS G 423 -1.94 3.93 34.52
C LYS G 423 -0.85 3.33 33.62
N ILE G 424 0.37 3.17 34.15
CA ILE G 424 1.40 2.40 33.45
C ILE G 424 0.96 0.96 33.29
N SER G 425 0.41 0.37 34.35
CA SER G 425 -0.14 -0.98 34.25
C SER G 425 -1.28 -1.02 33.23
N LYS G 426 -2.13 0.01 33.23
CA LYS G 426 -3.23 0.07 32.26
C LYS G 426 -2.71 0.08 30.83
N LEU G 427 -1.68 0.88 30.55
CA LEU G 427 -1.16 0.98 29.19
C LEU G 427 -0.33 -0.24 28.79
N LEU G 428 0.30 -0.93 29.74
CA LEU G 428 1.01 -2.15 29.41
C LEU G 428 0.07 -3.35 29.30
N ALA G 429 -1.16 -3.23 29.77
CA ALA G 429 -2.13 -4.31 29.63
C ALA G 429 -2.60 -4.51 28.19
N ASP G 430 -2.42 -3.53 27.32
CA ASP G 430 -2.90 -3.62 25.94
C ASP G 430 -1.88 -3.26 24.87
N ASP G 431 -0.85 -2.48 25.19
CA ASP G 431 0.12 -2.03 24.20
C ASP G 431 1.33 -2.96 24.22
N GLU G 432 1.84 -3.29 23.03
CA GLU G 432 2.85 -4.34 22.91
C GLU G 432 4.25 -3.83 22.60
N GLN G 433 4.40 -2.70 21.89
CA GLN G 433 5.75 -2.19 21.63
C GLN G 433 6.44 -1.80 22.93
N LEU G 434 5.73 -1.12 23.82
CA LEU G 434 6.28 -0.88 25.15
C LEU G 434 6.41 -2.16 25.95
N GLN G 435 5.65 -3.21 25.60
CA GLN G 435 5.86 -4.51 26.25
C GLN G 435 7.23 -5.08 25.91
N GLN G 436 7.60 -5.07 24.63
CA GLN G 436 8.95 -5.55 24.32
C GLN G 436 10.00 -4.59 24.85
N HIS G 437 9.70 -3.29 24.89
CA HIS G 437 10.65 -2.34 25.47
C HIS G 437 10.92 -2.65 26.94
N VAL G 438 9.86 -2.92 27.71
CA VAL G 438 10.03 -3.18 29.14
C VAL G 438 10.64 -4.56 29.38
N LYS G 439 10.34 -5.54 28.51
CA LYS G 439 11.01 -6.83 28.68
C LYS G 439 12.50 -6.71 28.36
N GLU G 440 12.86 -5.87 27.38
CA GLU G 440 14.27 -5.58 27.15
C GLU G 440 14.90 -4.87 28.35
N ILE G 441 14.16 -3.94 28.95
CA ILE G 441 14.65 -3.25 30.14
C ILE G 441 14.98 -4.27 31.22
N LYS G 442 14.05 -5.20 31.48
CA LYS G 442 14.28 -6.18 32.53
C LYS G 442 15.31 -7.23 32.12
N GLU G 443 15.54 -7.42 30.81
CA GLU G 443 16.57 -8.37 30.39
C GLU G 443 17.97 -7.81 30.53
N GLN G 444 18.19 -6.55 30.12
CA GLN G 444 19.52 -5.96 30.27
C GLN G 444 19.72 -5.18 31.56
N LEU G 445 18.75 -5.14 32.47
CA LEU G 445 19.06 -4.62 33.80
C LEU G 445 19.66 -5.70 34.70
N LYS G 446 19.41 -6.97 34.40
CA LYS G 446 19.93 -8.06 35.22
C LYS G 446 21.25 -8.58 34.66
MG MG J . -4.47 45.74 10.75
PG ATP K . -2.91 46.41 12.73
O1G ATP K . -2.84 47.31 11.51
O2G ATP K . -4.28 45.85 13.02
O3G ATP K . -1.79 45.42 12.83
PB ATP K . -3.62 48.68 14.20
O1B ATP K . -2.89 49.93 13.75
O2B ATP K . -4.98 48.36 13.63
O3B ATP K . -2.65 47.42 13.96
PA ATP K . -3.50 50.10 16.61
O1A ATP K . -4.73 50.97 16.44
O2A ATP K . -2.14 50.64 16.21
O3A ATP K . -3.74 48.72 15.81
O5' ATP K . -3.41 49.62 18.14
C5' ATP K . -2.17 49.25 18.71
C4' ATP K . -1.61 50.40 19.56
O4' ATP K . -1.98 51.66 19.00
C3' ATP K . -2.14 50.34 20.98
O3' ATP K . -1.10 49.96 21.88
C2' ATP K . -2.69 51.73 21.27
O2' ATP K . -2.02 52.38 22.36
C1' ATP K . -2.51 52.54 20.00
N9 ATP K . -3.81 53.09 19.55
C8 ATP K . -4.39 52.90 18.36
N7 ATP K . -5.58 53.55 18.27
C5 ATP K . -5.78 54.17 19.46
C6 ATP K . -6.84 55.02 20.04
N6 ATP K . -7.95 55.36 19.34
N1 ATP K . -6.66 55.46 21.31
C2 ATP K . -5.57 55.14 22.02
N3 ATP K . -4.57 54.37 21.55
C4 ATP K . -4.62 53.87 20.30
MG MG L . -27.02 26.09 -0.38
PG ATP M . -26.46 28.86 2.42
O1G ATP M . -27.10 27.95 1.41
O2G ATP M . -25.98 28.17 3.68
O3G ATP M . -25.48 29.85 1.85
PB ATP M . -28.51 30.69 1.90
O1B ATP M . -27.54 31.55 1.13
O2B ATP M . -29.47 29.80 1.15
O3B ATP M . -27.68 29.78 2.93
PA ATP M . -29.84 31.13 4.32
O1A ATP M . -28.80 31.54 5.33
O2A ATP M . -30.23 29.68 4.18
O3A ATP M . -29.36 31.65 2.87
O5' ATP M . -31.18 31.99 4.59
C5' ATP M . -31.10 33.37 4.90
C4' ATP M . -31.17 33.60 6.40
O4' ATP M . -32.30 34.42 6.72
C3' ATP M . -31.30 32.30 7.20
O3' ATP M . -30.15 32.13 8.03
C2' ATP M . -32.59 32.43 7.99
O2' ATP M . -32.39 32.25 9.41
C1' ATP M . -33.12 33.82 7.73
N9 ATP M . -34.54 33.75 7.26
C8 ATP M . -35.62 34.03 8.00
N7 ATP M . -36.76 33.86 7.28
C5 ATP M . -36.40 33.47 6.04
C6 ATP M . -37.11 33.11 4.80
N6 ATP M . -38.46 33.16 4.72
N1 ATP M . -36.36 32.76 3.72
C2 ATP M . -35.02 32.72 3.79
N3 ATP M . -34.32 33.02 4.89
C4 ATP M . -34.93 33.40 6.04
MG MG N . -26.50 1.32 -16.86
PG ATP O . -28.73 2.49 -15.74
O1G ATP O . -27.67 3.49 -16.03
O2G ATP O . -28.29 1.04 -16.00
O3G ATP O . -29.31 2.57 -14.33
PB ATP O . -30.55 3.72 -17.78
O1B ATP O . -30.19 5.10 -17.42
O2B ATP O . -30.09 3.25 -19.15
O3B ATP O . -30.00 2.69 -16.70
PA ATP O . -33.19 3.20 -16.58
O1A ATP O . -32.57 3.06 -15.26
O2A ATP O . -34.06 2.03 -17.04
O3A ATP O . -32.12 3.47 -17.71
O5' ATP O . -34.11 4.48 -16.60
C5' ATP O . -35.00 4.77 -15.50
C4' ATP O . -36.39 4.97 -16.03
O4' ATP O . -36.40 4.78 -17.45
C3' ATP O . -37.47 4.03 -15.52
O3' ATP O . -38.17 4.61 -14.42
C2' ATP O . -38.40 3.83 -16.73
O2' ATP O . -39.71 4.27 -16.44
C1' ATP O . -37.76 4.72 -17.79
N9 ATP O . -37.89 4.26 -19.18
C8 ATP O . -36.90 4.09 -20.11
N7 ATP O . -37.30 3.59 -21.25
C5 ATP O . -38.65 3.36 -21.04
C6 ATP O . -39.67 2.85 -21.86
N6 ATP O . -39.47 2.43 -23.12
N1 ATP O . -40.91 2.75 -21.35
C2 ATP O . -41.12 3.17 -20.09
N3 ATP O . -40.25 3.68 -19.23
C4 ATP O . -39.03 3.75 -19.76
MG MG P . -7.41 -22.23 -21.97
PG ATP Q . -9.67 -21.64 -23.14
O1G ATP Q . -9.43 -22.89 -22.37
O2G ATP Q . -10.87 -20.83 -22.63
O3G ATP Q . -8.44 -20.75 -23.22
PB ATP Q . -10.16 -21.24 -26.05
O1B ATP Q . -10.58 -19.85 -25.88
O2B ATP Q . -8.85 -21.45 -26.79
O3B ATP Q . -10.03 -21.97 -24.66
PA ATP Q . -12.83 -22.36 -26.66
O1A ATP Q . -13.36 -21.87 -25.38
O2A ATP Q . -13.10 -23.83 -26.93
O3A ATP Q . -11.26 -22.13 -26.77
O5' ATP Q . -13.38 -21.52 -27.88
C5' ATP Q . -14.68 -20.89 -27.83
C4' ATP Q . -15.59 -21.54 -28.84
O4' ATP Q . -14.83 -21.87 -30.02
C3' ATP Q . -16.25 -22.84 -28.36
O3' ATP Q . -17.66 -22.71 -28.33
C2' ATP Q . -15.81 -23.89 -29.38
O2' ATP Q . -16.90 -24.73 -29.74
C1' ATP Q . -15.38 -23.04 -30.57
N9 ATP Q . -14.38 -23.65 -31.43
C8 ATP Q . -13.03 -23.44 -31.41
N7 ATP Q . -12.37 -24.11 -32.31
C5 ATP Q . -13.36 -24.82 -32.97
C6 ATP Q . -13.31 -25.74 -34.05
N6 ATP Q . -12.18 -26.10 -34.66
N1 ATP Q . -14.47 -26.26 -34.48
C2 ATP Q . -15.60 -25.89 -33.87
N3 ATP Q . -15.77 -25.04 -32.86
C4 ATP Q . -14.60 -24.54 -32.45
MG MG R . 11.84 -36.84 -12.53
PG ATP S . 14.57 -34.97 -10.06
O1G ATP S . 15.46 -35.41 -8.95
O2G ATP S . 13.75 -36.10 -10.66
O3G ATP S . 13.63 -33.83 -9.68
PB ATP S . 16.66 -34.82 -12.20
O1B ATP S . 17.52 -33.67 -12.54
O2B ATP S . 17.39 -35.95 -11.49
O3B ATP S . 15.44 -34.40 -11.29
PA ATP S . 15.64 -36.90 -14.05
O1A ATP S . 14.52 -37.55 -13.35
O2A ATP S . 16.94 -37.67 -13.99
O3A ATP S . 15.94 -35.44 -13.47
O5' ATP S . 15.29 -36.65 -15.57
C5' ATP S . 16.30 -36.28 -16.52
C4' ATP S . 16.19 -37.19 -17.72
O4' ATP S . 17.50 -37.47 -18.24
C3' ATP S . 15.52 -38.54 -17.45
O3' ATP S . 14.28 -38.63 -18.12
C2' ATP S . 16.53 -39.58 -17.96
O2' ATP S . 15.86 -40.58 -18.72
C1' ATP S . 17.41 -38.72 -18.88
N9 ATP S . 18.76 -39.24 -19.11
C8 ATP S . 19.10 -40.32 -19.89
N7 ATP S . 20.38 -40.56 -19.95
C5 ATP S . 20.94 -39.57 -19.17
C6 ATP S . 22.27 -39.26 -18.82
N6 ATP S . 23.33 -39.96 -19.25
N1 ATP S . 22.48 -38.20 -18.02
C2 ATP S . 21.43 -37.50 -17.59
N3 ATP S . 20.13 -37.69 -17.85
C4 ATP S . 19.95 -38.75 -18.64
MG MG T . 27.07 -39.29 15.53
PG ATP U . 27.33 -37.12 18.29
O1G ATP U . 27.49 -38.05 17.15
O2G ATP U . 26.25 -36.06 18.08
O3G ATP U . 27.08 -37.83 19.61
PB ATP U . 29.72 -35.44 17.74
O1B ATP U . 29.09 -34.33 17.00
O2B ATP U . 30.84 -35.05 18.71
O3B ATP U . 28.66 -36.28 18.54
PA ATP U . 30.87 -37.99 16.91
O1A ATP U . 30.04 -39.01 16.26
O2A ATP U . 31.18 -38.20 18.39
O3A ATP U . 30.33 -36.54 16.77
O5' ATP U . 32.25 -37.89 16.17
C5' ATP U . 33.03 -39.07 15.90
C4' ATP U . 33.96 -38.68 14.78
O4' ATP U . 35.22 -38.26 15.32
C3' ATP U . 34.29 -39.81 13.79
O3' ATP U . 33.47 -39.72 12.64
C2' ATP U . 35.76 -39.56 13.45
O2' ATP U . 35.92 -39.36 12.05
C1' ATP U . 36.11 -38.29 14.23
N9 ATP U . 37.48 -38.30 14.73
C8 ATP U . 38.46 -39.14 14.27
N7 ATP U . 39.61 -39.01 14.87
C5 ATP U . 39.38 -38.02 15.81
C6 ATP U . 40.22 -37.40 16.75
N6 ATP U . 41.50 -37.73 16.95
N1 ATP U . 39.67 -36.46 17.56
C2 ATP U . 38.39 -36.15 17.39
N3 ATP U . 37.50 -36.64 16.52
C4 ATP U . 38.07 -37.59 15.76
MG MG V . 21.00 -37.75 46.07
PG ATP W . 17.68 -35.65 47.36
O1G ATP W . 16.70 -35.83 48.46
O2G ATP W . 18.76 -36.74 47.34
O3G ATP W . 17.04 -35.58 45.98
PB ATP W . 19.32 -33.47 48.60
O1B ATP W . 19.11 -32.02 48.50
O2B ATP W . 18.99 -34.08 49.95
O3B ATP W . 18.49 -34.28 47.51
PA ATP W . 21.91 -34.88 48.84
O1A ATP W . 21.66 -36.29 48.47
O2A ATP W . 21.98 -34.63 50.33
O3A ATP W . 20.82 -33.89 48.25
O5' ATP W . 23.27 -34.37 48.20
C5' ATP W . 23.88 -33.14 48.65
C4' ATP W . 25.33 -33.40 48.94
O4' ATP W . 25.75 -32.60 50.07
C3' ATP W . 25.67 -34.85 49.30
O3' ATP W . 26.49 -35.44 48.30
C2' ATP W . 26.39 -34.76 50.65
O2' ATP W . 27.55 -35.58 50.66
C1' ATP W . 26.80 -33.28 50.69
N9 ATP W . 27.02 -32.72 52.03
C8 ATP W . 28.09 -32.99 52.85
N7 ATP W . 28.07 -32.34 53.98
C5 ATP W . 26.91 -31.59 53.90
C6 ATP W . 26.30 -30.68 54.79
N6 ATP W . 26.81 -30.35 55.99
N1 ATP W . 25.14 -30.10 54.41
C2 ATP W . 24.64 -30.42 53.22
N3 ATP W . 25.11 -31.26 52.29
C4 ATP W . 26.25 -31.82 52.70
#